data_5CJH
#
_entry.id   5CJH
#
_cell.length_a   103.530
_cell.length_b   109.540
_cell.length_c   132.150
_cell.angle_alpha   90.00
_cell.angle_beta   90.00
_cell.angle_gamma   90.00
#
_symmetry.space_group_name_H-M   'P 21 21 21'
#
loop_
_entity.id
_entity.type
_entity.pdbx_description
1 polymer 'Catalase-peroxidase 2'
2 non-polymer 'Peroxidized Heme'
3 non-polymer 'HYDROXIDE ION'
4 water water
#
_entity_poly.entity_id   1
_entity_poly.type   'polypeptide(L)'
_entity_poly.pdbx_seq_one_letter_code
;MQGCPFAKRDGTVDSSLPQKRADAPETTTFGRCAVKSNQAGGGTRSHDWWPCQLRLDVLRQFQPSQNPLGGDFDYAEAFQ
SLDYEAVKKDIAALMTESQDWWPADFGNYGGLFVRMAWHSAGTYRAMDGRGGGGMGQQRFAPLNSWPDNQNLDKARRLIW
PIKQKYGNKISWADLMLLTGNVALENMGFKTLGFGGGRADTWQSDEAVYWGAETTFVPQGNDVRYNNSVDINARADKLEK
PLAATHMGLIYVNPEGPNGTPDPAASAKDIREAFGRMGMNDTETVALIAGGHAFGKTHGAVKGSNIGPAPEAADLGMQGL
GWHNSVGDGNGPNQMTSGLEVIWTKTPTKWSNGYLESLINNNWTLVESPAGAHQWEAVNGTVDYPDPFDKTKFRKATMLT
SDLALINDPEYLKISQRWLEHPEELADAFAKAWFKLLHRDLGPTTRYLGPEVPKESFIWQDPLPAREGDLIDDADVDKLK
AAILSTDGLDVSKLASTAMACATTYRNSDKRGGCNGARIALEPQRNWVSNNPTQLSAVLDALKKVQSDFNGSNGNKKVSL
ADLIVLGGTAAVEKAAKDAGVDIKVPFSAGRVDATQEQTDVTQFSYLEPQADGFRNYGRGTARARTEEIMVDKASQLTLT
PPELTVLVGGMRALGANYDGSDVGVFTANKGKLTPDFFVNLVDMNIAWTASGADGESWVGTDRKSRSEKYKGSRADLVFG
SHAELRAIAEVYAENGNQEKFVKDFVAAWTKVMNLDRFDLKVKK
;
_entity_poly.pdbx_strand_id   A,B
#
# COMPACT_ATOMS: atom_id res chain seq x y z
N THR A 29 -0.73 16.82 18.24
CA THR A 29 -1.77 15.77 18.42
C THR A 29 -2.39 15.35 17.08
N PHE A 30 -2.44 16.27 16.11
CA PHE A 30 -3.10 15.95 14.83
C PHE A 30 -2.47 14.77 14.12
N GLY A 31 -3.31 13.82 13.69
CA GLY A 31 -2.86 12.64 12.95
C GLY A 31 -2.21 11.57 13.79
N ARG A 32 -2.35 11.70 15.11
CA ARG A 32 -1.79 10.74 16.07
C ARG A 32 -2.89 10.22 16.97
N CYS A 33 -2.93 8.90 17.13
CA CYS A 33 -3.90 8.26 18.02
C CYS A 33 -3.37 8.37 19.45
N ALA A 34 -4.26 8.58 20.41
CA ALA A 34 -3.86 8.73 21.81
C ALA A 34 -3.24 7.42 22.33
N VAL A 35 -3.89 6.30 21.98
CA VAL A 35 -3.32 4.97 22.20
C VAL A 35 -2.42 4.64 21.02
N LYS A 36 -1.17 4.26 21.31
CA LYS A 36 -0.22 3.92 20.25
C LYS A 36 -0.19 2.40 20.09
N SER A 37 -0.84 1.91 19.03
CA SER A 37 -0.90 0.46 18.78
C SER A 37 0.50 -0.10 18.51
N ASN A 38 0.70 -1.34 18.95
CA ASN A 38 1.91 -2.07 18.63
C ASN A 38 1.64 -3.28 17.70
N GLN A 39 0.52 -3.24 16.99
CA GLN A 39 0.16 -4.28 16.03
C GLN A 39 -0.33 -3.69 14.70
N ALA A 40 -0.29 -4.53 13.66
CA ALA A 40 -0.90 -4.22 12.38
C ALA A 40 -0.39 -2.91 11.75
N GLY A 41 0.90 -2.65 11.89
CA GLY A 41 1.50 -1.42 11.40
C GLY A 41 1.67 -0.33 12.45
N GLY A 42 1.14 -0.54 13.64
CA GLY A 42 1.45 0.34 14.78
C GLY A 42 2.95 0.48 14.99
N GLY A 43 3.35 1.62 15.52
CA GLY A 43 4.74 1.98 15.72
C GLY A 43 5.15 3.13 14.82
N THR A 44 6.22 3.81 15.17
CA THR A 44 6.76 4.86 14.31
C THR A 44 7.22 4.23 12.98
N ARG A 45 6.90 4.92 11.89
CA ARG A 45 7.08 4.41 10.52
C ARG A 45 8.10 5.23 9.75
N SER A 46 8.58 4.69 8.61
CA SER A 46 9.58 5.42 7.82
C SER A 46 9.11 6.82 7.44
N HIS A 47 7.84 6.95 7.06
CA HIS A 47 7.29 8.24 6.62
CA HIS A 47 7.27 8.22 6.62
C HIS A 47 7.25 9.22 7.78
N ASP A 48 7.20 8.71 9.01
CA ASP A 48 7.30 9.60 10.18
C ASP A 48 8.70 10.17 10.31
N TRP A 49 9.74 9.34 10.13
CA TRP A 49 11.11 9.82 10.26
C TRP A 49 11.49 10.76 9.13
N TRP A 50 11.08 10.44 7.90
CA TRP A 50 11.51 11.19 6.71
C TRP A 50 10.26 11.54 5.87
N PRO A 51 9.44 12.47 6.38
CA PRO A 51 8.16 12.75 5.73
C PRO A 51 8.26 13.48 4.38
N CYS A 52 9.41 14.04 4.04
CA CYS A 52 9.62 14.70 2.75
C CYS A 52 10.08 13.73 1.66
N GLN A 53 10.47 12.51 2.03
CA GLN A 53 10.91 11.51 1.05
C GLN A 53 9.76 11.16 0.09
N LEU A 54 10.10 10.97 -1.19
CA LEU A 54 9.16 10.49 -2.18
C LEU A 54 8.59 9.15 -1.74
N ARG A 55 7.27 9.01 -1.86
CA ARG A 55 6.56 7.79 -1.53
C ARG A 55 5.97 7.17 -2.79
N LEU A 56 6.07 5.85 -2.92
CA LEU A 56 5.52 5.13 -4.05
C LEU A 56 4.12 4.52 -3.80
N ASP A 57 3.52 4.86 -2.66
CA ASP A 57 2.19 4.36 -2.27
C ASP A 57 1.19 4.42 -3.42
N VAL A 58 1.14 5.56 -4.10
CA VAL A 58 0.11 5.73 -5.13
C VAL A 58 0.30 4.80 -6.34
N LEU A 59 1.46 4.15 -6.45
CA LEU A 59 1.68 3.16 -7.50
C LEU A 59 1.36 1.74 -7.04
N ARG A 60 0.91 1.59 -5.78
CA ARG A 60 0.63 0.27 -5.23
C ARG A 60 -0.84 0.11 -4.82
N GLN A 61 -1.70 1.05 -5.25
CA GLN A 61 -3.14 0.95 -5.04
C GLN A 61 -3.84 0.18 -6.13
N PHE A 62 -5.02 -0.32 -5.80
CA PHE A 62 -5.91 -0.93 -6.77
C PHE A 62 -5.31 -2.17 -7.45
N GLN A 63 -4.49 -2.91 -6.73
CA GLN A 63 -3.84 -4.07 -7.30
C GLN A 63 -4.84 -5.22 -7.38
N PRO A 64 -4.74 -6.07 -8.42
CA PRO A 64 -5.75 -7.12 -8.63
C PRO A 64 -5.97 -8.04 -7.43
N SER A 65 -4.93 -8.34 -6.66
CA SER A 65 -4.99 -9.25 -5.50
C SER A 65 -5.90 -8.72 -4.39
N GLN A 66 -6.16 -7.42 -4.41
CA GLN A 66 -6.93 -6.78 -3.39
C GLN A 66 -8.39 -6.71 -3.80
N ASN A 67 -8.66 -7.11 -5.04
CA ASN A 67 -9.99 -7.02 -5.56
C ASN A 67 -10.74 -8.34 -5.30
N PRO A 68 -11.76 -8.31 -4.42
CA PRO A 68 -12.42 -9.55 -4.02
C PRO A 68 -13.09 -10.28 -5.16
N LEU A 69 -13.35 -9.57 -6.27
CA LEU A 69 -13.98 -10.16 -7.42
C LEU A 69 -12.99 -10.86 -8.33
N GLY A 70 -11.70 -10.59 -8.15
CA GLY A 70 -10.63 -11.19 -8.95
C GLY A 70 -10.19 -10.27 -10.07
N GLY A 71 -8.94 -10.43 -10.50
CA GLY A 71 -8.38 -9.60 -11.58
C GLY A 71 -9.04 -9.81 -12.92
N ASP A 72 -9.58 -11.01 -13.16
CA ASP A 72 -10.20 -11.33 -14.44
C ASP A 72 -11.72 -11.09 -14.45
N PHE A 73 -12.24 -10.39 -13.44
CA PHE A 73 -13.65 -10.01 -13.45
C PHE A 73 -13.84 -8.91 -14.47
N ASP A 74 -14.83 -9.08 -15.32
CA ASP A 74 -15.14 -8.12 -16.38
C ASP A 74 -16.50 -7.50 -16.05
N TYR A 75 -16.49 -6.32 -15.45
CA TYR A 75 -17.73 -5.67 -15.01
C TYR A 75 -18.67 -5.38 -16.18
N ALA A 76 -18.11 -4.94 -17.30
CA ALA A 76 -18.95 -4.69 -18.49
C ALA A 76 -19.75 -5.93 -18.88
N GLU A 77 -19.10 -7.09 -18.92
CA GLU A 77 -19.80 -8.33 -19.22
C GLU A 77 -20.89 -8.64 -18.17
N ALA A 78 -20.59 -8.38 -16.89
CA ALA A 78 -21.58 -8.61 -15.83
C ALA A 78 -22.79 -7.69 -15.99
N PHE A 79 -22.53 -6.43 -16.31
CA PHE A 79 -23.60 -5.43 -16.42
C PHE A 79 -24.49 -5.75 -17.61
N GLN A 80 -23.91 -6.33 -18.66
CA GLN A 80 -24.67 -6.72 -19.86
C GLN A 80 -25.78 -7.71 -19.57
N SER A 81 -25.58 -8.57 -18.58
CA SER A 81 -26.57 -9.58 -18.17
C SER A 81 -27.53 -9.07 -17.08
N LEU A 82 -27.33 -7.84 -16.61
CA LEU A 82 -28.18 -7.23 -15.59
C LEU A 82 -29.60 -7.00 -16.10
N ASP A 83 -30.60 -7.28 -15.27
CA ASP A 83 -31.99 -6.94 -15.58
C ASP A 83 -32.23 -5.48 -15.20
N TYR A 84 -31.76 -4.61 -16.08
CA TYR A 84 -31.71 -3.16 -15.83
C TYR A 84 -33.07 -2.55 -15.47
N GLU A 85 -34.09 -2.92 -16.23
CA GLU A 85 -35.42 -2.39 -15.96
C GLU A 85 -35.97 -2.83 -14.59
N ALA A 86 -35.65 -4.06 -14.21
CA ALA A 86 -36.01 -4.56 -12.88
C ALA A 86 -35.28 -3.81 -11.78
N VAL A 87 -34.00 -3.50 -11.98
CA VAL A 87 -33.30 -2.68 -10.98
C VAL A 87 -34.00 -1.34 -10.78
N LYS A 88 -34.37 -0.67 -11.87
CA LYS A 88 -34.99 0.64 -11.73
C LYS A 88 -36.37 0.53 -11.07
N LYS A 89 -37.11 -0.52 -11.39
CA LYS A 89 -38.42 -0.76 -10.75
C LYS A 89 -38.24 -0.92 -9.22
N ASP A 90 -37.20 -1.65 -8.81
CA ASP A 90 -36.92 -1.89 -7.39
C ASP A 90 -36.46 -0.63 -6.67
N ILE A 91 -35.64 0.19 -7.34
CA ILE A 91 -35.26 1.45 -6.76
C ILE A 91 -36.50 2.32 -6.54
N ALA A 92 -37.35 2.37 -7.56
CA ALA A 92 -38.57 3.17 -7.48
C ALA A 92 -39.44 2.73 -6.31
N ALA A 93 -39.58 1.42 -6.11
CA ALA A 93 -40.35 0.88 -4.98
C ALA A 93 -39.74 1.27 -3.64
N LEU A 94 -38.41 1.21 -3.56
CA LEU A 94 -37.70 1.56 -2.34
C LEU A 94 -37.92 3.00 -1.88
N MET A 95 -38.09 3.92 -2.82
CA MET A 95 -38.21 5.33 -2.51
C MET A 95 -39.32 5.63 -1.52
N THR A 96 -40.41 4.87 -1.59
CA THR A 96 -41.53 5.07 -0.71
C THR A 96 -41.75 3.95 0.32
N GLU A 97 -40.77 3.04 0.46
CA GLU A 97 -40.79 2.03 1.53
C GLU A 97 -39.96 2.53 2.71
N SER A 98 -40.58 3.28 3.60
CA SER A 98 -39.90 3.94 4.72
C SER A 98 -39.42 2.92 5.74
N GLN A 99 -38.14 3.02 6.15
CA GLN A 99 -37.57 2.11 7.14
C GLN A 99 -37.54 2.80 8.48
N ASP A 100 -37.93 2.09 9.53
CA ASP A 100 -38.13 2.70 10.84
CA ASP A 100 -38.12 2.67 10.87
C ASP A 100 -36.84 3.27 11.45
N TRP A 101 -35.69 2.68 11.12
CA TRP A 101 -34.41 3.21 11.60
C TRP A 101 -33.99 4.52 10.90
N TRP A 102 -34.63 4.87 9.78
CA TRP A 102 -34.37 6.20 9.18
C TRP A 102 -35.59 6.65 8.38
N PRO A 103 -36.66 7.06 9.09
CA PRO A 103 -37.92 7.37 8.41
C PRO A 103 -37.77 8.37 7.25
N ALA A 104 -38.45 8.09 6.15
CA ALA A 104 -38.43 8.97 4.96
C ALA A 104 -39.22 10.26 5.15
N ASP A 105 -38.62 11.39 4.77
CA ASP A 105 -39.30 12.68 4.76
C ASP A 105 -40.44 12.59 3.74
N PHE A 106 -41.64 13.02 4.14
CA PHE A 106 -42.80 13.01 3.25
C PHE A 106 -43.10 11.59 2.73
N GLY A 107 -42.60 10.57 3.41
CA GLY A 107 -42.66 9.18 2.93
C GLY A 107 -41.94 8.90 1.62
N ASN A 108 -40.94 9.71 1.29
CA ASN A 108 -40.24 9.56 0.02
C ASN A 108 -38.75 9.89 0.19
N TYR A 109 -37.91 8.88 0.01
CA TYR A 109 -36.44 9.03 0.07
C TYR A 109 -35.84 9.73 -1.15
N GLY A 110 -36.67 10.18 -2.09
CA GLY A 110 -36.18 10.76 -3.34
C GLY A 110 -35.13 11.85 -3.16
N GLY A 111 -35.43 12.86 -2.35
CA GLY A 111 -34.51 13.98 -2.12
C GLY A 111 -33.18 13.48 -1.55
N LEU A 112 -33.25 12.60 -0.57
CA LEU A 112 -32.04 12.03 0.01
C LEU A 112 -31.19 11.33 -1.05
N PHE A 113 -31.85 10.55 -1.90
CA PHE A 113 -31.15 9.82 -2.95
C PHE A 113 -30.55 10.75 -4.01
N VAL A 114 -31.24 11.83 -4.36
CA VAL A 114 -30.69 12.79 -5.33
C VAL A 114 -29.44 13.43 -4.72
N ARG A 115 -29.50 13.78 -3.45
CA ARG A 115 -28.32 14.33 -2.74
C ARG A 115 -27.18 13.31 -2.73
N MET A 116 -27.50 12.04 -2.45
CA MET A 116 -26.48 10.99 -2.45
C MET A 116 -25.72 10.96 -3.77
N ALA A 117 -26.46 10.95 -4.87
CA ALA A 117 -25.88 10.92 -6.20
C ALA A 117 -25.13 12.21 -6.55
N TRP A 118 -25.72 13.35 -6.23
CA TRP A 118 -25.06 14.64 -6.44
C TRP A 118 -23.75 14.72 -5.65
N HIS A 119 -23.75 14.28 -4.40
CA HIS A 119 -22.52 14.30 -3.63
C HIS A 119 -21.50 13.29 -4.15
N SER A 120 -21.96 12.14 -4.63
CA SER A 120 -21.02 11.17 -5.20
C SER A 120 -20.28 11.75 -6.43
N ALA A 121 -21.06 12.33 -7.34
CA ALA A 121 -20.50 12.96 -8.56
C ALA A 121 -19.82 14.31 -8.31
N GLY A 122 -20.22 14.97 -7.24
CA GLY A 122 -19.90 16.37 -7.02
C GLY A 122 -18.52 16.70 -6.47
N THR A 123 -17.68 15.70 -6.25
CA THR A 123 -16.31 15.94 -5.79
C THR A 123 -15.33 16.14 -6.94
N TYR A 124 -15.82 16.10 -8.17
CA TYR A 124 -14.96 16.16 -9.34
C TYR A 124 -14.24 17.51 -9.51
N ARG A 125 -12.97 17.46 -9.89
CA ARG A 125 -12.21 18.68 -10.21
C ARG A 125 -11.72 18.51 -11.65
N ALA A 126 -12.07 19.46 -12.51
CA ALA A 126 -11.73 19.36 -13.91
C ALA A 126 -10.23 19.39 -14.17
N MET A 127 -9.48 20.14 -13.38
CA MET A 127 -8.08 20.37 -13.71
CA MET A 127 -8.06 20.39 -13.66
C MET A 127 -7.25 19.10 -13.60
N ASP A 128 -7.41 18.36 -12.51
CA ASP A 128 -6.68 17.11 -12.37
C ASP A 128 -7.51 15.86 -12.64
N GLY A 129 -8.81 16.05 -12.90
CA GLY A 129 -9.68 14.95 -13.22
C GLY A 129 -9.93 13.97 -12.09
N ARG A 130 -9.64 14.36 -10.86
CA ARG A 130 -9.89 13.48 -9.72
C ARG A 130 -11.23 13.81 -9.05
N GLY A 131 -11.67 12.93 -8.16
CA GLY A 131 -13.03 12.94 -7.67
C GLY A 131 -14.02 12.50 -8.71
N GLY A 132 -15.28 12.78 -8.45
CA GLY A 132 -16.35 12.27 -9.28
C GLY A 132 -16.89 10.96 -8.73
N GLY A 133 -17.96 10.48 -9.36
CA GLY A 133 -18.64 9.27 -8.90
C GLY A 133 -18.14 7.97 -9.49
N GLY A 134 -17.15 8.04 -10.39
CA GLY A 134 -16.78 6.92 -11.23
C GLY A 134 -16.09 5.74 -10.60
N MET A 135 -15.65 5.91 -9.36
N MET A 135 -15.65 5.90 -9.36
CA MET A 135 -14.99 4.86 -8.60
CA MET A 135 -15.03 4.80 -8.63
C MET A 135 -15.79 4.43 -7.37
C MET A 135 -15.78 4.46 -7.35
N GLY A 136 -16.94 5.06 -7.17
CA GLY A 136 -17.77 4.77 -6.00
C GLY A 136 -17.09 5.02 -4.65
N GLN A 137 -16.18 5.97 -4.62
CA GLN A 137 -15.38 6.24 -3.43
C GLN A 137 -16.13 6.84 -2.25
N GLN A 138 -17.37 7.28 -2.43
CA GLN A 138 -18.17 7.75 -1.31
C GLN A 138 -18.32 6.69 -0.21
N ARG A 139 -18.16 5.41 -0.57
CA ARG A 139 -18.34 4.34 0.40
C ARG A 139 -17.10 4.01 1.25
N PHE A 140 -15.98 4.67 0.97
CA PHE A 140 -14.76 4.52 1.75
C PHE A 140 -14.36 5.84 2.41
N ALA A 141 -13.42 5.75 3.34
CA ALA A 141 -12.74 6.97 3.84
C ALA A 141 -12.00 7.67 2.69
N PRO A 142 -11.90 9.01 2.73
CA PRO A 142 -12.44 9.95 3.72
C PRO A 142 -13.85 10.42 3.40
N LEU A 143 -14.32 10.17 2.18
CA LEU A 143 -15.59 10.76 1.74
C LEU A 143 -16.76 10.27 2.56
N ASN A 144 -16.71 9.02 3.01
CA ASN A 144 -17.79 8.52 3.84
C ASN A 144 -17.98 9.29 5.14
N SER A 145 -16.98 10.07 5.54
CA SER A 145 -17.00 10.78 6.81
C SER A 145 -16.78 12.30 6.71
N TRP A 146 -16.73 12.85 5.50
CA TRP A 146 -16.69 14.31 5.35
C TRP A 146 -17.98 14.90 5.94
N PRO A 147 -17.86 16.05 6.61
CA PRO A 147 -19.05 16.68 7.16
C PRO A 147 -20.18 16.88 6.15
N ASP A 148 -19.84 17.22 4.91
CA ASP A 148 -20.88 17.45 3.91
C ASP A 148 -21.60 16.17 3.48
N ASN A 149 -21.04 15.00 3.82
CA ASN A 149 -21.71 13.74 3.51
C ASN A 149 -22.44 13.14 4.71
N GLN A 150 -22.66 13.98 5.72
CA GLN A 150 -23.38 13.57 6.91
C GLN A 150 -24.71 12.93 6.53
N ASN A 151 -24.98 11.78 7.13
CA ASN A 151 -26.17 10.96 6.91
C ASN A 151 -26.35 10.31 5.53
N LEU A 152 -25.40 10.48 4.62
CA LEU A 152 -25.42 9.68 3.40
C LEU A 152 -25.03 8.23 3.67
N ASP A 153 -24.43 7.98 4.83
CA ASP A 153 -24.26 6.61 5.32
C ASP A 153 -25.62 5.91 5.39
N LYS A 154 -26.66 6.64 5.80
CA LYS A 154 -28.01 6.09 5.85
C LYS A 154 -28.55 5.85 4.45
N ALA A 155 -28.32 6.80 3.57
CA ALA A 155 -28.73 6.66 2.18
C ALA A 155 -28.11 5.45 1.52
N ARG A 156 -26.81 5.24 1.72
CA ARG A 156 -26.16 4.09 1.09
C ARG A 156 -26.67 2.74 1.67
N ARG A 157 -26.94 2.73 2.97
CA ARG A 157 -27.48 1.56 3.63
C ARG A 157 -28.89 1.24 3.14
N LEU A 158 -29.66 2.28 2.81
CA LEU A 158 -31.01 2.07 2.28
C LEU A 158 -31.02 1.35 0.94
N ILE A 159 -30.02 1.64 0.10
CA ILE A 159 -29.94 0.96 -1.21
C ILE A 159 -29.20 -0.36 -1.20
N TRP A 160 -28.58 -0.72 -0.08
CA TRP A 160 -27.88 -1.99 -0.01
C TRP A 160 -28.71 -3.22 -0.46
N PRO A 161 -30.00 -3.30 -0.05
CA PRO A 161 -30.75 -4.50 -0.47
C PRO A 161 -30.85 -4.70 -1.99
N ILE A 162 -30.86 -3.62 -2.74
CA ILE A 162 -30.82 -3.69 -4.20
C ILE A 162 -29.48 -4.23 -4.68
N LYS A 163 -28.39 -3.70 -4.13
CA LYS A 163 -27.06 -4.24 -4.40
C LYS A 163 -26.98 -5.74 -4.03
N GLN A 164 -27.53 -6.10 -2.88
CA GLN A 164 -27.59 -7.50 -2.46
C GLN A 164 -28.34 -8.36 -3.46
N LYS A 165 -29.46 -7.86 -3.97
CA LYS A 165 -30.26 -8.59 -4.93
C LYS A 165 -29.56 -8.82 -6.26
N TYR A 166 -28.87 -7.81 -6.78
CA TYR A 166 -28.32 -7.88 -8.12
C TYR A 166 -26.85 -8.30 -8.17
N GLY A 167 -26.21 -8.36 -7.01
CA GLY A 167 -24.87 -8.90 -6.90
C GLY A 167 -23.85 -8.16 -7.75
N ASN A 168 -23.04 -8.92 -8.48
CA ASN A 168 -21.90 -8.36 -9.21
C ASN A 168 -22.32 -7.56 -10.42
N LYS A 169 -23.58 -7.72 -10.84
CA LYS A 169 -24.03 -7.18 -12.11
C LYS A 169 -24.30 -5.69 -12.07
N ILE A 170 -24.35 -5.11 -10.89
CA ILE A 170 -24.32 -3.65 -10.79
C ILE A 170 -23.39 -3.25 -9.66
N SER A 171 -22.48 -2.34 -9.98
CA SER A 171 -21.52 -1.83 -9.01
C SER A 171 -22.17 -0.85 -8.06
N TRP A 172 -21.61 -0.70 -6.86
CA TRP A 172 -21.98 0.40 -5.99
C TRP A 172 -21.86 1.75 -6.70
N ALA A 173 -20.77 1.93 -7.45
CA ALA A 173 -20.53 3.17 -8.17
C ALA A 173 -21.69 3.48 -9.11
N ASP A 174 -22.09 2.50 -9.92
CA ASP A 174 -23.24 2.72 -10.81
C ASP A 174 -24.54 2.89 -10.03
N LEU A 175 -24.74 2.08 -8.99
CA LEU A 175 -25.98 2.09 -8.24
C LEU A 175 -26.26 3.40 -7.54
N MET A 176 -25.25 4.02 -6.92
CA MET A 176 -25.47 5.28 -6.24
C MET A 176 -25.99 6.32 -7.21
N LEU A 177 -25.43 6.37 -8.41
CA LEU A 177 -25.81 7.37 -9.39
C LEU A 177 -27.14 7.01 -10.06
N LEU A 178 -27.34 5.73 -10.38
CA LEU A 178 -28.60 5.30 -10.98
C LEU A 178 -29.77 5.58 -10.06
N THR A 179 -29.56 5.37 -8.76
CA THR A 179 -30.58 5.65 -7.75
C THR A 179 -31.02 7.14 -7.81
N GLY A 180 -30.07 8.08 -7.90
CA GLY A 180 -30.39 9.47 -8.05
C GLY A 180 -31.17 9.78 -9.32
N ASN A 181 -30.75 9.15 -10.41
CA ASN A 181 -31.40 9.33 -11.72
C ASN A 181 -32.83 8.81 -11.71
N VAL A 182 -33.02 7.62 -11.14
CA VAL A 182 -34.36 7.02 -11.02
C VAL A 182 -35.24 7.87 -10.08
N ALA A 183 -34.66 8.40 -9.01
CA ALA A 183 -35.37 9.28 -8.07
C ALA A 183 -35.91 10.52 -8.77
N LEU A 184 -35.08 11.19 -9.55
CA LEU A 184 -35.56 12.31 -10.36
C LEU A 184 -36.74 11.92 -11.24
N GLU A 185 -36.61 10.83 -11.98
CA GLU A 185 -37.65 10.45 -12.95
C GLU A 185 -38.95 10.09 -12.26
N ASN A 186 -38.85 9.44 -11.10
CA ASN A 186 -40.06 9.09 -10.37
C ASN A 186 -40.72 10.26 -9.66
N MET A 187 -39.97 11.35 -9.45
CA MET A 187 -40.52 12.60 -8.92
C MET A 187 -40.92 13.58 -10.03
N GLY A 188 -41.00 13.08 -11.26
CA GLY A 188 -41.56 13.80 -12.39
C GLY A 188 -40.62 14.54 -13.31
N PHE A 189 -39.30 14.30 -13.20
CA PHE A 189 -38.34 14.95 -14.07
C PHE A 189 -37.68 13.92 -14.98
N LYS A 190 -38.04 13.93 -16.26
CA LYS A 190 -37.47 13.00 -17.22
C LYS A 190 -36.04 13.42 -17.54
N THR A 191 -35.10 12.50 -17.31
CA THR A 191 -33.69 12.74 -17.62
C THR A 191 -33.38 12.37 -19.05
N LEU A 192 -32.18 12.69 -19.50
CA LEU A 192 -31.73 12.26 -20.83
C LEU A 192 -31.53 10.76 -20.97
N GLY A 193 -31.38 10.06 -19.84
CA GLY A 193 -30.93 8.69 -19.82
C GLY A 193 -29.80 8.50 -18.83
N PHE A 194 -29.05 7.44 -19.05
CA PHE A 194 -28.03 7.00 -18.11
C PHE A 194 -27.12 5.99 -18.77
N GLY A 195 -25.85 6.01 -18.34
CA GLY A 195 -24.91 5.01 -18.76
C GLY A 195 -24.25 4.40 -17.55
N GLY A 196 -24.23 3.08 -17.52
CA GLY A 196 -23.44 2.35 -16.53
C GLY A 196 -22.04 2.13 -17.04
N GLY A 197 -21.26 1.37 -16.28
CA GLY A 197 -19.89 1.05 -16.62
C GLY A 197 -18.82 1.39 -15.61
N ARG A 198 -19.19 1.91 -14.44
CA ARG A 198 -18.23 2.24 -13.38
C ARG A 198 -17.91 1.01 -12.55
N ALA A 199 -16.75 0.41 -12.78
CA ALA A 199 -16.35 -0.72 -11.94
C ALA A 199 -16.00 -0.25 -10.53
N ASP A 200 -16.38 -1.03 -9.53
CA ASP A 200 -16.07 -0.66 -8.19
C ASP A 200 -14.57 -0.70 -7.93
N THR A 201 -14.15 0.06 -6.92
CA THR A 201 -12.80 0.02 -6.39
C THR A 201 -12.90 -0.50 -4.97
N TRP A 202 -11.76 -0.86 -4.36
CA TRP A 202 -11.78 -1.67 -3.15
C TRP A 202 -10.91 -1.14 -2.01
N GLN A 203 -10.34 0.05 -2.18
CA GLN A 203 -9.64 0.70 -1.09
C GLN A 203 -9.75 2.21 -1.25
N SER A 204 -9.55 2.94 -0.16
CA SER A 204 -9.54 4.41 -0.22
C SER A 204 -8.47 4.92 -1.18
N ASP A 205 -8.80 5.92 -1.99
CA ASP A 205 -7.85 6.46 -2.96
C ASP A 205 -7.04 7.55 -2.31
N GLU A 206 -5.87 7.19 -1.82
CA GLU A 206 -5.05 8.15 -1.10
C GLU A 206 -4.12 8.91 -2.02
N ALA A 207 -4.43 8.96 -3.31
CA ALA A 207 -3.65 9.73 -4.27
C ALA A 207 -4.22 11.12 -4.49
N VAL A 208 -5.41 11.41 -3.97
CA VAL A 208 -6.06 12.68 -4.24
C VAL A 208 -5.58 13.79 -3.31
N TYR A 209 -5.20 14.93 -3.88
CA TYR A 209 -4.90 16.12 -3.08
C TYR A 209 -6.19 16.89 -2.83
N TRP A 210 -6.81 16.65 -1.68
CA TRP A 210 -8.04 17.35 -1.32
C TRP A 210 -7.75 18.69 -0.64
N GLY A 211 -6.47 18.95 -0.36
CA GLY A 211 -6.02 20.12 0.38
C GLY A 211 -5.01 19.71 1.44
N ALA A 212 -4.35 20.71 2.01
CA ALA A 212 -3.35 20.52 3.04
C ALA A 212 -3.82 20.90 4.44
N GLU A 213 -5.07 21.36 4.57
CA GLU A 213 -5.56 21.77 5.88
C GLU A 213 -5.69 20.59 6.84
N THR A 214 -5.48 20.86 8.12
CA THR A 214 -5.54 19.82 9.15
C THR A 214 -6.82 19.90 9.95
N THR A 215 -7.80 20.62 9.40
CA THR A 215 -9.14 20.72 9.97
C THR A 215 -10.20 20.56 8.87
N PHE A 216 -11.43 20.23 9.28
CA PHE A 216 -12.58 20.28 8.38
C PHE A 216 -13.36 21.57 8.58
N VAL A 217 -14.18 21.89 7.58
CA VAL A 217 -15.28 22.84 7.73
C VAL A 217 -15.92 22.61 9.13
N PRO A 218 -16.23 23.70 9.86
CA PRO A 218 -16.18 25.12 9.50
C PRO A 218 -14.80 25.75 9.31
N GLN A 219 -13.72 25.04 9.65
CA GLN A 219 -12.38 25.53 9.36
C GLN A 219 -11.98 24.91 8.02
N GLY A 220 -10.79 24.32 7.93
CA GLY A 220 -10.39 23.60 6.72
C GLY A 220 -10.18 24.46 5.49
N ASN A 221 -9.87 25.75 5.65
CA ASN A 221 -9.57 26.53 4.44
C ASN A 221 -8.50 27.63 4.52
N ASP A 222 -7.72 27.67 5.60
CA ASP A 222 -6.63 28.66 5.67
C ASP A 222 -5.60 28.49 4.53
N VAL A 223 -5.24 27.24 4.22
CA VAL A 223 -4.22 27.00 3.21
C VAL A 223 -4.73 27.36 1.81
N ARG A 224 -5.95 26.95 1.50
CA ARG A 224 -6.48 27.14 0.15
C ARG A 224 -6.82 28.60 -0.17
N TYR A 225 -6.88 29.46 0.84
CA TYR A 225 -7.02 30.90 0.58
C TYR A 225 -5.76 31.68 0.99
N ASN A 226 -4.68 30.97 1.31
CA ASN A 226 -3.42 31.59 1.72
C ASN A 226 -3.64 32.61 2.84
N ASN A 227 -4.45 32.20 3.81
CA ASN A 227 -4.76 32.99 5.00
C ASN A 227 -5.60 34.24 4.76
N SER A 228 -6.09 34.46 3.54
CA SER A 228 -7.02 35.57 3.32
C SER A 228 -8.40 35.29 3.92
N VAL A 229 -8.94 36.30 4.62
CA VAL A 229 -10.30 36.22 5.16
C VAL A 229 -11.24 37.26 4.54
N ASP A 230 -10.76 37.97 3.52
CA ASP A 230 -11.61 38.90 2.82
CA ASP A 230 -11.55 38.92 2.75
C ASP A 230 -12.42 38.13 1.78
N ILE A 231 -13.65 37.82 2.16
CA ILE A 231 -14.45 36.81 1.45
C ILE A 231 -14.86 37.15 0.04
N ASN A 232 -15.02 38.43 -0.27
CA ASN A 232 -15.39 38.81 -1.62
C ASN A 232 -14.12 38.86 -2.47
N ALA A 233 -13.08 39.52 -1.97
CA ALA A 233 -11.84 39.67 -2.73
C ALA A 233 -11.12 38.36 -3.03
N ARG A 234 -11.21 37.40 -2.11
CA ARG A 234 -10.42 36.18 -2.23
C ARG A 234 -11.10 35.11 -3.08
N ALA A 235 -12.36 35.32 -3.44
CA ALA A 235 -13.19 34.22 -3.97
C ALA A 235 -12.63 33.59 -5.25
N ASP A 236 -12.02 34.41 -6.10
CA ASP A 236 -11.40 33.92 -7.34
C ASP A 236 -9.94 33.53 -7.17
N LYS A 237 -9.48 33.36 -5.93
CA LYS A 237 -8.09 33.01 -5.66
C LYS A 237 -7.91 31.65 -4.96
N LEU A 238 -8.92 30.82 -5.07
CA LEU A 238 -8.87 29.47 -4.51
C LEU A 238 -7.69 28.68 -5.06
N GLU A 239 -6.94 28.04 -4.16
CA GLU A 239 -5.77 27.22 -4.50
C GLU A 239 -6.12 26.20 -5.57
N LYS A 240 -5.35 26.18 -6.65
CA LYS A 240 -5.50 25.14 -7.69
C LYS A 240 -4.96 23.81 -7.14
N PRO A 241 -5.54 22.67 -7.53
CA PRO A 241 -6.65 22.42 -8.45
C PRO A 241 -7.98 22.25 -7.71
N LEU A 242 -8.07 22.78 -6.48
CA LEU A 242 -9.19 22.51 -5.60
C LEU A 242 -10.49 23.12 -6.07
N ALA A 243 -11.60 22.50 -5.66
CA ALA A 243 -12.92 22.86 -6.21
C ALA A 243 -13.98 22.95 -5.13
N ALA A 244 -13.53 23.09 -3.88
CA ALA A 244 -14.39 23.34 -2.72
C ALA A 244 -13.78 24.39 -1.82
N THR A 245 -14.64 25.13 -1.14
CA THR A 245 -14.16 26.28 -0.38
C THR A 245 -13.73 25.95 1.04
N HIS A 246 -13.99 24.73 1.49
CA HIS A 246 -13.42 24.20 2.73
C HIS A 246 -13.14 22.71 2.52
N MET A 247 -12.13 22.21 3.21
CA MET A 247 -11.93 20.76 3.32
C MET A 247 -13.16 20.12 3.94
N GLY A 248 -13.71 19.11 3.27
CA GLY A 248 -14.86 18.39 3.79
C GLY A 248 -16.19 18.84 3.20
N LEU A 249 -16.16 19.86 2.35
CA LEU A 249 -17.32 20.28 1.57
C LEU A 249 -17.25 19.79 0.13
N ILE A 250 -18.43 19.67 -0.48
CA ILE A 250 -18.56 19.33 -1.89
C ILE A 250 -18.19 20.52 -2.76
N TYR A 251 -18.86 21.67 -2.56
CA TYR A 251 -18.47 22.90 -3.26
C TYR A 251 -18.34 24.11 -2.34
N VAL A 252 -19.45 24.62 -1.81
CA VAL A 252 -19.41 25.83 -1.01
C VAL A 252 -20.14 25.66 0.31
N ASN A 253 -19.95 26.66 1.18
CA ASN A 253 -20.55 26.72 2.50
C ASN A 253 -21.98 27.23 2.39
N PRO A 254 -22.96 26.41 2.80
CA PRO A 254 -24.35 26.85 2.65
C PRO A 254 -24.75 28.06 3.51
N GLU A 255 -23.94 28.40 4.51
CA GLU A 255 -24.18 29.61 5.33
C GLU A 255 -23.47 30.86 4.82
N GLY A 256 -22.81 30.74 3.67
CA GLY A 256 -22.02 31.83 3.12
C GLY A 256 -20.53 31.67 3.40
N PRO A 257 -19.70 32.51 2.79
CA PRO A 257 -18.27 32.29 2.92
C PRO A 257 -17.81 32.43 4.37
N ASN A 258 -17.08 31.43 4.86
CA ASN A 258 -16.66 31.35 6.25
C ASN A 258 -17.83 31.54 7.21
N GLY A 259 -19.01 31.12 6.76
CA GLY A 259 -20.23 31.18 7.55
C GLY A 259 -20.79 32.59 7.70
N THR A 260 -20.31 33.52 6.87
CA THR A 260 -20.85 34.88 6.84
C THR A 260 -22.00 34.91 5.85
N PRO A 261 -23.22 35.24 6.31
CA PRO A 261 -24.40 35.10 5.46
C PRO A 261 -24.54 36.23 4.44
N ASP A 262 -23.52 36.39 3.59
CA ASP A 262 -23.56 37.35 2.49
C ASP A 262 -23.79 36.66 1.13
N PRO A 263 -24.99 36.81 0.57
CA PRO A 263 -25.28 36.12 -0.70
C PRO A 263 -24.41 36.54 -1.88
N ALA A 264 -24.07 37.82 -1.97
CA ALA A 264 -23.23 38.28 -3.09
C ALA A 264 -21.87 37.59 -3.11
N ALA A 265 -21.24 37.47 -1.94
CA ALA A 265 -19.93 36.80 -1.86
C ALA A 265 -20.08 35.28 -2.03
N SER A 266 -21.16 34.73 -1.51
CA SER A 266 -21.48 33.32 -1.76
C SER A 266 -21.52 33.02 -3.27
N ALA A 267 -22.11 33.92 -4.04
CA ALA A 267 -22.20 33.75 -5.50
C ALA A 267 -20.83 33.63 -6.16
N LYS A 268 -19.87 34.41 -5.66
CA LYS A 268 -18.50 34.39 -6.22
C LYS A 268 -17.81 33.07 -5.86
N ASP A 269 -18.08 32.55 -4.66
CA ASP A 269 -17.57 31.20 -4.29
C ASP A 269 -18.21 30.12 -5.17
N ILE A 270 -19.49 30.23 -5.42
CA ILE A 270 -20.20 29.27 -6.23
C ILE A 270 -19.61 29.24 -7.64
N ARG A 271 -19.39 30.42 -8.22
CA ARG A 271 -18.84 30.48 -9.55
C ARG A 271 -17.46 29.83 -9.58
N GLU A 272 -16.65 30.14 -8.58
CA GLU A 272 -15.30 29.63 -8.52
C GLU A 272 -15.32 28.10 -8.40
N ALA A 273 -16.09 27.60 -7.43
CA ALA A 273 -16.09 26.14 -7.16
C ALA A 273 -16.68 25.31 -8.30
N PHE A 274 -17.84 25.70 -8.81
N PHE A 274 -17.83 25.72 -8.79
CA PHE A 274 -18.42 24.99 -9.92
CA PHE A 274 -18.44 25.04 -9.93
C PHE A 274 -17.57 25.13 -11.20
C PHE A 274 -17.56 25.13 -11.17
N GLY A 275 -16.93 26.29 -11.37
CA GLY A 275 -15.99 26.45 -12.47
C GLY A 275 -14.84 25.45 -12.36
N ARG A 276 -14.37 25.24 -11.14
CA ARG A 276 -13.31 24.24 -10.90
C ARG A 276 -13.80 22.81 -11.09
N MET A 277 -15.11 22.61 -11.10
CA MET A 277 -15.69 21.33 -11.43
C MET A 277 -16.11 21.21 -12.89
N GLY A 278 -15.76 22.20 -13.72
CA GLY A 278 -16.07 22.13 -15.15
C GLY A 278 -17.46 22.57 -15.54
N MET A 279 -18.13 23.36 -14.70
CA MET A 279 -19.49 23.84 -14.97
C MET A 279 -19.51 25.34 -15.13
N ASN A 280 -20.22 25.81 -16.15
CA ASN A 280 -20.40 27.25 -16.41
C ASN A 280 -21.61 27.85 -15.67
N ASP A 281 -21.91 29.13 -15.92
CA ASP A 281 -22.99 29.80 -15.17
C ASP A 281 -24.36 29.14 -15.37
N THR A 282 -24.67 28.82 -16.62
CA THR A 282 -25.96 28.21 -16.97
C THR A 282 -26.10 26.85 -16.27
N GLU A 283 -25.04 26.06 -16.35
CA GLU A 283 -25.03 24.73 -15.76
C GLU A 283 -25.17 24.77 -14.26
N THR A 284 -24.50 25.73 -13.65
CA THR A 284 -24.52 25.95 -12.21
C THR A 284 -25.92 26.30 -11.71
N VAL A 285 -26.55 27.27 -12.33
CA VAL A 285 -27.89 27.66 -11.92
C VAL A 285 -28.87 26.48 -12.14
N ALA A 286 -28.74 25.80 -13.27
CA ALA A 286 -29.60 24.63 -13.57
C ALA A 286 -29.50 23.54 -12.51
N LEU A 287 -28.28 23.21 -12.12
CA LEU A 287 -28.05 22.16 -11.12
C LEU A 287 -28.60 22.57 -9.75
N ILE A 288 -28.37 23.81 -9.34
CA ILE A 288 -28.78 24.24 -8.01
C ILE A 288 -30.30 24.37 -7.94
N ALA A 289 -30.88 25.09 -8.89
CA ALA A 289 -32.34 25.23 -8.93
C ALA A 289 -33.03 23.90 -9.21
N GLY A 290 -32.39 23.05 -10.00
CA GLY A 290 -32.94 21.73 -10.31
C GLY A 290 -32.93 20.82 -9.12
N GLY A 291 -31.79 20.78 -8.42
CA GLY A 291 -31.66 19.94 -7.24
C GLY A 291 -32.55 20.36 -6.09
N HIS A 292 -32.58 21.66 -5.81
CA HIS A 292 -33.31 22.18 -4.66
C HIS A 292 -34.80 22.37 -4.93
N ALA A 293 -35.28 21.80 -6.03
CA ALA A 293 -36.71 21.56 -6.21
C ALA A 293 -37.17 20.48 -5.23
N PHE A 294 -36.24 19.65 -4.78
CA PHE A 294 -36.57 18.41 -4.08
C PHE A 294 -36.10 18.37 -2.64
N GLY A 295 -36.93 17.76 -1.79
CA GLY A 295 -36.53 17.48 -0.41
C GLY A 295 -36.40 18.68 0.49
N LYS A 296 -35.46 18.56 1.42
CA LYS A 296 -35.26 19.56 2.45
C LYS A 296 -33.93 19.33 3.14
N THR A 297 -33.55 20.32 3.94
CA THR A 297 -32.38 20.23 4.81
C THR A 297 -32.82 19.80 6.21
N HIS A 298 -31.86 19.47 7.06
CA HIS A 298 -32.13 18.91 8.37
C HIS A 298 -31.24 19.56 9.39
N GLY A 299 -31.87 20.26 10.33
CA GLY A 299 -31.16 20.99 11.37
C GLY A 299 -32.01 21.14 12.62
N ALA A 300 -32.55 20.02 13.08
CA ALA A 300 -33.57 20.03 14.15
C ALA A 300 -33.00 20.22 15.55
N VAL A 301 -31.77 19.74 15.79
CA VAL A 301 -31.16 19.83 17.12
C VAL A 301 -29.71 20.26 17.02
N LYS A 302 -29.18 20.72 18.16
CA LYS A 302 -27.81 21.18 18.26
C LYS A 302 -26.79 20.10 17.90
N GLY A 303 -25.68 20.54 17.32
CA GLY A 303 -24.59 19.65 16.91
C GLY A 303 -24.03 18.86 18.06
N SER A 304 -24.11 19.39 19.29
CA SER A 304 -23.63 18.69 20.49
C SER A 304 -24.27 17.31 20.71
N ASN A 305 -25.45 17.08 20.11
CA ASN A 305 -26.16 15.81 20.23
C ASN A 305 -25.68 14.75 19.21
N ILE A 306 -24.70 15.10 18.38
CA ILE A 306 -24.28 14.24 17.27
C ILE A 306 -22.94 13.57 17.58
N GLY A 307 -22.91 12.26 17.48
CA GLY A 307 -21.69 11.49 17.76
C GLY A 307 -20.74 11.42 16.57
N PRO A 308 -19.69 10.62 16.69
CA PRO A 308 -18.62 10.54 15.68
C PRO A 308 -19.08 10.18 14.27
N ALA A 309 -18.38 10.72 13.27
CA ALA A 309 -18.55 10.31 11.89
C ALA A 309 -18.20 8.83 11.73
N PRO A 310 -18.62 8.19 10.63
CA PRO A 310 -18.45 6.74 10.49
C PRO A 310 -17.05 6.19 10.78
N GLU A 311 -16.00 6.86 10.29
CA GLU A 311 -14.65 6.34 10.50
C GLU A 311 -14.22 6.41 11.96
N ALA A 312 -14.91 7.20 12.78
CA ALA A 312 -14.57 7.34 14.22
C ALA A 312 -15.55 6.65 15.16
N ALA A 313 -16.63 6.06 14.61
CA ALA A 313 -17.69 5.44 15.40
C ALA A 313 -17.31 4.03 15.87
N ASP A 314 -17.97 3.57 16.94
CA ASP A 314 -17.70 2.24 17.51
C ASP A 314 -18.21 1.11 16.63
N LEU A 315 -17.77 -0.12 16.91
CA LEU A 315 -18.14 -1.28 16.09
C LEU A 315 -19.64 -1.51 15.98
N GLY A 316 -20.39 -1.20 17.04
CA GLY A 316 -21.82 -1.45 17.06
C GLY A 316 -22.58 -0.65 16.03
N MET A 317 -22.03 0.48 15.64
CA MET A 317 -22.64 1.32 14.62
C MET A 317 -22.55 0.72 13.21
N GLN A 318 -21.71 -0.32 13.05
CA GLN A 318 -21.66 -1.13 11.83
C GLN A 318 -21.62 -0.28 10.55
N GLY A 319 -20.69 0.66 10.53
CA GLY A 319 -20.43 1.43 9.33
C GLY A 319 -21.18 2.75 9.27
N LEU A 320 -22.13 2.96 10.17
CA LEU A 320 -22.86 4.24 10.19
C LEU A 320 -22.21 5.22 11.17
N GLY A 321 -22.63 6.47 11.13
CA GLY A 321 -22.13 7.42 12.10
C GLY A 321 -23.09 8.58 12.31
N TRP A 322 -22.56 9.62 12.95
CA TRP A 322 -23.32 10.78 13.35
C TRP A 322 -24.59 10.44 14.13
N HIS A 323 -24.46 9.50 15.05
CA HIS A 323 -25.60 9.09 15.86
C HIS A 323 -26.16 10.27 16.64
N ASN A 324 -27.48 10.43 16.58
CA ASN A 324 -28.15 11.56 17.20
C ASN A 324 -28.89 11.07 18.43
N SER A 325 -28.57 11.64 19.60
CA SER A 325 -29.08 11.15 20.88
C SER A 325 -30.47 11.71 21.24
N VAL A 326 -30.99 12.64 20.46
CA VAL A 326 -32.32 13.21 20.72
C VAL A 326 -33.40 12.27 20.16
N GLY A 327 -34.33 11.84 21.02
CA GLY A 327 -35.34 10.86 20.62
C GLY A 327 -34.68 9.64 19.98
N ASP A 328 -35.22 9.18 18.87
CA ASP A 328 -34.59 8.12 18.07
C ASP A 328 -33.49 8.64 17.15
N GLY A 329 -33.24 9.96 17.18
CA GLY A 329 -32.18 10.57 16.37
C GLY A 329 -32.51 10.73 14.90
N ASN A 330 -33.77 10.49 14.55
CA ASN A 330 -34.22 10.50 13.16
C ASN A 330 -35.62 11.10 13.04
N GLY A 331 -36.25 10.96 11.87
CA GLY A 331 -37.54 11.61 11.59
C GLY A 331 -37.50 13.10 11.96
N PRO A 332 -38.42 13.55 12.85
CA PRO A 332 -38.46 14.97 13.22
C PRO A 332 -37.18 15.55 13.82
N ASN A 333 -36.30 14.68 14.33
CA ASN A 333 -35.06 15.08 14.98
C ASN A 333 -33.83 15.03 14.09
N GLN A 334 -34.00 14.68 12.81
CA GLN A 334 -32.88 14.67 11.86
C GLN A 334 -32.01 15.94 11.89
N MET A 335 -30.70 15.72 11.95
CA MET A 335 -29.73 16.78 12.02
C MET A 335 -28.60 16.36 11.09
N THR A 336 -28.46 17.10 10.00
CA THR A 336 -27.48 16.83 8.98
C THR A 336 -26.55 18.02 8.79
N SER A 337 -27.09 19.15 8.31
CA SER A 337 -26.29 20.35 7.98
C SER A 337 -26.41 21.46 9.01
N GLY A 338 -27.41 21.36 9.87
CA GLY A 338 -27.68 22.40 10.85
C GLY A 338 -28.70 23.41 10.39
N LEU A 339 -29.14 23.28 9.14
CA LEU A 339 -30.10 24.19 8.54
C LEU A 339 -31.44 23.49 8.46
N GLU A 340 -32.53 24.24 8.52
CA GLU A 340 -33.88 23.66 8.47
C GLU A 340 -34.70 24.40 7.40
N VAL A 341 -34.45 24.03 6.14
CA VAL A 341 -35.00 24.70 4.97
C VAL A 341 -35.80 23.71 4.13
N ILE A 342 -37.01 24.10 3.74
CA ILE A 342 -37.81 23.37 2.76
C ILE A 342 -38.06 24.33 1.60
N TRP A 343 -37.54 24.02 0.41
CA TRP A 343 -37.55 24.98 -0.69
C TRP A 343 -38.90 25.15 -1.36
N THR A 344 -39.63 24.07 -1.54
CA THR A 344 -40.90 24.14 -2.30
C THR A 344 -42.07 23.59 -1.51
N LYS A 345 -43.26 23.83 -2.06
CA LYS A 345 -44.50 23.38 -1.44
C LYS A 345 -44.80 21.92 -1.77
N THR A 346 -44.09 21.38 -2.76
CA THR A 346 -44.20 19.98 -3.16
C THR A 346 -42.80 19.34 -3.26
N PRO A 347 -42.18 19.04 -2.11
CA PRO A 347 -40.78 18.58 -2.15
C PRO A 347 -40.52 17.19 -2.75
N THR A 348 -41.58 16.45 -3.08
CA THR A 348 -41.42 15.16 -3.75
C THR A 348 -41.88 15.20 -5.20
N LYS A 349 -42.05 16.39 -5.76
CA LYS A 349 -42.49 16.51 -7.15
C LYS A 349 -41.79 17.68 -7.84
N TRP A 350 -41.37 17.47 -9.09
CA TRP A 350 -40.74 18.51 -9.88
C TRP A 350 -41.67 19.70 -9.99
N SER A 351 -41.10 20.90 -9.87
CA SER A 351 -41.86 22.14 -9.93
C SER A 351 -40.91 23.30 -10.23
N ASN A 352 -41.46 24.51 -10.37
CA ASN A 352 -40.66 25.73 -10.46
C ASN A 352 -40.80 26.54 -9.17
N GLY A 353 -41.19 25.86 -8.09
CA GLY A 353 -41.39 26.50 -6.79
C GLY A 353 -40.14 27.15 -6.21
N TYR A 354 -38.97 26.61 -6.54
CA TYR A 354 -37.71 27.16 -6.06
C TYR A 354 -37.47 28.59 -6.55
N LEU A 355 -37.52 28.80 -7.87
CA LEU A 355 -37.27 30.14 -8.41
C LEU A 355 -38.39 31.11 -8.07
N GLU A 356 -39.62 30.59 -7.99
CA GLU A 356 -40.76 31.42 -7.61
C GLU A 356 -40.58 31.97 -6.21
N SER A 357 -40.24 31.09 -5.28
CA SER A 357 -39.99 31.48 -3.91
C SER A 357 -38.79 32.42 -3.84
N LEU A 358 -37.69 32.02 -4.48
CA LEU A 358 -36.48 32.82 -4.42
C LEU A 358 -36.70 34.27 -4.85
N ILE A 359 -37.35 34.46 -6.00
CA ILE A 359 -37.48 35.78 -6.61
C ILE A 359 -38.67 36.57 -6.06
N ASN A 360 -39.76 35.89 -5.72
CA ASN A 360 -40.99 36.60 -5.34
C ASN A 360 -41.23 36.78 -3.84
N ASN A 361 -40.41 36.16 -3.00
CA ASN A 361 -40.44 36.45 -1.57
C ASN A 361 -39.40 37.49 -1.21
N ASN A 362 -39.68 38.23 -0.14
CA ASN A 362 -38.66 39.04 0.52
C ASN A 362 -38.12 38.25 1.70
N TRP A 363 -36.80 38.34 1.89
CA TRP A 363 -36.09 37.44 2.78
C TRP A 363 -35.51 38.15 3.98
N THR A 364 -35.62 37.51 5.14
CA THR A 364 -35.02 38.05 6.35
C THR A 364 -34.10 36.98 6.95
N LEU A 365 -32.97 37.43 7.49
CA LEU A 365 -31.99 36.54 8.12
C LEU A 365 -32.51 36.02 9.47
N VAL A 366 -32.62 34.70 9.59
CA VAL A 366 -33.05 34.04 10.82
C VAL A 366 -32.07 32.94 11.23
N GLU A 367 -32.36 32.29 12.36
CA GLU A 367 -31.58 31.14 12.86
C GLU A 367 -32.40 29.86 12.77
N SER A 368 -31.73 28.78 12.41
CA SER A 368 -32.34 27.47 12.43
C SER A 368 -32.37 27.00 13.88
N PRO A 369 -33.11 25.92 14.16
CA PRO A 369 -33.13 25.36 15.51
C PRO A 369 -31.75 24.96 16.06
N ALA A 370 -30.82 24.63 15.17
CA ALA A 370 -29.46 24.28 15.56
C ALA A 370 -28.55 25.51 15.69
N GLY A 371 -29.07 26.68 15.35
CA GLY A 371 -28.35 27.95 15.49
C GLY A 371 -27.68 28.47 14.24
N ALA A 372 -27.96 27.88 13.07
CA ALA A 372 -27.26 28.24 11.82
C ALA A 372 -28.00 29.35 11.05
N HIS A 373 -27.26 30.13 10.26
CA HIS A 373 -27.87 31.18 9.42
C HIS A 373 -28.70 30.61 8.30
N GLN A 374 -29.93 31.09 8.15
CA GLN A 374 -30.73 30.79 6.96
C GLN A 374 -31.69 31.94 6.74
N TRP A 375 -32.49 31.86 5.68
CA TRP A 375 -33.40 32.96 5.32
C TRP A 375 -34.84 32.49 5.32
N GLU A 376 -35.74 33.39 5.73
CA GLU A 376 -37.16 33.09 5.80
C GLU A 376 -37.99 34.24 5.23
N ALA A 377 -39.11 33.89 4.61
CA ALA A 377 -40.07 34.88 4.13
C ALA A 377 -41.07 35.11 5.25
N VAL A 378 -40.70 35.92 6.25
CA VAL A 378 -41.53 36.07 7.45
C VAL A 378 -42.93 36.69 7.23
N ASN A 379 -43.13 37.35 6.09
CA ASN A 379 -44.48 37.79 5.66
C ASN A 379 -45.15 36.80 4.67
N GLY A 380 -44.53 35.65 4.46
CA GLY A 380 -44.94 34.74 3.39
C GLY A 380 -46.05 33.76 3.76
N THR A 381 -46.56 33.06 2.74
CA THR A 381 -47.63 32.07 2.91
C THR A 381 -47.14 30.92 3.79
N VAL A 382 -48.00 30.45 4.69
CA VAL A 382 -47.68 29.33 5.58
C VAL A 382 -48.22 28.03 4.99
N ASP A 383 -47.58 27.57 3.92
CA ASP A 383 -48.05 26.42 3.14
C ASP A 383 -46.93 25.50 2.66
N TYR A 384 -45.78 25.54 3.33
CA TYR A 384 -44.69 24.60 3.05
C TYR A 384 -44.85 23.43 4.00
N PRO A 385 -45.00 22.21 3.45
CA PRO A 385 -45.40 21.04 4.25
C PRO A 385 -44.37 20.52 5.26
N ASP A 386 -44.85 20.05 6.41
CA ASP A 386 -43.98 19.39 7.40
C ASP A 386 -43.74 17.95 6.94
N PRO A 387 -42.50 17.44 7.10
CA PRO A 387 -42.21 16.11 6.56
C PRO A 387 -42.84 14.91 7.26
N PHE A 388 -43.34 15.11 8.49
CA PHE A 388 -43.96 14.01 9.26
C PHE A 388 -45.33 14.34 9.85
N ASP A 389 -45.93 15.43 9.40
CA ASP A 389 -47.29 15.81 9.80
C ASP A 389 -47.98 16.51 8.62
N LYS A 390 -48.89 15.80 7.98
CA LYS A 390 -49.57 16.30 6.78
C LYS A 390 -50.52 17.47 7.04
N THR A 391 -50.76 17.79 8.31
CA THR A 391 -51.61 18.91 8.71
C THR A 391 -50.83 20.17 9.11
N LYS A 392 -49.52 20.05 9.31
CA LYS A 392 -48.68 21.18 9.76
C LYS A 392 -47.88 21.79 8.60
N PHE A 393 -47.68 23.11 8.68
CA PHE A 393 -47.06 23.87 7.60
C PHE A 393 -46.11 24.95 8.14
N ARG A 394 -45.25 25.46 7.26
CA ARG A 394 -44.27 26.50 7.61
C ARG A 394 -44.18 27.57 6.51
N LYS A 395 -43.47 28.64 6.82
CA LYS A 395 -43.18 29.66 5.82
C LYS A 395 -42.03 29.20 4.91
N ALA A 396 -41.87 29.90 3.79
CA ALA A 396 -40.79 29.61 2.84
C ALA A 396 -39.45 29.92 3.48
N THR A 397 -38.43 29.12 3.13
CA THR A 397 -37.06 29.33 3.61
C THR A 397 -36.07 29.11 2.48
N MET A 398 -34.87 29.69 2.62
CA MET A 398 -33.78 29.54 1.65
C MET A 398 -32.44 29.51 2.38
N LEU A 399 -31.44 28.89 1.75
CA LEU A 399 -30.06 29.04 2.21
C LEU A 399 -29.43 30.33 1.69
N THR A 400 -28.39 30.79 2.37
CA THR A 400 -27.59 31.92 1.86
C THR A 400 -27.06 31.62 0.46
N SER A 401 -26.66 30.37 0.25
CA SER A 401 -26.13 29.92 -1.04
C SER A 401 -27.20 29.88 -2.13
N ASP A 402 -28.47 29.74 -1.75
CA ASP A 402 -29.58 29.89 -2.67
C ASP A 402 -29.77 31.37 -3.05
N LEU A 403 -29.77 32.25 -2.06
CA LEU A 403 -29.89 33.70 -2.33
C LEU A 403 -28.77 34.25 -3.20
N ALA A 404 -27.63 33.55 -3.26
CA ALA A 404 -26.55 33.92 -4.17
C ALA A 404 -27.03 34.06 -5.61
N LEU A 405 -27.99 33.23 -6.00
CA LEU A 405 -28.46 33.18 -7.37
C LEU A 405 -29.24 34.42 -7.80
N ILE A 406 -29.69 35.24 -6.85
CA ILE A 406 -30.28 36.55 -7.20
C ILE A 406 -29.45 37.74 -6.71
N ASN A 407 -28.23 37.47 -6.26
CA ASN A 407 -27.31 38.50 -5.78
C ASN A 407 -26.00 38.51 -6.55
N ASP A 408 -26.12 38.15 -7.83
CA ASP A 408 -25.03 38.20 -8.79
C ASP A 408 -25.68 38.59 -10.12
N PRO A 409 -25.11 39.57 -10.85
CA PRO A 409 -25.82 40.00 -12.05
C PRO A 409 -26.13 38.88 -13.04
N GLU A 410 -25.14 38.03 -13.31
CA GLU A 410 -25.29 36.96 -14.30
C GLU A 410 -26.28 35.88 -13.82
N TYR A 411 -26.13 35.43 -12.58
CA TYR A 411 -27.11 34.47 -12.05
C TYR A 411 -28.53 35.01 -12.00
N LEU A 412 -28.66 36.26 -11.58
CA LEU A 412 -29.98 36.91 -11.52
C LEU A 412 -30.65 36.89 -12.89
N LYS A 413 -29.90 37.20 -13.94
CA LYS A 413 -30.44 37.18 -15.29
C LYS A 413 -30.95 35.81 -15.70
N ILE A 414 -30.16 34.76 -15.43
CA ILE A 414 -30.56 33.40 -15.76
C ILE A 414 -31.79 33.03 -14.94
N SER A 415 -31.76 33.37 -13.66
CA SER A 415 -32.84 33.02 -12.73
C SER A 415 -34.16 33.63 -13.16
N GLN A 416 -34.13 34.91 -13.51
CA GLN A 416 -35.33 35.64 -13.95
C GLN A 416 -35.85 35.08 -15.26
N ARG A 417 -34.94 34.75 -16.17
CA ARG A 417 -35.31 34.14 -17.44
C ARG A 417 -36.03 32.82 -17.21
N TRP A 418 -35.52 32.02 -16.27
CA TRP A 418 -36.08 30.70 -16.04
C TRP A 418 -37.31 30.72 -15.15
N LEU A 419 -37.49 31.79 -14.38
CA LEU A 419 -38.77 32.03 -13.70
C LEU A 419 -39.87 32.05 -14.75
N GLU A 420 -39.63 32.83 -15.81
CA GLU A 420 -40.60 32.99 -16.92
C GLU A 420 -40.70 31.78 -17.83
N HIS A 421 -39.58 31.09 -18.04
CA HIS A 421 -39.49 30.01 -19.02
C HIS A 421 -38.89 28.78 -18.35
N PRO A 422 -39.67 28.11 -17.49
CA PRO A 422 -39.13 26.98 -16.74
C PRO A 422 -38.73 25.81 -17.65
N GLU A 423 -39.28 25.75 -18.87
CA GLU A 423 -38.86 24.72 -19.83
C GLU A 423 -37.36 24.84 -20.17
N GLU A 424 -36.82 26.05 -20.09
CA GLU A 424 -35.41 26.27 -20.39
C GLU A 424 -34.54 25.77 -19.24
N LEU A 425 -35.01 25.98 -18.02
CA LEU A 425 -34.41 25.36 -16.84
C LEU A 425 -34.40 23.85 -16.95
N ALA A 426 -35.52 23.29 -17.39
CA ALA A 426 -35.66 21.82 -17.48
C ALA A 426 -34.63 21.24 -18.44
N ASP A 427 -34.50 21.87 -19.60
CA ASP A 427 -33.56 21.41 -20.62
C ASP A 427 -32.13 21.51 -20.08
N ALA A 428 -31.80 22.63 -19.45
CA ALA A 428 -30.45 22.85 -18.96
C ALA A 428 -30.12 21.89 -17.86
N PHE A 429 -31.09 21.64 -16.98
CA PHE A 429 -30.86 20.75 -15.85
C PHE A 429 -30.67 19.31 -16.34
N ALA A 430 -31.45 18.88 -17.32
CA ALA A 430 -31.30 17.51 -17.83
C ALA A 430 -29.87 17.31 -18.37
N LYS A 431 -29.41 18.29 -19.13
CA LYS A 431 -28.08 18.25 -19.72
C LYS A 431 -26.97 18.34 -18.67
N ALA A 432 -27.10 19.25 -17.71
CA ALA A 432 -26.10 19.43 -16.66
C ALA A 432 -26.04 18.24 -15.70
N TRP A 433 -27.19 17.67 -15.37
CA TRP A 433 -27.26 16.47 -14.53
C TRP A 433 -26.61 15.27 -15.21
N PHE A 434 -26.88 15.10 -16.49
CA PHE A 434 -26.28 14.00 -17.23
C PHE A 434 -24.75 14.16 -17.25
N LYS A 435 -24.30 15.38 -17.51
CA LYS A 435 -22.87 15.73 -17.49
C LYS A 435 -22.25 15.46 -16.13
N LEU A 436 -22.89 15.95 -15.08
CA LEU A 436 -22.45 15.75 -13.69
C LEU A 436 -22.19 14.28 -13.41
N LEU A 437 -23.15 13.43 -13.79
CA LEU A 437 -23.07 12.00 -13.48
C LEU A 437 -22.09 11.21 -14.34
N HIS A 438 -21.78 11.72 -15.54
CA HIS A 438 -21.04 10.93 -16.52
C HIS A 438 -19.71 11.54 -16.96
N ARG A 439 -19.38 12.71 -16.43
CA ARG A 439 -18.18 13.03 -17.27
CA ARG A 439 -18.15 13.48 -16.82
C ARG A 439 -16.86 12.67 -16.66
N ASP A 440 -16.84 11.72 -15.73
CA ASP A 440 -15.63 10.92 -15.48
C ASP A 440 -15.75 9.46 -15.92
N LEU A 441 -16.75 9.15 -16.74
CA LEU A 441 -16.96 7.80 -17.22
C LEU A 441 -16.06 7.49 -18.41
N GLY A 442 -15.54 8.53 -19.04
CA GLY A 442 -14.62 8.38 -20.17
C GLY A 442 -15.35 8.32 -21.50
N PRO A 443 -14.72 7.65 -22.50
CA PRO A 443 -15.27 7.58 -23.85
C PRO A 443 -16.64 6.91 -23.88
N THR A 444 -17.45 7.29 -24.87
CA THR A 444 -18.79 6.73 -25.10
CA THR A 444 -18.79 6.72 -24.95
C THR A 444 -18.81 5.21 -25.18
N THR A 445 -17.72 4.64 -25.71
CA THR A 445 -17.59 3.19 -25.76
C THR A 445 -17.71 2.51 -24.38
N ARG A 446 -17.46 3.24 -23.30
CA ARG A 446 -17.58 2.71 -21.95
C ARG A 446 -19.00 2.71 -21.39
N TYR A 447 -19.90 3.47 -22.01
CA TYR A 447 -21.24 3.66 -21.45
C TYR A 447 -22.08 2.40 -21.74
N LEU A 448 -22.71 1.85 -20.70
CA LEU A 448 -23.47 0.61 -20.81
C LEU A 448 -24.94 0.83 -20.53
N GLY A 449 -25.77 -0.08 -21.03
CA GLY A 449 -27.17 -0.08 -20.71
C GLY A 449 -28.04 0.40 -21.86
N PRO A 450 -29.36 0.32 -21.67
CA PRO A 450 -30.32 0.54 -22.74
C PRO A 450 -30.79 1.98 -22.94
N GLU A 451 -30.32 2.92 -22.12
CA GLU A 451 -30.78 4.31 -22.25
C GLU A 451 -29.63 5.31 -22.24
N VAL A 452 -28.57 4.96 -22.96
CA VAL A 452 -27.47 5.88 -23.14
C VAL A 452 -27.95 7.01 -24.08
N PRO A 453 -27.85 8.29 -23.63
CA PRO A 453 -28.28 9.36 -24.52
C PRO A 453 -27.60 9.33 -25.87
N LYS A 454 -28.38 9.57 -26.92
CA LYS A 454 -27.86 9.57 -28.28
C LYS A 454 -27.01 10.78 -28.64
N GLU A 455 -27.24 11.94 -28.01
CA GLU A 455 -26.46 13.13 -28.33
C GLU A 455 -25.02 12.95 -27.88
N SER A 456 -24.09 13.34 -28.75
CA SER A 456 -22.68 13.33 -28.38
CA SER A 456 -22.67 13.34 -28.43
C SER A 456 -22.31 14.72 -27.87
N PHE A 457 -21.82 14.78 -26.63
CA PHE A 457 -21.49 16.05 -25.95
C PHE A 457 -19.98 16.30 -25.91
N ILE A 458 -19.59 17.58 -25.97
CA ILE A 458 -18.18 17.95 -26.05
C ILE A 458 -17.35 17.42 -24.87
N TRP A 459 -17.93 17.40 -23.68
CA TRP A 459 -17.22 16.96 -22.48
C TRP A 459 -16.98 15.45 -22.44
N GLN A 460 -17.56 14.73 -23.41
CA GLN A 460 -17.28 13.31 -23.60
C GLN A 460 -16.05 13.05 -24.47
N ASP A 461 -15.41 14.13 -24.95
CA ASP A 461 -14.26 14.06 -25.87
C ASP A 461 -14.57 13.09 -27.01
N PRO A 462 -15.62 13.39 -27.78
CA PRO A 462 -16.18 12.43 -28.72
C PRO A 462 -15.23 12.05 -29.85
N LEU A 463 -15.45 10.85 -30.37
CA LEU A 463 -14.72 10.31 -31.50
C LEU A 463 -15.69 9.92 -32.60
N PRO A 464 -15.27 10.10 -33.85
CA PRO A 464 -16.10 9.66 -34.97
C PRO A 464 -16.10 8.16 -35.14
N ALA A 465 -17.06 7.67 -35.92
CA ALA A 465 -17.01 6.31 -36.42
C ALA A 465 -15.80 6.11 -37.34
N ARG A 466 -15.27 4.90 -37.36
CA ARG A 466 -14.12 4.60 -38.21
C ARG A 466 -14.46 4.81 -39.69
N GLU A 467 -13.43 5.10 -40.50
CA GLU A 467 -13.58 5.19 -41.95
C GLU A 467 -12.74 4.09 -42.62
N GLY A 468 -13.39 3.22 -43.38
CA GLY A 468 -12.69 2.14 -44.07
C GLY A 468 -12.59 0.84 -43.29
N ASP A 469 -12.13 -0.21 -43.96
CA ASP A 469 -11.95 -1.48 -43.31
C ASP A 469 -10.67 -1.44 -42.46
N LEU A 470 -10.66 -2.23 -41.40
CA LEU A 470 -9.56 -2.28 -40.45
C LEU A 470 -8.34 -2.97 -41.08
N ILE A 471 -7.17 -2.36 -40.94
CA ILE A 471 -5.90 -2.97 -41.38
C ILE A 471 -5.63 -4.30 -40.67
N ASP A 472 -5.05 -5.25 -41.42
CA ASP A 472 -4.69 -6.56 -40.89
C ASP A 472 -3.19 -6.63 -40.66
N ASP A 473 -2.73 -7.81 -40.23
CA ASP A 473 -1.33 -8.00 -39.85
C ASP A 473 -0.38 -7.68 -40.97
N ALA A 474 -0.70 -8.15 -42.18
CA ALA A 474 0.13 -7.86 -43.34
C ALA A 474 0.21 -6.37 -43.62
N ASP A 475 -0.91 -5.67 -43.45
CA ASP A 475 -0.95 -4.22 -43.65
C ASP A 475 -0.08 -3.53 -42.61
N VAL A 476 -0.19 -3.98 -41.37
CA VAL A 476 0.62 -3.43 -40.25
C VAL A 476 2.12 -3.58 -40.56
N ASP A 477 2.52 -4.75 -41.07
CA ASP A 477 3.92 -4.98 -41.41
C ASP A 477 4.40 -4.05 -42.51
N LYS A 478 3.58 -3.89 -43.55
CA LYS A 478 3.88 -2.99 -44.64
C LYS A 478 3.97 -1.54 -44.15
N LEU A 479 3.06 -1.15 -43.26
CA LEU A 479 3.09 0.22 -42.71
C LEU A 479 4.30 0.47 -41.80
N LYS A 480 4.67 -0.49 -40.97
CA LYS A 480 5.91 -0.35 -40.16
C LYS A 480 7.11 -0.12 -41.06
N ALA A 481 7.25 -0.93 -42.11
CA ALA A 481 8.36 -0.75 -43.06
C ALA A 481 8.34 0.62 -43.74
N ALA A 482 7.14 1.10 -44.10
CA ALA A 482 7.03 2.40 -44.75
C ALA A 482 7.45 3.52 -43.81
N ILE A 483 6.95 3.44 -42.57
CA ILE A 483 7.26 4.45 -41.56
C ILE A 483 8.76 4.55 -41.32
N LEU A 484 9.38 3.41 -41.08
CA LEU A 484 10.80 3.38 -40.74
C LEU A 484 11.70 3.82 -41.90
N SER A 485 11.20 3.73 -43.13
CA SER A 485 11.94 4.19 -44.31
C SER A 485 11.56 5.60 -44.77
N THR A 486 10.76 6.32 -43.99
CA THR A 486 10.31 7.65 -44.36
C THR A 486 11.31 8.71 -43.86
N ASP A 487 11.73 9.60 -44.76
CA ASP A 487 12.62 10.71 -44.40
C ASP A 487 12.02 11.52 -43.26
N GLY A 488 12.85 11.87 -42.30
CA GLY A 488 12.45 12.71 -41.17
C GLY A 488 11.93 11.92 -39.97
N LEU A 489 11.72 10.63 -40.15
CA LEU A 489 11.31 9.77 -39.06
C LEU A 489 12.53 8.95 -38.65
N ASP A 490 12.80 8.92 -37.36
CA ASP A 490 13.77 8.00 -36.79
C ASP A 490 13.22 7.43 -35.49
N VAL A 491 13.97 6.49 -34.93
CA VAL A 491 13.52 5.80 -33.72
C VAL A 491 13.21 6.79 -32.58
N SER A 492 14.13 7.71 -32.31
CA SER A 492 13.97 8.67 -31.21
C SER A 492 12.69 9.50 -31.36
N LYS A 493 12.47 10.08 -32.54
CA LYS A 493 11.30 10.93 -32.75
C LYS A 493 10.00 10.13 -32.71
N LEU A 494 10.01 8.94 -33.31
CA LEU A 494 8.81 8.12 -33.33
C LEU A 494 8.39 7.68 -31.91
N ALA A 495 9.36 7.22 -31.13
CA ALA A 495 9.08 6.82 -29.75
C ALA A 495 8.62 8.00 -28.92
N SER A 496 9.29 9.14 -29.06
CA SER A 496 8.96 10.34 -28.30
C SER A 496 7.55 10.82 -28.61
N THR A 497 7.18 10.84 -29.90
CA THR A 497 5.86 11.33 -30.32
C THR A 497 4.76 10.40 -29.80
N ALA A 498 4.95 9.10 -29.90
CA ALA A 498 3.94 8.16 -29.43
C ALA A 498 3.72 8.30 -27.91
N MET A 499 4.81 8.43 -27.16
CA MET A 499 4.66 8.52 -25.72
C MET A 499 4.04 9.86 -25.34
N ALA A 500 4.38 10.93 -26.06
CA ALA A 500 3.78 12.25 -25.79
C ALA A 500 2.28 12.20 -25.96
N CYS A 501 1.82 11.44 -26.96
CA CYS A 501 0.41 11.30 -27.20
CA CYS A 501 0.41 11.34 -27.17
CA CYS A 501 0.39 11.23 -27.18
C CYS A 501 -0.25 10.43 -26.11
N ALA A 502 0.43 9.36 -25.70
CA ALA A 502 -0.17 8.38 -24.77
C ALA A 502 -0.32 8.88 -23.35
N THR A 503 0.62 9.70 -22.90
CA THR A 503 0.69 10.05 -21.47
C THR A 503 -0.30 11.14 -21.09
N THR A 504 -1.08 11.61 -22.05
CA THR A 504 -2.21 12.47 -21.74
C THR A 504 -3.31 11.69 -21.03
N TYR A 505 -3.30 10.36 -21.14
CA TYR A 505 -4.28 9.53 -20.45
C TYR A 505 -4.21 9.71 -18.95
N ARG A 506 -5.37 9.80 -18.32
CA ARG A 506 -5.44 9.75 -16.87
C ARG A 506 -6.62 8.87 -16.45
N ASN A 507 -6.33 7.92 -15.58
CA ASN A 507 -7.33 6.92 -15.23
C ASN A 507 -8.43 7.46 -14.35
N SER A 508 -8.17 8.57 -13.70
CA SER A 508 -9.16 9.13 -12.77
C SER A 508 -10.48 9.46 -13.47
N ASP A 509 -10.42 10.10 -14.64
CA ASP A 509 -11.63 10.42 -15.39
C ASP A 509 -11.63 9.83 -16.81
N LYS A 510 -10.63 8.99 -17.06
CA LYS A 510 -10.52 8.23 -18.30
C LYS A 510 -10.45 9.08 -19.56
N ARG A 511 -9.89 10.27 -19.41
CA ARG A 511 -9.63 11.17 -20.51
C ARG A 511 -8.22 10.97 -21.03
N GLY A 512 -7.99 11.41 -22.27
CA GLY A 512 -6.66 11.39 -22.86
C GLY A 512 -6.29 10.04 -23.47
N GLY A 513 -5.04 9.93 -23.91
CA GLY A 513 -4.59 8.74 -24.61
C GLY A 513 -4.39 9.01 -26.10
N CYS A 514 -4.03 7.95 -26.81
CA CYS A 514 -3.68 8.05 -28.23
C CYS A 514 -4.86 8.03 -29.18
N ASN A 515 -5.98 7.46 -28.77
CA ASN A 515 -7.13 7.41 -29.67
C ASN A 515 -7.60 8.83 -29.97
N GLY A 516 -7.89 9.13 -31.24
CA GLY A 516 -8.25 10.47 -31.64
C GLY A 516 -7.14 11.28 -32.29
N ALA A 517 -5.88 10.87 -32.13
CA ALA A 517 -4.75 11.64 -32.66
C ALA A 517 -4.81 13.11 -32.27
N ARG A 518 -5.17 13.38 -31.02
CA ARG A 518 -5.35 14.75 -30.61
C ARG A 518 -4.04 15.51 -30.46
N ILE A 519 -2.91 14.81 -30.46
CA ILE A 519 -1.63 15.49 -30.52
C ILE A 519 -1.51 16.35 -31.81
N ALA A 520 -2.27 15.99 -32.85
CA ALA A 520 -2.27 16.73 -34.11
C ALA A 520 -3.16 17.98 -34.09
N LEU A 521 -3.99 18.09 -33.05
CA LEU A 521 -4.97 19.18 -32.94
C LEU A 521 -4.56 20.18 -31.88
N GLU A 522 -5.23 21.36 -31.87
CA GLU A 522 -5.07 22.29 -30.76
C GLU A 522 -5.76 21.67 -29.53
N PRO A 523 -5.18 21.89 -28.34
CA PRO A 523 -3.98 22.64 -28.08
C PRO A 523 -2.70 21.82 -28.14
N GLN A 524 -2.80 20.49 -28.20
CA GLN A 524 -1.61 19.66 -28.03
C GLN A 524 -0.50 19.91 -29.06
N ARG A 525 -0.87 20.23 -30.31
CA ARG A 525 0.15 20.44 -31.32
C ARG A 525 1.04 21.65 -31.04
N ASN A 526 0.58 22.53 -30.15
CA ASN A 526 1.32 23.70 -29.75
C ASN A 526 1.94 23.64 -28.36
N TRP A 527 1.75 22.53 -27.64
CA TRP A 527 2.34 22.38 -26.33
C TRP A 527 3.85 22.45 -26.46
N VAL A 528 4.48 23.32 -25.68
CA VAL A 528 5.94 23.42 -25.76
C VAL A 528 6.60 22.10 -25.39
N SER A 529 5.96 21.34 -24.49
CA SER A 529 6.43 20.01 -24.13
C SER A 529 6.41 19.00 -25.29
N ASN A 530 5.69 19.30 -26.39
CA ASN A 530 5.64 18.47 -27.60
C ASN A 530 6.60 18.92 -28.71
N ASN A 531 7.39 19.97 -28.45
CA ASN A 531 8.38 20.46 -29.43
C ASN A 531 7.69 20.72 -30.77
N PRO A 532 6.81 21.73 -30.81
CA PRO A 532 5.89 21.88 -31.93
C PRO A 532 6.51 21.89 -33.33
N THR A 533 7.69 22.50 -33.51
CA THR A 533 8.38 22.51 -34.80
CA THR A 533 8.29 22.50 -34.84
C THR A 533 8.71 21.08 -35.26
N GLN A 534 9.27 20.30 -34.34
CA GLN A 534 9.62 18.91 -34.66
C GLN A 534 8.36 18.09 -34.92
N LEU A 535 7.36 18.25 -34.04
CA LEU A 535 6.13 17.49 -34.14
C LEU A 535 5.47 17.70 -35.49
N SER A 536 5.46 18.93 -35.96
CA SER A 536 4.84 19.26 -37.23
C SER A 536 5.45 18.42 -38.37
N ALA A 537 6.77 18.30 -38.37
CA ALA A 537 7.49 17.53 -39.41
C ALA A 537 7.21 16.02 -39.30
N VAL A 538 7.16 15.53 -38.08
CA VAL A 538 6.86 14.14 -37.82
C VAL A 538 5.46 13.82 -38.32
N LEU A 539 4.50 14.68 -37.99
CA LEU A 539 3.12 14.44 -38.39
C LEU A 539 2.96 14.54 -39.91
N ASP A 540 3.68 15.46 -40.54
CA ASP A 540 3.63 15.59 -42.00
C ASP A 540 4.10 14.30 -42.64
N ALA A 541 5.17 13.71 -42.10
CA ALA A 541 5.71 12.47 -42.61
C ALA A 541 4.70 11.33 -42.43
N LEU A 542 4.08 11.25 -41.26
CA LEU A 542 3.09 10.21 -41.02
C LEU A 542 1.88 10.41 -41.93
N LYS A 543 1.55 11.66 -42.23
CA LYS A 543 0.45 11.94 -43.14
C LYS A 543 0.77 11.50 -44.58
N LYS A 544 2.05 11.52 -44.95
CA LYS A 544 2.48 10.98 -46.26
C LYS A 544 2.30 9.47 -46.30
N VAL A 545 2.72 8.80 -45.24
CA VAL A 545 2.50 7.36 -45.12
C VAL A 545 1.00 7.06 -45.23
N GLN A 546 0.18 7.86 -44.57
CA GLN A 546 -1.26 7.66 -44.61
C GLN A 546 -1.80 7.81 -46.04
N SER A 547 -1.37 8.88 -46.70
CA SER A 547 -1.85 9.19 -48.07
C SER A 547 -1.49 8.07 -49.03
N ASP A 548 -0.29 7.53 -48.89
CA ASP A 548 0.23 6.46 -49.75
C ASP A 548 -0.56 5.16 -49.59
N PHE A 549 -1.00 4.88 -48.36
CA PHE A 549 -1.73 3.67 -48.04
C PHE A 549 -3.21 3.77 -48.40
N ASN A 550 -3.83 4.86 -47.97
CA ASN A 550 -5.25 5.05 -48.13
C ASN A 550 -5.60 5.33 -49.59
N GLY A 551 -6.51 4.53 -50.14
CA GLY A 551 -6.77 4.57 -51.59
C GLY A 551 -5.95 3.61 -52.45
N SER A 552 -4.87 3.03 -51.91
CA SER A 552 -4.09 2.00 -52.63
C SER A 552 -4.21 0.57 -52.05
N ASN A 553 -5.12 0.39 -51.08
CA ASN A 553 -5.29 -0.89 -50.43
C ASN A 553 -6.75 -1.28 -50.32
N GLY A 554 -7.48 -1.07 -51.42
CA GLY A 554 -8.89 -1.39 -51.46
C GLY A 554 -9.65 -0.57 -50.44
N ASN A 555 -10.51 -1.24 -49.68
CA ASN A 555 -11.34 -0.59 -48.67
C ASN A 555 -10.64 -0.35 -47.34
N LYS A 556 -9.42 -0.88 -47.19
CA LYS A 556 -8.66 -0.68 -45.96
C LYS A 556 -8.15 0.76 -45.86
N LYS A 557 -8.34 1.38 -44.70
CA LYS A 557 -7.87 2.73 -44.49
C LYS A 557 -7.28 2.80 -43.10
N VAL A 558 -6.17 3.49 -43.00
CA VAL A 558 -5.49 3.70 -41.69
C VAL A 558 -5.61 5.13 -41.21
N SER A 559 -5.82 5.27 -39.91
CA SER A 559 -5.93 6.57 -39.25
C SER A 559 -4.56 7.11 -38.84
N LEU A 560 -4.45 8.43 -38.74
CA LEU A 560 -3.26 9.05 -38.21
C LEU A 560 -3.01 8.59 -36.78
N ALA A 561 -4.06 8.40 -36.00
CA ALA A 561 -3.91 7.91 -34.62
C ALA A 561 -3.18 6.56 -34.56
N ASP A 562 -3.63 5.61 -35.40
CA ASP A 562 -2.94 4.35 -35.49
C ASP A 562 -1.51 4.51 -36.00
N LEU A 563 -1.25 5.41 -36.94
CA LEU A 563 0.12 5.60 -37.46
C LEU A 563 1.07 6.16 -36.40
N ILE A 564 0.57 7.06 -35.56
CA ILE A 564 1.42 7.59 -34.49
C ILE A 564 1.85 6.45 -33.54
N VAL A 565 0.89 5.65 -33.11
CA VAL A 565 1.19 4.55 -32.21
C VAL A 565 2.02 3.48 -32.92
N LEU A 566 1.61 3.10 -34.14
CA LEU A 566 2.35 2.09 -34.90
C LEU A 566 3.79 2.54 -35.16
N GLY A 567 4.01 3.82 -35.41
CA GLY A 567 5.35 4.38 -35.58
C GLY A 567 6.24 4.18 -34.37
N GLY A 568 5.73 4.57 -33.20
CA GLY A 568 6.46 4.32 -31.96
C GLY A 568 6.71 2.84 -31.72
N THR A 569 5.71 2.04 -32.02
CA THR A 569 5.76 0.61 -31.83
C THR A 569 6.82 -0.02 -32.76
N ALA A 570 6.83 0.39 -34.03
CA ALA A 570 7.85 -0.01 -35.00
C ALA A 570 9.26 0.40 -34.56
N ALA A 571 9.36 1.60 -34.00
CA ALA A 571 10.62 2.13 -33.46
C ALA A 571 11.15 1.26 -32.32
N VAL A 572 10.27 0.89 -31.40
CA VAL A 572 10.66 0.07 -30.27
C VAL A 572 11.13 -1.31 -30.78
N GLU A 573 10.41 -1.86 -31.75
CA GLU A 573 10.75 -3.18 -32.33
C GLU A 573 12.14 -3.12 -32.97
N LYS A 574 12.37 -2.07 -33.74
CA LYS A 574 13.65 -1.85 -34.42
C LYS A 574 14.76 -1.66 -33.41
N ALA A 575 14.49 -0.86 -32.37
CA ALA A 575 15.48 -0.62 -31.34
C ALA A 575 15.87 -1.91 -30.61
N ALA A 576 14.90 -2.79 -30.37
CA ALA A 576 15.17 -4.09 -29.75
C ALA A 576 16.06 -4.92 -30.70
N LYS A 577 15.69 -4.97 -31.97
CA LYS A 577 16.43 -5.74 -32.96
C LYS A 577 17.86 -5.20 -33.05
N ASP A 578 18.00 -3.88 -33.03
CA ASP A 578 19.33 -3.31 -33.09
C ASP A 578 20.15 -3.58 -31.84
N ALA A 579 19.50 -3.95 -30.75
CA ALA A 579 20.16 -4.36 -29.53
C ALA A 579 20.37 -5.89 -29.46
N GLY A 580 20.09 -6.58 -30.57
CA GLY A 580 20.29 -8.02 -30.66
C GLY A 580 19.14 -8.88 -30.21
N VAL A 581 17.94 -8.29 -30.08
CA VAL A 581 16.79 -9.02 -29.60
C VAL A 581 15.63 -8.99 -30.60
N ASP A 582 15.20 -10.15 -31.04
CA ASP A 582 14.06 -10.29 -31.92
C ASP A 582 12.86 -10.53 -31.04
N ILE A 583 12.01 -9.51 -30.92
CA ILE A 583 10.79 -9.61 -30.08
C ILE A 583 9.60 -9.07 -30.87
N LYS A 584 8.44 -9.73 -30.72
CA LYS A 584 7.17 -9.21 -31.22
C LYS A 584 6.77 -8.01 -30.39
N VAL A 585 6.51 -6.89 -31.04
CA VAL A 585 5.94 -5.77 -30.30
C VAL A 585 4.49 -5.66 -30.73
N PRO A 586 3.57 -6.05 -29.85
CA PRO A 586 2.16 -6.13 -30.26
C PRO A 586 1.67 -4.78 -30.74
N PHE A 587 0.71 -4.78 -31.65
CA PHE A 587 0.03 -3.55 -32.05
C PHE A 587 -1.44 -3.84 -32.17
N SER A 588 -2.28 -2.98 -31.58
CA SER A 588 -3.73 -3.12 -31.71
C SER A 588 -4.27 -1.99 -32.57
N ALA A 589 -4.72 -2.32 -33.77
CA ALA A 589 -5.24 -1.30 -34.67
C ALA A 589 -6.65 -0.86 -34.26
N GLY A 590 -7.13 0.19 -34.93
CA GLY A 590 -8.53 0.61 -34.85
C GLY A 590 -8.82 1.99 -34.26
N ARG A 591 -7.78 2.70 -33.85
CA ARG A 591 -7.94 4.09 -33.43
C ARG A 591 -8.51 4.94 -34.57
N VAL A 592 -9.24 5.98 -34.20
CA VAL A 592 -9.79 6.94 -35.13
C VAL A 592 -9.21 8.34 -34.88
N ASP A 593 -9.45 9.25 -35.81
CA ASP A 593 -8.93 10.62 -35.74
C ASP A 593 -10.05 11.58 -35.36
N ALA A 594 -9.88 12.25 -34.23
CA ALA A 594 -10.86 13.25 -33.79
C ALA A 594 -10.75 14.49 -34.66
N THR A 595 -11.82 15.28 -34.65
CA THR A 595 -11.80 16.60 -35.25
C THR A 595 -11.56 17.65 -34.19
N GLN A 596 -11.18 18.83 -34.65
CA GLN A 596 -11.01 19.96 -33.74
C GLN A 596 -12.30 20.32 -33.02
N GLU A 597 -13.42 20.16 -33.71
CA GLU A 597 -14.72 20.45 -33.15
C GLU A 597 -15.08 19.50 -32.00
N GLN A 598 -14.48 18.32 -32.00
CA GLN A 598 -14.63 17.35 -30.93
C GLN A 598 -13.58 17.48 -29.82
N THR A 599 -12.75 18.53 -29.89
CA THR A 599 -11.56 18.65 -29.05
C THR A 599 -11.51 20.04 -28.43
N ASP A 600 -12.09 20.14 -27.24
CA ASP A 600 -12.22 21.43 -26.53
C ASP A 600 -10.88 21.91 -25.97
N VAL A 601 -10.46 23.12 -26.35
CA VAL A 601 -9.19 23.68 -25.90
C VAL A 601 -9.10 23.77 -24.35
N THR A 602 -10.15 24.28 -23.70
CA THR A 602 -10.11 24.37 -22.24
C THR A 602 -9.89 23.02 -21.56
N GLN A 603 -10.76 22.06 -21.87
CA GLN A 603 -10.74 20.69 -21.34
CA GLN A 603 -10.64 20.80 -21.17
C GLN A 603 -9.35 20.06 -21.55
N PHE A 604 -8.83 20.25 -22.75
CA PHE A 604 -7.53 19.64 -23.08
C PHE A 604 -6.33 20.38 -22.50
N SER A 605 -6.47 21.68 -22.22
CA SER A 605 -5.41 22.42 -21.58
C SER A 605 -5.11 21.83 -20.20
N TYR A 606 -6.10 21.21 -19.57
CA TYR A 606 -5.92 20.57 -18.26
C TYR A 606 -5.04 19.32 -18.31
N LEU A 607 -4.79 18.81 -19.51
CA LEU A 607 -3.93 17.64 -19.66
C LEU A 607 -2.49 18.01 -20.00
N GLU A 608 -2.20 19.31 -20.13
CA GLU A 608 -0.86 19.75 -20.47
C GLU A 608 0.08 19.56 -19.29
N PRO A 609 1.16 18.79 -19.46
CA PRO A 609 2.09 18.59 -18.36
C PRO A 609 3.02 19.78 -18.12
N GLN A 610 3.34 20.03 -16.85
CA GLN A 610 4.37 21.01 -16.48
CA GLN A 610 4.38 21.02 -16.52
C GLN A 610 5.75 20.37 -16.41
N ALA A 611 5.76 19.05 -16.23
CA ALA A 611 7.00 18.27 -16.28
C ALA A 611 6.64 16.90 -16.82
N ASP A 612 7.56 16.28 -17.54
CA ASP A 612 7.34 14.92 -18.06
C ASP A 612 8.64 14.14 -17.92
N GLY A 613 8.62 13.10 -17.09
CA GLY A 613 9.81 12.34 -16.82
C GLY A 613 10.19 11.37 -17.91
N PHE A 614 9.21 10.89 -18.67
CA PHE A 614 9.49 9.97 -19.79
CA PHE A 614 9.49 9.98 -19.79
C PHE A 614 10.28 10.63 -20.91
N ARG A 615 10.12 11.95 -21.07
CA ARG A 615 10.74 12.68 -22.17
C ARG A 615 11.62 13.83 -21.67
N ASN A 616 11.90 13.84 -20.36
CA ASN A 616 12.77 14.85 -19.74
C ASN A 616 12.41 16.29 -20.09
N TYR A 617 11.14 16.59 -19.94
CA TYR A 617 10.62 17.94 -20.09
C TYR A 617 10.34 18.60 -18.73
N GLY A 618 10.70 19.88 -18.64
CA GLY A 618 10.17 20.74 -17.61
C GLY A 618 10.75 20.51 -16.23
N ARG A 619 9.96 20.86 -15.23
CA ARG A 619 10.41 20.81 -13.84
CA ARG A 619 10.38 20.70 -13.85
C ARG A 619 9.22 20.97 -12.92
N GLY A 620 9.43 20.66 -11.64
CA GLY A 620 8.42 20.81 -10.63
C GLY A 620 8.55 22.16 -9.98
N THR A 621 7.82 22.31 -8.88
CA THR A 621 7.82 23.53 -8.06
C THR A 621 8.00 23.08 -6.61
N ALA A 622 8.02 24.03 -5.68
CA ALA A 622 8.25 23.70 -4.26
C ALA A 622 7.35 22.58 -3.76
N ARG A 623 6.07 22.71 -4.07
CA ARG A 623 5.06 21.80 -3.55
C ARG A 623 4.82 20.58 -4.41
N ALA A 624 5.50 20.49 -5.55
CA ALA A 624 5.44 19.29 -6.36
C ALA A 624 6.76 19.17 -7.08
N ARG A 625 7.69 18.42 -6.49
CA ARG A 625 9.00 18.24 -7.09
C ARG A 625 8.86 17.45 -8.39
N THR A 626 9.83 17.64 -9.28
CA THR A 626 9.88 16.93 -10.56
C THR A 626 9.54 15.44 -10.43
N GLU A 627 10.20 14.76 -9.51
CA GLU A 627 10.02 13.34 -9.35
C GLU A 627 8.65 13.00 -8.75
N GLU A 628 8.07 13.89 -7.93
CA GLU A 628 6.70 13.72 -7.45
C GLU A 628 5.67 13.82 -8.57
N ILE A 629 5.88 14.79 -9.48
CA ILE A 629 4.99 14.89 -10.63
C ILE A 629 5.03 13.58 -11.46
N MET A 630 6.23 13.05 -11.63
CA MET A 630 6.42 11.81 -12.36
C MET A 630 5.65 10.65 -11.75
N VAL A 631 5.75 10.50 -10.44
CA VAL A 631 5.06 9.41 -9.75
C VAL A 631 3.54 9.63 -9.85
N ASP A 632 3.10 10.88 -9.72
CA ASP A 632 1.66 11.18 -9.83
C ASP A 632 1.17 10.80 -11.24
N LYS A 633 1.93 11.16 -12.25
CA LYS A 633 1.56 10.81 -13.63
C LYS A 633 1.53 9.29 -13.82
N ALA A 634 2.54 8.61 -13.29
CA ALA A 634 2.61 7.16 -13.31
C ALA A 634 1.34 6.53 -12.71
N SER A 635 0.88 7.09 -11.59
CA SER A 635 -0.35 6.61 -10.94
C SER A 635 -1.57 6.74 -11.86
N GLN A 636 -1.63 7.86 -12.57
CA GLN A 636 -2.70 8.12 -13.50
C GLN A 636 -2.64 7.23 -14.74
N LEU A 637 -1.45 6.71 -15.05
CA LEU A 637 -1.27 5.70 -16.08
C LEU A 637 -1.42 4.26 -15.59
N THR A 638 -1.75 4.10 -14.31
CA THR A 638 -1.86 2.79 -13.64
C THR A 638 -0.56 1.98 -13.58
N LEU A 639 0.57 2.67 -13.67
CA LEU A 639 1.85 1.99 -13.67
C LEU A 639 2.27 1.54 -12.29
N THR A 640 2.91 0.38 -12.25
CA THR A 640 3.59 -0.08 -11.04
C THR A 640 5.00 0.52 -10.98
N PRO A 641 5.67 0.43 -9.80
CA PRO A 641 7.03 0.97 -9.79
C PRO A 641 7.97 0.32 -10.83
N PRO A 642 7.94 -1.01 -11.00
CA PRO A 642 8.78 -1.57 -12.08
C PRO A 642 8.42 -1.06 -13.47
N GLU A 643 7.16 -0.87 -13.75
CA GLU A 643 6.73 -0.37 -15.07
C GLU A 643 7.19 1.07 -15.32
N LEU A 644 7.02 1.94 -14.33
CA LEU A 644 7.56 3.31 -14.44
C LEU A 644 9.06 3.28 -14.72
N THR A 645 9.76 2.45 -13.97
CA THR A 645 11.22 2.44 -14.00
C THR A 645 11.71 1.96 -15.37
N VAL A 646 11.14 0.87 -15.86
CA VAL A 646 11.59 0.29 -17.13
C VAL A 646 11.32 1.28 -18.27
N LEU A 647 10.18 1.97 -18.22
CA LEU A 647 9.83 2.91 -19.30
C LEU A 647 10.78 4.10 -19.35
N VAL A 648 11.10 4.68 -18.19
CA VAL A 648 12.04 5.80 -18.18
C VAL A 648 13.38 5.36 -18.76
N GLY A 649 13.90 4.24 -18.27
CA GLY A 649 15.20 3.74 -18.71
C GLY A 649 15.21 3.46 -20.20
N GLY A 650 14.13 2.90 -20.71
CA GLY A 650 14.05 2.60 -22.14
C GLY A 650 13.93 3.84 -22.98
N MET A 651 13.12 4.80 -22.55
CA MET A 651 13.01 6.05 -23.28
C MET A 651 14.37 6.73 -23.41
N ARG A 652 15.17 6.70 -22.34
CA ARG A 652 16.50 7.29 -22.40
C ARG A 652 17.38 6.56 -23.40
N ALA A 653 17.38 5.24 -23.38
CA ALA A 653 18.16 4.43 -24.34
C ALA A 653 17.78 4.76 -25.78
N LEU A 654 16.50 5.03 -26.01
CA LEU A 654 15.98 5.40 -27.32
C LEU A 654 16.30 6.84 -27.75
N GLY A 655 16.86 7.64 -26.84
CA GLY A 655 17.05 9.06 -27.10
C GLY A 655 15.76 9.80 -27.31
N ALA A 656 14.72 9.44 -26.56
CA ALA A 656 13.37 9.94 -26.82
C ALA A 656 13.00 11.20 -26.01
N ASN A 657 13.95 12.04 -25.67
CA ASN A 657 13.63 13.29 -24.98
C ASN A 657 12.84 14.21 -25.91
N TYR A 658 12.02 15.07 -25.32
CA TYR A 658 11.09 15.90 -26.09
C TYR A 658 11.81 16.80 -27.11
N ASP A 659 13.01 17.22 -26.77
CA ASP A 659 13.81 18.13 -27.58
C ASP A 659 15.06 17.47 -28.16
N GLY A 660 15.16 16.15 -28.03
CA GLY A 660 16.33 15.43 -28.54
C GLY A 660 17.62 15.69 -27.77
N SER A 661 17.52 16.24 -26.56
CA SER A 661 18.72 16.48 -25.75
C SER A 661 19.39 15.18 -25.29
N ASP A 662 20.61 15.29 -24.75
CA ASP A 662 21.27 14.14 -24.16
C ASP A 662 21.11 14.05 -22.64
N VAL A 663 20.18 14.82 -22.08
CA VAL A 663 19.97 14.79 -20.62
C VAL A 663 19.37 13.43 -20.28
N GLY A 664 20.06 12.69 -19.42
CA GLY A 664 19.64 11.35 -19.02
C GLY A 664 19.96 10.26 -20.02
N VAL A 665 20.52 10.64 -21.17
CA VAL A 665 20.78 9.64 -22.24
C VAL A 665 22.16 9.03 -21.99
N PHE A 666 22.20 8.18 -20.96
CA PHE A 666 23.45 7.61 -20.47
C PHE A 666 23.76 6.35 -21.27
N THR A 667 24.09 6.53 -22.53
CA THR A 667 24.37 5.42 -23.43
C THR A 667 25.25 5.91 -24.57
N ALA A 668 26.13 5.01 -25.03
CA ALA A 668 26.88 5.21 -26.27
C ALA A 668 26.17 4.59 -27.46
N ASN A 669 24.97 4.05 -27.22
CA ASN A 669 24.16 3.44 -28.28
C ASN A 669 22.70 3.91 -28.26
N LYS A 670 22.55 5.21 -28.38
CA LYS A 670 21.26 5.86 -28.47
C LYS A 670 20.47 5.28 -29.64
N GLY A 671 19.21 4.94 -29.38
CA GLY A 671 18.38 4.29 -30.38
C GLY A 671 18.35 2.77 -30.36
N LYS A 672 19.19 2.17 -29.53
CA LYS A 672 19.18 0.73 -29.30
C LYS A 672 18.56 0.51 -27.94
N LEU A 673 17.64 -0.43 -27.87
CA LEU A 673 16.89 -0.69 -26.63
C LEU A 673 17.72 -1.57 -25.67
N THR A 674 18.47 -0.91 -24.80
CA THR A 674 19.36 -1.54 -23.83
C THR A 674 19.12 -0.92 -22.45
N PRO A 675 19.60 -1.60 -21.38
CA PRO A 675 19.49 -1.07 -20.04
C PRO A 675 20.64 -0.10 -19.66
N ASP A 676 21.31 0.47 -20.66
CA ASP A 676 22.48 1.35 -20.42
C ASP A 676 22.18 2.44 -19.40
N PHE A 677 20.98 3.02 -19.45
CA PHE A 677 20.64 4.10 -18.53
C PHE A 677 20.93 3.64 -17.10
N PHE A 678 20.45 2.45 -16.77
CA PHE A 678 20.60 1.92 -15.40
C PHE A 678 22.04 1.57 -15.11
N VAL A 679 22.68 0.88 -16.05
CA VAL A 679 24.07 0.48 -15.88
C VAL A 679 24.95 1.69 -15.58
N ASN A 680 24.81 2.72 -16.37
CA ASN A 680 25.62 3.92 -16.18
C ASN A 680 25.21 4.75 -14.99
N LEU A 681 23.92 4.75 -14.67
CA LEU A 681 23.45 5.52 -13.52
C LEU A 681 24.12 5.00 -12.24
N VAL A 682 24.21 3.69 -12.11
CA VAL A 682 24.77 3.08 -10.89
C VAL A 682 26.28 2.79 -10.94
N ASP A 683 26.96 3.26 -11.99
CA ASP A 683 28.41 3.08 -12.15
C ASP A 683 29.10 3.99 -11.14
N MET A 684 29.72 3.41 -10.12
CA MET A 684 30.34 4.25 -9.05
C MET A 684 31.54 5.10 -9.51
N ASN A 685 32.12 4.82 -10.67
CA ASN A 685 33.10 5.76 -11.22
C ASN A 685 32.51 7.12 -11.64
N ILE A 686 31.19 7.25 -11.65
CA ILE A 686 30.58 8.56 -11.90
C ILE A 686 30.14 9.23 -10.61
N ALA A 687 30.57 10.46 -10.41
CA ALA A 687 30.17 11.28 -9.29
C ALA A 687 29.19 12.33 -9.78
N TRP A 688 28.08 12.52 -9.06
CA TRP A 688 27.01 13.39 -9.48
C TRP A 688 26.93 14.63 -8.59
N THR A 689 26.95 15.81 -9.21
CA THR A 689 26.92 17.08 -8.51
C THR A 689 25.90 18.02 -9.13
N ALA A 690 25.35 18.92 -8.32
CA ALA A 690 24.35 19.86 -8.80
C ALA A 690 25.03 20.91 -9.67
N SER A 691 24.39 21.28 -10.78
CA SER A 691 24.91 22.35 -11.63
C SER A 691 24.20 23.69 -11.40
N GLY A 692 22.88 23.68 -11.30
CA GLY A 692 22.10 24.91 -11.07
C GLY A 692 21.82 25.21 -9.61
N ALA A 693 21.06 26.28 -9.38
CA ALA A 693 20.68 26.69 -8.02
C ALA A 693 19.47 25.93 -7.48
N ASP A 694 18.54 25.60 -8.39
CA ASP A 694 17.26 25.00 -8.01
C ASP A 694 17.26 23.47 -7.86
N GLY A 695 18.42 22.82 -7.99
CA GLY A 695 18.50 21.36 -7.79
C GLY A 695 17.88 20.49 -8.88
N GLU A 696 17.62 21.09 -10.05
CA GLU A 696 17.00 20.38 -11.18
C GLU A 696 18.00 19.80 -12.17
N SER A 697 19.20 20.34 -12.22
CA SER A 697 20.21 19.85 -13.16
CA SER A 697 20.23 19.86 -13.17
C SER A 697 21.42 19.30 -12.43
N TRP A 698 21.96 18.22 -12.97
CA TRP A 698 23.00 17.46 -12.34
C TRP A 698 24.03 17.12 -13.41
N VAL A 699 25.30 17.09 -13.00
CA VAL A 699 26.38 16.69 -13.89
C VAL A 699 27.01 15.43 -13.34
N GLY A 700 27.34 14.51 -14.24
CA GLY A 700 28.00 13.26 -13.90
C GLY A 700 29.44 13.27 -14.37
N THR A 701 30.36 13.22 -13.42
CA THR A 701 31.79 13.37 -13.71
C THR A 701 32.51 12.05 -13.48
N ASP A 702 33.39 11.70 -14.42
CA ASP A 702 34.20 10.52 -14.30
C ASP A 702 35.27 10.79 -13.24
N ARG A 703 35.24 10.04 -12.14
CA ARG A 703 36.11 10.34 -11.00
CA ARG A 703 36.11 10.29 -10.98
C ARG A 703 37.59 10.19 -11.33
N LYS A 704 37.92 9.26 -12.21
CA LYS A 704 39.31 9.02 -12.59
C LYS A 704 39.81 10.14 -13.52
N SER A 705 39.15 10.29 -14.65
CA SER A 705 39.57 11.26 -15.67
C SER A 705 39.20 12.71 -15.33
N ARG A 706 38.26 12.89 -14.40
CA ARG A 706 37.83 14.21 -13.95
C ARG A 706 37.01 15.00 -15.00
N SER A 707 36.61 14.34 -16.09
CA SER A 707 35.86 14.99 -17.17
C SER A 707 34.36 14.81 -16.96
N GLU A 708 33.58 15.81 -17.37
CA GLU A 708 32.13 15.69 -17.38
C GLU A 708 31.73 14.66 -18.42
N LYS A 709 30.93 13.68 -18.02
CA LYS A 709 30.49 12.63 -18.94
C LYS A 709 29.00 12.75 -19.28
N TYR A 710 28.18 13.10 -18.29
CA TYR A 710 26.73 13.08 -18.40
C TYR A 710 26.08 14.32 -17.80
N LYS A 711 24.88 14.62 -18.29
CA LYS A 711 23.99 15.59 -17.66
C LYS A 711 22.73 14.84 -17.31
N GLY A 712 22.14 15.17 -16.17
CA GLY A 712 20.98 14.45 -15.67
C GLY A 712 19.98 15.41 -15.06
N SER A 713 18.72 15.00 -15.04
CA SER A 713 17.67 15.71 -14.37
C SER A 713 17.28 15.02 -13.07
N ARG A 714 16.32 15.60 -12.35
CA ARG A 714 15.78 14.94 -11.16
C ARG A 714 15.01 13.67 -11.54
N ALA A 715 14.35 13.68 -12.68
CA ALA A 715 13.65 12.49 -13.17
C ALA A 715 14.61 11.35 -13.44
N ASP A 716 15.82 11.68 -13.86
CA ASP A 716 16.85 10.67 -14.06
C ASP A 716 17.39 10.17 -12.73
N LEU A 717 17.83 11.10 -11.88
CA LEU A 717 18.61 10.71 -10.72
C LEU A 717 17.79 10.10 -9.59
N VAL A 718 16.49 10.36 -9.56
CA VAL A 718 15.68 9.76 -8.49
C VAL A 718 15.79 8.22 -8.53
N PHE A 719 15.98 7.64 -9.72
CA PHE A 719 16.08 6.19 -9.84
C PHE A 719 17.34 5.62 -9.23
N GLY A 720 18.33 6.47 -8.94
CA GLY A 720 19.53 6.01 -8.27
C GLY A 720 19.64 6.53 -6.85
N SER A 721 18.58 7.17 -6.36
CA SER A 721 18.55 7.77 -5.03
C SER A 721 17.51 7.08 -4.13
N HIS A 722 16.25 7.05 -4.56
CA HIS A 722 15.17 6.45 -3.78
C HIS A 722 15.47 4.97 -3.61
N ALA A 723 15.39 4.44 -2.39
CA ALA A 723 15.85 3.07 -2.15
C ALA A 723 15.04 2.01 -2.87
N GLU A 724 13.73 2.24 -3.04
CA GLU A 724 12.88 1.28 -3.71
C GLU A 724 13.01 1.37 -5.23
N LEU A 725 13.12 2.58 -5.77
CA LEU A 725 13.38 2.75 -7.20
C LEU A 725 14.76 2.24 -7.57
N ARG A 726 15.76 2.56 -6.76
CA ARG A 726 17.11 2.07 -7.01
C ARG A 726 17.17 0.53 -7.00
N ALA A 727 16.39 -0.12 -6.13
CA ALA A 727 16.37 -1.54 -6.12
C ALA A 727 15.94 -2.10 -7.50
N ILE A 728 15.02 -1.38 -8.15
CA ILE A 728 14.55 -1.78 -9.47
C ILE A 728 15.60 -1.45 -10.52
N ALA A 729 16.20 -0.28 -10.44
CA ALA A 729 17.28 0.10 -11.35
C ALA A 729 18.37 -0.95 -11.34
N GLU A 730 18.72 -1.43 -10.15
CA GLU A 730 19.72 -2.48 -10.00
C GLU A 730 19.33 -3.74 -10.76
N VAL A 731 18.07 -4.16 -10.67
CA VAL A 731 17.62 -5.34 -11.43
C VAL A 731 17.94 -5.17 -12.92
N TYR A 732 17.62 -4.01 -13.48
CA TYR A 732 17.84 -3.83 -14.92
C TYR A 732 19.31 -3.57 -15.26
N ALA A 733 20.12 -3.20 -14.28
CA ALA A 733 21.58 -3.03 -14.45
C ALA A 733 22.37 -4.32 -14.29
N GLU A 734 21.72 -5.39 -13.84
CA GLU A 734 22.44 -6.62 -13.54
C GLU A 734 22.85 -7.37 -14.78
N ASN A 735 24.08 -7.89 -14.80
CA ASN A 735 24.51 -8.74 -15.92
C ASN A 735 23.51 -9.92 -16.01
N GLY A 736 23.08 -10.28 -17.23
CA GLY A 736 22.09 -11.37 -17.40
C GLY A 736 20.63 -10.97 -17.52
N ASN A 737 20.32 -9.71 -17.25
CA ASN A 737 18.95 -9.19 -17.33
C ASN A 737 18.67 -8.29 -18.55
N GLN A 738 19.50 -8.40 -19.57
CA GLN A 738 19.30 -7.63 -20.79
C GLN A 738 18.01 -8.02 -21.55
N GLU A 739 17.81 -9.31 -21.76
CA GLU A 739 16.58 -9.76 -22.43
C GLU A 739 15.34 -9.45 -21.62
N LYS A 740 15.45 -9.64 -20.31
CA LYS A 740 14.37 -9.29 -19.38
C LYS A 740 14.00 -7.80 -19.51
N PHE A 741 15.02 -6.94 -19.59
CA PHE A 741 14.78 -5.49 -19.75
C PHE A 741 13.95 -5.25 -21.00
N VAL A 742 14.33 -5.86 -22.11
CA VAL A 742 13.58 -5.66 -23.36
C VAL A 742 12.15 -6.17 -23.24
N LYS A 743 11.98 -7.35 -22.66
CA LYS A 743 10.64 -7.93 -22.50
C LYS A 743 9.78 -7.04 -21.62
N ASP A 744 10.32 -6.57 -20.50
CA ASP A 744 9.56 -5.72 -19.59
C ASP A 744 9.22 -4.37 -20.21
N PHE A 745 10.16 -3.81 -20.99
CA PHE A 745 9.91 -2.54 -21.64
C PHE A 745 8.77 -2.69 -22.63
N VAL A 746 8.83 -3.72 -23.45
CA VAL A 746 7.79 -3.93 -24.45
C VAL A 746 6.41 -4.15 -23.79
N ALA A 747 6.36 -4.89 -22.69
CA ALA A 747 5.10 -5.08 -21.98
C ALA A 747 4.55 -3.74 -21.46
N ALA A 748 5.42 -2.92 -20.89
CA ALA A 748 5.00 -1.62 -20.34
C ALA A 748 4.55 -0.64 -21.45
N TRP A 749 5.32 -0.61 -22.53
CA TRP A 749 4.98 0.18 -23.71
C TRP A 749 3.59 -0.18 -24.23
N THR A 750 3.36 -1.47 -24.40
CA THR A 750 2.05 -1.95 -24.88
C THR A 750 0.91 -1.51 -23.96
N LYS A 751 1.11 -1.72 -22.67
CA LYS A 751 0.16 -1.25 -21.66
C LYS A 751 -0.21 0.22 -21.83
N VAL A 752 0.81 1.07 -21.90
CA VAL A 752 0.60 2.52 -21.97
C VAL A 752 -0.08 2.89 -23.30
N MET A 753 0.35 2.30 -24.40
CA MET A 753 -0.26 2.64 -25.70
C MET A 753 -1.75 2.28 -25.75
N ASN A 754 -2.17 1.28 -24.99
CA ASN A 754 -3.52 0.76 -25.07
C ASN A 754 -4.45 1.22 -23.94
N LEU A 755 -4.01 2.15 -23.09
CA LEU A 755 -4.83 2.51 -21.93
C LEU A 755 -6.24 2.97 -22.28
N ASP A 756 -6.38 3.72 -23.37
CA ASP A 756 -7.69 4.27 -23.72
C ASP A 756 -8.49 3.39 -24.69
N ARG A 757 -8.07 2.14 -24.90
CA ARG A 757 -8.71 1.28 -25.91
C ARG A 757 -9.92 0.53 -25.38
N PHE A 758 -10.87 1.31 -24.89
CA PHE A 758 -12.10 0.76 -24.32
C PHE A 758 -12.97 0.16 -25.40
N ASP A 759 -12.74 0.58 -26.64
CA ASP A 759 -13.41 0.00 -27.80
C ASP A 759 -13.07 -1.48 -28.06
N LEU A 760 -11.92 -1.95 -27.58
CA LEU A 760 -11.52 -3.34 -27.76
C LEU A 760 -12.01 -4.21 -26.62
N LYS A 761 -12.51 -5.40 -26.95
CA LYS A 761 -13.09 -6.34 -25.97
C LYS A 761 -11.98 -7.01 -25.16
N VAL A 762 -12.13 -7.00 -23.83
CA VAL A 762 -11.08 -7.46 -22.92
C VAL A 762 -11.06 -8.98 -22.84
N THR B 29 4.72 18.84 14.33
CA THR B 29 5.84 18.91 13.35
C THR B 29 6.61 17.59 13.20
N PHE B 30 6.76 16.82 14.27
CA PHE B 30 7.31 15.46 14.08
C PHE B 30 6.41 14.73 13.06
N GLY B 31 7.05 14.13 12.08
CA GLY B 31 6.34 13.33 11.10
C GLY B 31 5.68 14.16 10.02
N ARG B 32 6.01 15.46 9.97
CA ARG B 32 5.46 16.38 8.99
C ARG B 32 6.57 17.07 8.23
N CYS B 33 6.44 17.16 6.92
CA CYS B 33 7.39 17.87 6.09
C CYS B 33 7.03 19.35 6.13
N ALA B 34 8.06 20.20 6.21
CA ALA B 34 7.87 21.66 6.24
C ALA B 34 7.11 22.15 5.01
N VAL B 35 7.50 21.61 3.86
CA VAL B 35 6.79 21.85 2.60
C VAL B 35 5.76 20.74 2.43
N LYS B 36 4.51 21.13 2.15
CA LYS B 36 3.45 20.16 1.98
C LYS B 36 3.19 19.91 0.50
N SER B 37 3.60 18.74 0.02
CA SER B 37 3.41 18.40 -1.37
C SER B 37 1.93 18.28 -1.71
N ASN B 38 1.60 18.61 -2.94
CA ASN B 38 0.26 18.43 -3.48
C ASN B 38 0.19 17.39 -4.63
N GLN B 39 1.22 16.56 -4.74
CA GLN B 39 1.21 15.45 -5.70
C GLN B 39 1.68 14.12 -5.07
N ALA B 40 1.37 13.04 -5.77
CA ALA B 40 1.88 11.70 -5.44
C ALA B 40 1.55 11.31 -4.01
N GLY B 41 0.34 11.64 -3.59
CA GLY B 41 -0.14 11.28 -2.27
C GLY B 41 -0.05 12.39 -1.25
N GLY B 42 0.55 13.51 -1.64
CA GLY B 42 0.52 14.70 -0.80
C GLY B 42 -0.90 15.14 -0.50
N GLY B 43 -1.05 15.82 0.62
CA GLY B 43 -2.36 16.24 1.12
C GLY B 43 -2.72 15.47 2.36
N THR B 44 -3.67 16.00 3.12
CA THR B 44 -4.12 15.32 4.33
C THR B 44 -4.79 14.02 3.92
N ARG B 45 -4.48 12.95 4.65
CA ARG B 45 -4.88 11.60 4.29
C ARG B 45 -5.89 11.06 5.29
N SER B 46 -6.60 10.00 4.90
CA SER B 46 -7.55 9.36 5.81
C SER B 46 -6.93 9.03 7.18
N HIS B 47 -5.73 8.50 7.22
CA HIS B 47 -5.13 8.09 8.50
CA HIS B 47 -5.05 8.11 8.47
C HIS B 47 -4.77 9.32 9.35
N ASP B 48 -4.63 10.48 8.73
CA ASP B 48 -4.44 11.73 9.47
C ASP B 48 -5.70 12.09 10.25
N TRP B 49 -6.85 11.99 9.59
CA TRP B 49 -8.12 12.36 10.21
C TRP B 49 -8.53 11.36 11.29
N TRP B 50 -8.28 10.08 11.04
CA TRP B 50 -8.76 9.00 11.91
C TRP B 50 -7.63 8.06 12.18
N PRO B 51 -6.66 8.50 12.99
CA PRO B 51 -5.44 7.70 13.16
C PRO B 51 -5.61 6.43 13.97
N CYS B 52 -6.72 6.30 14.70
CA CYS B 52 -6.99 5.09 15.50
C CYS B 52 -7.75 4.00 14.71
N GLN B 53 -8.27 4.36 13.55
CA GLN B 53 -8.98 3.41 12.70
C GLN B 53 -8.02 2.29 12.27
N LEU B 54 -8.56 1.08 12.21
CA LEU B 54 -7.83 -0.08 11.75
C LEU B 54 -7.36 0.16 10.32
N ARG B 55 -6.11 -0.18 10.06
CA ARG B 55 -5.52 -0.04 8.72
C ARG B 55 -5.21 -1.41 8.11
N LEU B 56 -5.51 -1.59 6.83
CA LEU B 56 -5.23 -2.86 6.17
C LEU B 56 -3.91 -2.84 5.37
N ASP B 57 -3.12 -1.76 5.53
CA ASP B 57 -1.86 -1.57 4.83
C ASP B 57 -0.97 -2.82 4.84
N VAL B 58 -0.87 -3.46 6.00
CA VAL B 58 0.03 -4.62 6.12
C VAL B 58 -0.41 -5.85 5.34
N LEU B 59 -1.66 -5.86 4.84
CA LEU B 59 -2.16 -6.95 4.01
C LEU B 59 -1.98 -6.63 2.53
N ARG B 60 -1.44 -5.45 2.25
CA ARG B 60 -1.24 -5.00 0.87
C ARG B 60 0.23 -4.82 0.50
N GLN B 61 1.12 -5.32 1.36
CA GLN B 61 2.57 -5.30 1.08
C GLN B 61 3.00 -6.53 0.28
N PHE B 62 4.13 -6.39 -0.41
CA PHE B 62 4.80 -7.50 -1.07
C PHE B 62 3.94 -8.18 -2.12
N GLN B 63 3.10 -7.39 -2.79
CA GLN B 63 2.23 -7.88 -3.84
C GLN B 63 3.07 -8.27 -5.06
N PRO B 64 2.70 -9.34 -5.76
CA PRO B 64 3.49 -9.79 -6.92
C PRO B 64 3.75 -8.74 -8.00
N SER B 65 2.76 -7.89 -8.29
CA SER B 65 2.90 -6.81 -9.29
C SER B 65 4.01 -5.79 -8.97
N GLN B 66 4.41 -5.75 -7.71
CA GLN B 66 5.40 -4.82 -7.24
C GLN B 66 6.80 -5.43 -7.31
N ASN B 67 6.86 -6.74 -7.55
CA ASN B 67 8.11 -7.43 -7.65
C ASN B 67 8.68 -7.33 -9.06
N PRO B 68 9.81 -6.62 -9.22
CA PRO B 68 10.35 -6.46 -10.57
C PRO B 68 10.82 -7.77 -11.22
N LEU B 69 10.99 -8.83 -10.42
CA LEU B 69 11.43 -10.10 -10.98
C LEU B 69 10.26 -10.91 -11.51
N GLY B 70 9.05 -10.48 -11.21
CA GLY B 70 7.85 -11.19 -11.58
C GLY B 70 7.37 -12.03 -10.42
N GLY B 71 6.05 -12.14 -10.26
CA GLY B 71 5.44 -12.87 -9.15
C GLY B 71 5.77 -14.35 -9.08
N ASP B 72 6.16 -14.93 -10.21
CA ASP B 72 6.48 -16.35 -10.29
C ASP B 72 7.99 -16.65 -10.27
N PHE B 73 8.83 -15.65 -9.97
CA PHE B 73 10.29 -15.86 -10.00
C PHE B 73 10.64 -16.93 -8.97
N ASP B 74 11.47 -17.88 -9.38
CA ASP B 74 11.91 -18.98 -8.50
C ASP B 74 13.35 -18.75 -8.07
N TYR B 75 13.51 -18.10 -6.93
CA TYR B 75 14.87 -17.76 -6.46
C TYR B 75 15.71 -19.01 -6.19
N ALA B 76 15.11 -20.04 -5.60
CA ALA B 76 15.88 -21.25 -5.29
C ALA B 76 16.49 -21.87 -6.56
N GLU B 77 15.72 -21.90 -7.63
CA GLU B 77 16.24 -22.40 -8.91
C GLU B 77 17.40 -21.55 -9.43
N ALA B 78 17.25 -20.23 -9.34
CA ALA B 78 18.29 -19.30 -9.77
C ALA B 78 19.57 -19.55 -8.98
N PHE B 79 19.45 -19.61 -7.66
CA PHE B 79 20.61 -19.75 -6.77
C PHE B 79 21.32 -21.08 -7.01
N GLN B 80 20.56 -22.11 -7.35
CA GLN B 80 21.16 -23.43 -7.53
C GLN B 80 22.01 -23.50 -8.82
N SER B 81 21.74 -22.61 -9.77
CA SER B 81 22.56 -22.49 -10.98
C SER B 81 23.78 -21.60 -10.77
N LEU B 82 23.87 -20.99 -9.59
CA LEU B 82 24.94 -20.07 -9.28
C LEU B 82 26.24 -20.84 -9.12
N ASP B 83 27.32 -20.24 -9.55
CA ASP B 83 28.62 -20.76 -9.30
C ASP B 83 29.08 -20.29 -7.90
N TYR B 84 28.63 -21.02 -6.88
CA TYR B 84 28.77 -20.60 -5.49
C TYR B 84 30.22 -20.34 -5.09
N GLU B 85 31.11 -21.25 -5.43
CA GLU B 85 32.52 -21.09 -5.07
C GLU B 85 33.13 -19.86 -5.75
N ALA B 86 32.74 -19.59 -6.99
CA ALA B 86 33.24 -18.41 -7.69
C ALA B 86 32.76 -17.13 -7.02
N VAL B 87 31.53 -17.12 -6.56
CA VAL B 87 31.01 -15.98 -5.85
C VAL B 87 31.83 -15.71 -4.60
N LYS B 88 32.11 -16.73 -3.80
CA LYS B 88 32.91 -16.53 -2.61
C LYS B 88 34.32 -16.05 -2.96
N LYS B 89 34.89 -16.60 -4.04
CA LYS B 89 36.22 -16.19 -4.47
C LYS B 89 36.23 -14.70 -4.79
N ASP B 90 35.18 -14.24 -5.49
CA ASP B 90 35.11 -12.82 -5.86
C ASP B 90 34.90 -11.92 -4.64
N ILE B 91 34.10 -12.41 -3.69
CA ILE B 91 33.88 -11.69 -2.43
C ILE B 91 35.19 -11.58 -1.64
N ALA B 92 35.94 -12.67 -1.58
CA ALA B 92 37.20 -12.66 -0.86
C ALA B 92 38.17 -11.69 -1.52
N ALA B 93 38.20 -11.70 -2.85
CA ALA B 93 39.09 -10.79 -3.60
C ALA B 93 38.79 -9.31 -3.34
N LEU B 94 37.51 -8.94 -3.29
CA LEU B 94 37.09 -7.56 -3.09
C LEU B 94 37.55 -6.98 -1.76
N MET B 95 37.71 -7.85 -0.77
CA MET B 95 37.97 -7.38 0.57
C MET B 95 39.30 -6.68 0.72
N THR B 96 40.25 -7.03 -0.15
CA THR B 96 41.55 -6.39 -0.14
C THR B 96 41.79 -5.51 -1.38
N GLU B 97 40.70 -5.14 -2.05
CA GLU B 97 40.74 -4.22 -3.20
C GLU B 97 40.13 -2.87 -2.79
N SER B 98 40.94 -2.02 -2.16
CA SER B 98 40.45 -0.76 -1.62
C SER B 98 39.97 0.17 -2.73
N GLN B 99 38.83 0.82 -2.48
CA GLN B 99 38.22 1.77 -3.40
C GLN B 99 38.43 3.18 -2.84
N ASP B 100 38.88 4.10 -3.70
CA ASP B 100 39.32 5.42 -3.24
CA ASP B 100 39.32 5.43 -3.27
C ASP B 100 38.23 6.26 -2.59
N TRP B 101 36.96 6.02 -2.94
CA TRP B 101 35.84 6.77 -2.33
C TRP B 101 35.48 6.28 -0.92
N TRP B 102 36.00 5.13 -0.52
CA TRP B 102 35.85 4.65 0.86
C TRP B 102 36.98 3.68 1.20
N PRO B 103 38.19 4.22 1.42
CA PRO B 103 39.34 3.34 1.59
C PRO B 103 39.23 2.37 2.75
N ALA B 104 39.71 1.15 2.51
CA ALA B 104 39.70 0.06 3.50
C ALA B 104 40.70 0.25 4.65
N ASP B 105 40.20 0.09 5.88
CA ASP B 105 41.04 0.03 7.09
C ASP B 105 42.04 -1.12 7.00
N PHE B 106 43.32 -0.84 7.24
CA PHE B 106 44.37 -1.88 7.17
C PHE B 106 44.40 -2.62 5.83
N GLY B 107 43.87 -1.97 4.78
CA GLY B 107 43.75 -2.58 3.46
C GLY B 107 42.77 -3.74 3.38
N ASN B 108 41.85 -3.83 4.32
CA ASN B 108 40.95 -5.00 4.40
C ASN B 108 39.57 -4.59 4.89
N TYR B 109 38.57 -4.76 4.03
CA TYR B 109 37.18 -4.43 4.34
C TYR B 109 36.48 -5.49 5.23
N GLY B 110 37.21 -6.51 5.66
CA GLY B 110 36.62 -7.62 6.41
C GLY B 110 35.79 -7.23 7.61
N GLY B 111 36.34 -6.37 8.45
CA GLY B 111 35.64 -5.93 9.65
C GLY B 111 34.35 -5.20 9.30
N LEU B 112 34.41 -4.30 8.34
CA LEU B 112 33.23 -3.61 7.87
C LEU B 112 32.16 -4.58 7.40
N PHE B 113 32.57 -5.60 6.65
CA PHE B 113 31.61 -6.57 6.12
C PHE B 113 31.02 -7.48 7.19
N VAL B 114 31.82 -7.84 8.18
CA VAL B 114 31.30 -8.58 9.33
C VAL B 114 30.25 -7.74 10.05
N ARG B 115 30.52 -6.45 10.27
CA ARG B 115 29.54 -5.57 10.89
C ARG B 115 28.26 -5.46 10.03
N MET B 116 28.42 -5.37 8.71
CA MET B 116 27.27 -5.33 7.80
C MET B 116 26.34 -6.51 8.00
N ALA B 117 26.93 -7.71 7.98
CA ALA B 117 26.18 -8.96 8.14
C ALA B 117 25.57 -9.06 9.54
N TRP B 118 26.37 -8.76 10.55
CA TRP B 118 25.89 -8.72 11.92
C TRP B 118 24.69 -7.78 12.09
N HIS B 119 24.78 -6.57 11.56
CA HIS B 119 23.63 -5.65 11.69
C HIS B 119 22.43 -6.10 10.86
N SER B 120 22.66 -6.71 9.70
CA SER B 120 21.52 -7.22 8.93
C SER B 120 20.74 -8.28 9.72
N ALA B 121 21.46 -9.23 10.29
CA ALA B 121 20.83 -10.32 11.06
C ALA B 121 20.41 -9.91 12.46
N GLY B 122 21.04 -8.87 12.97
CA GLY B 122 20.97 -8.53 14.39
C GLY B 122 19.76 -7.79 14.86
N THR B 123 18.83 -7.51 13.97
CA THR B 123 17.57 -6.87 14.36
C THR B 123 16.52 -7.89 14.84
N TYR B 124 16.85 -9.18 14.75
CA TYR B 124 15.89 -10.23 15.03
C TYR B 124 15.36 -10.21 16.45
N ARG B 125 14.07 -10.47 16.60
CA ARG B 125 13.43 -10.62 17.90
C ARG B 125 12.74 -12.00 17.97
N ALA B 126 13.16 -12.83 18.91
CA ALA B 126 12.69 -14.21 18.98
C ALA B 126 11.21 -14.32 19.31
N MET B 127 10.69 -13.44 20.14
CA MET B 127 9.31 -13.56 20.60
C MET B 127 8.33 -13.34 19.47
N ASP B 128 8.43 -12.23 18.75
CA ASP B 128 7.52 -12.00 17.62
C ASP B 128 8.06 -12.38 16.24
N GLY B 129 9.32 -12.83 16.19
CA GLY B 129 9.91 -13.33 14.95
C GLY B 129 10.21 -12.29 13.90
N ARG B 130 10.19 -11.01 14.25
CA ARG B 130 10.44 -9.97 13.25
CA ARG B 130 10.45 -10.00 13.21
C ARG B 130 11.90 -9.52 13.26
N GLY B 131 12.29 -8.78 12.24
CA GLY B 131 13.68 -8.45 12.01
C GLY B 131 14.46 -9.65 11.51
N GLY B 132 15.77 -9.52 11.56
CA GLY B 132 16.66 -10.49 10.99
C GLY B 132 17.02 -10.14 9.56
N GLY B 133 17.93 -10.92 9.00
CA GLY B 133 18.45 -10.64 7.66
C GLY B 133 17.72 -11.30 6.51
N GLY B 134 16.65 -12.06 6.83
CA GLY B 134 16.03 -12.94 5.85
C GLY B 134 15.29 -12.31 4.70
N MET B 135 15.02 -11.00 4.78
CA MET B 135 14.33 -10.27 3.72
C MET B 135 15.22 -9.18 3.12
N GLY B 136 16.45 -9.07 3.58
CA GLY B 136 17.37 -8.05 3.09
C GLY B 136 16.91 -6.61 3.31
N GLN B 137 16.18 -6.39 4.39
CA GLN B 137 15.55 -5.09 4.62
C GLN B 137 16.52 -3.96 4.95
N GLN B 138 17.78 -4.29 5.23
CA GLN B 138 18.77 -3.24 5.49
C GLN B 138 18.89 -2.26 4.33
N ARG B 139 18.55 -2.70 3.11
CA ARG B 139 18.69 -1.83 1.95
C ARG B 139 17.55 -0.84 1.76
N PHE B 140 16.53 -0.90 2.59
CA PHE B 140 15.38 0.00 2.53
C PHE B 140 15.25 0.82 3.81
N ALA B 141 14.38 1.82 3.80
CA ALA B 141 14.03 2.52 5.03
C ALA B 141 13.27 1.52 5.91
N PRO B 142 13.35 1.67 7.23
CA PRO B 142 14.10 2.65 8.00
C PRO B 142 15.50 2.20 8.31
N LEU B 143 15.77 0.90 8.14
CA LEU B 143 17.06 0.36 8.58
C LEU B 143 18.22 0.96 7.85
N ASN B 144 18.05 1.35 6.60
CA ASN B 144 19.15 1.92 5.85
C ASN B 144 19.65 3.22 6.46
N SER B 145 18.85 3.83 7.33
CA SER B 145 19.15 5.12 7.91
C SER B 145 19.13 5.18 9.43
N TRP B 146 18.97 4.03 10.10
CA TRP B 146 19.13 3.99 11.55
C TRP B 146 20.55 4.46 11.91
N PRO B 147 20.68 5.24 13.00
CA PRO B 147 22.05 5.64 13.41
C PRO B 147 23.03 4.47 13.57
N ASP B 148 22.58 3.32 14.06
CA ASP B 148 23.49 2.20 14.28
C ASP B 148 23.98 1.59 12.94
N ASN B 149 23.32 1.91 11.83
CA ASN B 149 23.72 1.43 10.51
C ASN B 149 24.49 2.49 9.72
N GLN B 150 24.98 3.51 10.42
CA GLN B 150 25.82 4.52 9.80
C GLN B 150 27.00 3.89 9.04
N ASN B 151 27.17 4.37 7.82
CA ASN B 151 28.22 3.93 6.91
C ASN B 151 28.10 2.51 6.38
N LEU B 152 27.06 1.77 6.78
CA LEU B 152 26.78 0.51 6.10
C LEU B 152 26.21 0.71 4.70
N ASP B 153 25.73 1.91 4.40
CA ASP B 153 25.45 2.30 3.01
C ASP B 153 26.71 2.14 2.14
N LYS B 154 27.88 2.48 2.70
CA LYS B 154 29.13 2.28 1.96
C LYS B 154 29.45 0.80 1.76
N ALA B 155 29.25 0.00 2.81
CA ALA B 155 29.48 -1.44 2.76
C ALA B 155 28.60 -2.09 1.69
N ARG B 156 27.33 -1.73 1.67
CA ARG B 156 26.41 -2.30 0.67
C ARG B 156 26.84 -1.89 -0.74
N ARG B 157 27.27 -0.64 -0.90
CA ARG B 157 27.74 -0.16 -2.19
C ARG B 157 28.99 -0.90 -2.68
N LEU B 158 29.86 -1.29 -1.74
CA LEU B 158 31.09 -2.02 -2.09
C LEU B 158 30.83 -3.41 -2.65
N ILE B 159 29.74 -4.05 -2.22
CA ILE B 159 29.43 -5.40 -2.70
C ILE B 159 28.49 -5.37 -3.90
N TRP B 160 28.01 -4.20 -4.28
CA TRP B 160 27.10 -4.13 -5.43
C TRP B 160 27.72 -4.72 -6.73
N PRO B 161 29.02 -4.51 -6.99
CA PRO B 161 29.56 -5.13 -8.20
C PRO B 161 29.40 -6.68 -8.25
N ILE B 162 29.45 -7.34 -7.10
CA ILE B 162 29.21 -8.79 -7.05
C ILE B 162 27.74 -9.07 -7.38
N LYS B 163 26.81 -8.30 -6.80
CA LYS B 163 25.40 -8.44 -7.13
C LYS B 163 25.18 -8.21 -8.64
N GLN B 164 25.86 -7.20 -9.17
CA GLN B 164 25.71 -6.87 -10.59
C GLN B 164 26.23 -8.01 -11.48
N LYS B 165 27.33 -8.63 -11.07
CA LYS B 165 27.95 -9.69 -11.84
C LYS B 165 27.09 -10.95 -11.90
N TYR B 166 26.50 -11.33 -10.78
CA TYR B 166 25.78 -12.58 -10.70
C TYR B 166 24.26 -12.44 -10.83
N GLY B 167 23.80 -11.20 -10.86
CA GLY B 167 22.40 -10.89 -11.18
C GLY B 167 21.39 -11.56 -10.24
N ASN B 168 20.34 -12.13 -10.82
CA ASN B 168 19.23 -12.67 -10.04
C ASN B 168 19.59 -13.94 -9.27
N LYS B 169 20.74 -14.54 -9.58
CA LYS B 169 21.09 -15.82 -8.97
C LYS B 169 21.58 -15.70 -7.53
N ILE B 170 21.90 -14.49 -7.09
CA ILE B 170 22.09 -14.25 -5.65
C ILE B 170 21.35 -12.99 -5.21
N SER B 171 20.57 -13.12 -4.16
CA SER B 171 19.80 -12.01 -3.67
C SER B 171 20.69 -11.08 -2.83
N TRP B 172 20.26 -9.83 -2.71
CA TRP B 172 20.88 -8.93 -1.74
C TRP B 172 20.84 -9.54 -0.33
N ALA B 173 19.71 -10.15 0.03
CA ALA B 173 19.56 -10.71 1.37
C ALA B 173 20.62 -11.77 1.64
N ASP B 174 20.79 -12.69 0.70
CA ASP B 174 21.84 -13.71 0.82
C ASP B 174 23.24 -13.09 0.75
N LEU B 175 23.43 -12.15 -0.15
CA LEU B 175 24.77 -11.62 -0.42
C LEU B 175 25.31 -10.88 0.81
N MET B 176 24.46 -10.13 1.50
CA MET B 176 24.93 -9.35 2.65
C MET B 176 25.49 -10.28 3.71
N LEU B 177 24.80 -11.39 3.97
CA LEU B 177 25.20 -12.34 4.99
C LEU B 177 26.37 -13.22 4.54
N LEU B 178 26.32 -13.66 3.30
CA LEU B 178 27.43 -14.44 2.73
C LEU B 178 28.73 -13.65 2.79
N THR B 179 28.65 -12.35 2.51
CA THR B 179 29.84 -11.49 2.52
C THR B 179 30.48 -11.46 3.90
N GLY B 180 29.65 -11.33 4.95
CA GLY B 180 30.20 -11.42 6.31
C GLY B 180 30.80 -12.78 6.62
N ASN B 181 30.14 -13.85 6.19
CA ASN B 181 30.63 -15.20 6.41
C ASN B 181 31.99 -15.42 5.72
N VAL B 182 32.10 -15.00 4.47
CA VAL B 182 33.36 -15.09 3.73
C VAL B 182 34.44 -14.22 4.39
N ALA B 183 34.05 -13.05 4.89
CA ALA B 183 34.99 -12.19 5.59
C ALA B 183 35.62 -12.90 6.79
N LEU B 184 34.81 -13.55 7.61
CA LEU B 184 35.36 -14.30 8.75
C LEU B 184 36.36 -15.34 8.27
N GLU B 185 35.97 -16.10 7.26
CA GLU B 185 36.81 -17.17 6.76
C GLU B 185 38.10 -16.63 6.15
N ASN B 186 38.06 -15.48 5.50
N ASN B 186 38.01 -15.47 5.49
CA ASN B 186 39.29 -14.96 4.91
CA ASN B 186 39.15 -14.75 4.87
C ASN B 186 40.12 -14.10 5.87
C ASN B 186 40.16 -14.27 5.91
N MET B 187 39.68 -14.06 7.13
CA MET B 187 40.48 -13.54 8.23
C MET B 187 40.83 -14.64 9.24
N GLY B 188 40.77 -15.90 8.82
CA GLY B 188 41.26 -17.01 9.62
C GLY B 188 40.30 -17.71 10.55
N PHE B 189 39.02 -17.40 10.46
CA PHE B 189 38.02 -18.09 11.27
C PHE B 189 37.12 -18.95 10.40
N LYS B 190 37.24 -20.27 10.53
CA LYS B 190 36.41 -21.20 9.76
C LYS B 190 35.05 -21.32 10.43
N THR B 191 34.00 -21.05 9.67
CA THR B 191 32.62 -21.13 10.14
C THR B 191 32.08 -22.52 9.95
N LEU B 192 30.86 -22.76 10.43
CA LEU B 192 30.21 -24.06 10.22
C LEU B 192 29.83 -24.30 8.77
N GLY B 193 29.76 -23.23 7.99
CA GLY B 193 29.12 -23.22 6.69
C GLY B 193 28.09 -22.10 6.55
N PHE B 194 27.19 -22.27 5.59
CA PHE B 194 26.25 -21.22 5.21
C PHE B 194 25.13 -21.85 4.40
N GLY B 195 23.94 -21.27 4.51
CA GLY B 195 22.84 -21.59 3.64
C GLY B 195 22.28 -20.34 2.99
N GLY B 196 22.13 -20.40 1.67
CA GLY B 196 21.35 -19.40 0.96
C GLY B 196 19.86 -19.74 0.94
N GLY B 197 19.08 -18.93 0.22
CA GLY B 197 17.65 -19.13 0.09
C GLY B 197 16.76 -17.97 0.49
N ARG B 198 17.35 -16.82 0.84
CA ARG B 198 16.56 -15.66 1.21
C ARG B 198 16.18 -14.86 -0.04
N ALA B 199 14.91 -14.93 -0.42
CA ALA B 199 14.44 -14.17 -1.58
C ALA B 199 14.40 -12.70 -1.22
N ASP B 200 14.76 -11.82 -2.17
CA ASP B 200 14.68 -10.39 -1.91
C ASP B 200 13.22 -9.93 -1.74
N THR B 201 13.06 -8.79 -1.06
CA THR B 201 11.79 -8.10 -0.97
C THR B 201 11.99 -6.73 -1.62
N TRP B 202 10.87 -6.05 -1.88
CA TRP B 202 10.92 -4.90 -2.81
C TRP B 202 10.29 -3.62 -2.29
N GLN B 203 9.87 -3.60 -1.02
CA GLN B 203 9.45 -2.37 -0.37
C GLN B 203 9.76 -2.46 1.12
N SER B 204 9.76 -1.31 1.76
CA SER B 204 9.95 -1.25 3.22
C SER B 204 8.84 -2.02 3.92
N ASP B 205 9.22 -2.82 4.91
CA ASP B 205 8.26 -3.61 5.69
C ASP B 205 7.72 -2.73 6.82
N GLU B 206 6.59 -2.07 6.55
CA GLU B 206 6.02 -1.15 7.55
C GLU B 206 5.06 -1.87 8.52
N ALA B 207 5.23 -3.18 8.63
CA ALA B 207 4.45 -4.00 9.58
C ALA B 207 5.15 -4.22 10.91
N VAL B 208 6.43 -3.85 11.01
CA VAL B 208 7.20 -4.17 12.21
C VAL B 208 6.97 -3.10 13.28
N TYR B 209 6.65 -3.53 14.50
CA TYR B 209 6.68 -2.58 15.63
C TYR B 209 8.10 -2.46 16.18
N TRP B 210 8.81 -1.39 15.81
CA TRP B 210 10.17 -1.14 16.30
C TRP B 210 10.14 -0.34 17.59
N GLY B 211 8.96 0.17 17.94
CA GLY B 211 8.77 1.04 19.10
C GLY B 211 7.91 2.23 18.72
N ALA B 212 7.51 2.98 19.74
CA ALA B 212 6.63 4.14 19.57
C ALA B 212 7.32 5.48 19.81
N GLU B 213 8.62 5.49 20.04
CA GLU B 213 9.32 6.75 20.28
C GLU B 213 9.41 7.57 19.00
N THR B 214 9.46 8.89 19.17
CA THR B 214 9.51 9.83 18.05
C THR B 214 10.90 10.44 17.89
N THR B 215 11.88 9.82 18.55
CA THR B 215 13.28 10.16 18.38
C THR B 215 14.12 8.90 18.23
N PHE B 216 15.32 9.08 17.70
CA PHE B 216 16.34 8.05 17.65
C PHE B 216 17.30 8.21 18.84
N VAL B 217 18.01 7.12 19.14
CA VAL B 217 19.26 7.17 19.90
C VAL B 217 20.02 8.44 19.49
N PRO B 218 20.58 9.20 20.44
CA PRO B 218 20.74 8.96 21.89
C PRO B 218 19.46 9.04 22.74
N GLN B 219 18.36 9.51 22.17
CA GLN B 219 17.06 9.46 22.83
C GLN B 219 16.39 8.15 22.41
N GLY B 220 15.12 8.18 22.00
CA GLY B 220 14.47 6.98 21.47
C GLY B 220 14.21 5.85 22.46
N ASN B 221 14.03 6.16 23.74
CA ASN B 221 13.68 5.08 24.67
C ASN B 221 12.81 5.42 25.87
N ASP B 222 12.18 6.60 25.87
CA ASP B 222 11.24 6.92 26.94
C ASP B 222 10.09 5.92 26.99
N VAL B 223 9.52 5.58 25.85
CA VAL B 223 8.38 4.67 25.86
C VAL B 223 8.80 3.26 26.29
N ARG B 224 9.90 2.74 25.74
CA ARG B 224 10.27 1.35 25.99
C ARG B 224 10.73 1.09 27.43
N TYR B 225 11.01 2.15 28.18
CA TYR B 225 11.34 2.01 29.62
C TYR B 225 10.29 2.69 30.51
N ASN B 226 9.14 3.04 29.94
CA ASN B 226 8.06 3.74 30.64
C ASN B 226 8.56 4.91 31.49
N ASN B 227 9.47 5.69 30.89
CA ASN B 227 10.06 6.89 31.47
C ASN B 227 11.04 6.68 32.62
N SER B 228 11.37 5.42 32.92
CA SER B 228 12.36 5.13 33.96
C SER B 228 13.76 5.44 33.43
N VAL B 229 14.54 6.16 34.24
CA VAL B 229 15.95 6.38 33.98
C VAL B 229 16.84 5.71 35.03
N ASP B 230 16.25 4.79 35.81
CA ASP B 230 17.03 3.96 36.75
C ASP B 230 17.65 2.81 35.96
N ILE B 231 18.90 3.01 35.51
CA ILE B 231 19.50 2.11 34.52
C ILE B 231 19.62 0.65 34.97
N ASN B 232 19.90 0.41 36.26
CA ASN B 232 19.97 -0.98 36.72
C ASN B 232 18.59 -1.58 36.90
N ALA B 233 17.74 -0.85 37.64
CA ALA B 233 16.41 -1.36 37.94
C ALA B 233 15.54 -1.61 36.68
N ARG B 234 15.67 -0.73 35.68
CA ARG B 234 14.81 -0.82 34.50
C ARG B 234 15.26 -1.88 33.49
N ALA B 235 16.49 -2.39 33.61
CA ALA B 235 17.13 -3.17 32.53
C ALA B 235 16.30 -4.34 32.07
N ASP B 236 15.72 -5.07 33.01
CA ASP B 236 14.91 -6.24 32.66
C ASP B 236 13.42 -5.92 32.48
N LYS B 237 13.09 -4.63 32.34
CA LYS B 237 11.72 -4.19 32.12
C LYS B 237 11.56 -3.56 30.72
N LEU B 238 12.46 -3.88 29.82
CA LEU B 238 12.35 -3.37 28.45
C LEU B 238 11.01 -3.81 27.86
N GLU B 239 10.29 -2.86 27.27
CA GLU B 239 9.02 -3.12 26.59
C GLU B 239 9.08 -4.32 25.64
N LYS B 240 8.16 -5.27 25.82
CA LYS B 240 8.00 -6.38 24.89
C LYS B 240 7.25 -5.88 23.67
N PRO B 241 7.59 -6.40 22.47
CA PRO B 241 8.54 -7.47 22.19
C PRO B 241 9.90 -6.93 21.72
N LEU B 242 10.26 -5.72 22.13
CA LEU B 242 11.47 -5.03 21.63
C LEU B 242 12.74 -5.70 22.12
N ALA B 243 13.81 -5.52 21.33
CA ALA B 243 15.08 -6.21 21.55
C ALA B 243 16.29 -5.28 21.46
N ALA B 244 16.04 -3.97 21.58
CA ALA B 244 17.06 -2.95 21.53
C ALA B 244 16.76 -1.89 22.57
N THR B 245 17.80 -1.31 23.17
CA THR B 245 17.58 -0.35 24.26
C THR B 245 17.30 1.09 23.83
N HIS B 246 17.46 1.40 22.54
CA HIS B 246 16.99 2.66 21.96
C HIS B 246 16.48 2.38 20.54
N MET B 247 15.48 3.14 20.12
CA MET B 247 15.06 3.18 18.73
C MET B 247 16.28 3.56 17.89
N GLY B 248 16.56 2.75 16.86
CA GLY B 248 17.69 3.00 15.97
C GLY B 248 18.97 2.27 16.30
N LEU B 249 18.96 1.50 17.38
CA LEU B 249 20.08 0.61 17.69
C LEU B 249 19.75 -0.82 17.37
N ILE B 250 20.80 -1.60 17.18
CA ILE B 250 20.69 -3.04 16.97
C ILE B 250 20.41 -3.75 18.30
N TYR B 251 21.24 -3.52 19.31
CA TYR B 251 20.97 -4.10 20.64
C TYR B 251 21.12 -3.09 21.75
N VAL B 252 22.35 -2.68 22.03
CA VAL B 252 22.59 -1.78 23.16
C VAL B 252 23.45 -0.58 22.78
N ASN B 253 23.55 0.36 23.72
CA ASN B 253 24.28 1.58 23.54
C ASN B 253 25.74 1.33 23.91
N PRO B 254 26.66 1.53 22.95
CA PRO B 254 28.08 1.24 23.23
C PRO B 254 28.73 2.11 24.31
N GLU B 255 28.13 3.25 24.65
CA GLU B 255 28.65 4.12 25.71
C GLU B 255 27.97 3.85 27.06
N GLY B 256 27.23 2.76 27.16
CA GLY B 256 26.54 2.41 28.38
C GLY B 256 25.07 2.80 28.35
N PRO B 257 24.31 2.38 29.36
CA PRO B 257 22.89 2.73 29.39
C PRO B 257 22.65 4.26 29.43
N ASN B 258 21.83 4.74 28.49
CA ASN B 258 21.64 6.19 28.30
C ASN B 258 22.95 6.99 28.26
N GLY B 259 24.00 6.35 27.74
CA GLY B 259 25.33 6.96 27.60
C GLY B 259 26.11 7.07 28.92
N THR B 260 25.67 6.34 29.95
CA THR B 260 26.35 6.31 31.25
C THR B 260 27.41 5.23 31.20
N PRO B 261 28.71 5.61 31.33
CA PRO B 261 29.77 4.62 31.15
C PRO B 261 29.94 3.66 32.34
N ASP B 262 28.88 2.92 32.64
CA ASP B 262 28.86 1.94 33.71
C ASP B 262 28.77 0.53 33.12
N PRO B 263 29.90 -0.20 33.10
CA PRO B 263 29.91 -1.54 32.49
C PRO B 263 28.96 -2.56 33.14
N ALA B 264 28.80 -2.50 34.46
CA ALA B 264 27.91 -3.42 35.16
C ALA B 264 26.46 -3.24 34.69
N ALA B 265 26.04 -1.98 34.56
CA ALA B 265 24.69 -1.69 34.07
C ALA B 265 24.55 -2.09 32.61
N SER B 266 25.60 -1.87 31.82
CA SER B 266 25.60 -2.24 30.41
C SER B 266 25.40 -3.75 30.25
N ALA B 267 26.01 -4.54 31.15
CA ALA B 267 25.85 -6.00 31.11
C ALA B 267 24.40 -6.42 31.26
N LYS B 268 23.64 -5.71 32.10
CA LYS B 268 22.23 -6.02 32.30
C LYS B 268 21.45 -5.73 31.02
N ASP B 269 21.81 -4.64 30.34
CA ASP B 269 21.17 -4.30 29.06
C ASP B 269 21.52 -5.33 28.00
N ILE B 270 22.79 -5.73 27.96
CA ILE B 270 23.24 -6.74 27.03
C ILE B 270 22.50 -8.04 27.23
N ARG B 271 22.40 -8.52 28.47
CA ARG B 271 21.67 -9.75 28.71
C ARG B 271 20.21 -9.63 28.25
N GLU B 272 19.59 -8.48 28.53
CA GLU B 272 18.19 -8.28 28.17
C GLU B 272 17.99 -8.28 26.66
N ALA B 273 18.80 -7.49 25.96
CA ALA B 273 18.65 -7.31 24.51
C ALA B 273 19.00 -8.57 23.75
N PHE B 274 20.15 -9.15 24.04
CA PHE B 274 20.51 -10.40 23.38
C PHE B 274 19.53 -11.53 23.71
N GLY B 275 19.03 -11.56 24.94
CA GLY B 275 17.99 -12.53 25.35
C GLY B 275 16.72 -12.39 24.53
N ARG B 276 16.29 -11.15 24.30
CA ARG B 276 15.17 -10.87 23.39
C ARG B 276 15.45 -11.29 21.94
N MET B 277 16.72 -11.41 21.57
CA MET B 277 17.11 -11.91 20.25
C MET B 277 17.34 -13.41 20.23
N GLY B 278 16.99 -14.10 21.32
CA GLY B 278 17.11 -15.56 21.39
C GLY B 278 18.50 -16.11 21.71
N MET B 279 19.36 -15.26 22.27
CA MET B 279 20.72 -15.68 22.62
C MET B 279 20.92 -15.72 24.13
N ASN B 280 21.56 -16.79 24.61
CA ASN B 280 21.87 -16.96 26.04
C ASN B 280 23.25 -16.38 26.38
N ASP B 281 23.70 -16.55 27.63
CA ASP B 281 24.97 -15.91 28.05
C ASP B 281 26.16 -16.38 27.23
N THR B 282 26.26 -17.67 26.96
CA THR B 282 27.45 -18.18 26.24
C THR B 282 27.42 -17.72 24.79
N GLU B 283 26.25 -17.75 24.17
CA GLU B 283 26.11 -17.23 22.80
C GLU B 283 26.41 -15.74 22.74
N THR B 284 25.95 -15.01 23.74
CA THR B 284 26.17 -13.56 23.82
C THR B 284 27.66 -13.20 23.91
N VAL B 285 28.38 -13.81 24.85
CA VAL B 285 29.81 -13.54 24.96
C VAL B 285 30.55 -13.98 23.69
N ALA B 286 30.15 -15.12 23.12
CA ALA B 286 30.81 -15.65 21.95
C ALA B 286 30.68 -14.68 20.79
N LEU B 287 29.47 -14.14 20.59
CA LEU B 287 29.21 -13.22 19.50
C LEU B 287 29.96 -11.90 19.66
N ILE B 288 30.00 -11.36 20.88
CA ILE B 288 30.67 -10.09 21.09
C ILE B 288 32.19 -10.26 21.01
N ALA B 289 32.73 -11.27 21.68
CA ALA B 289 34.19 -11.49 21.68
C ALA B 289 34.67 -11.95 20.32
N GLY B 290 33.86 -12.73 19.63
CA GLY B 290 34.18 -13.17 18.28
C GLY B 290 34.14 -12.01 17.30
N GLY B 291 33.11 -11.18 17.41
CA GLY B 291 32.93 -10.07 16.49
C GLY B 291 34.00 -9.02 16.65
N HIS B 292 34.29 -8.68 17.90
CA HIS B 292 35.26 -7.64 18.18
C HIS B 292 36.70 -8.11 18.19
N ALA B 293 36.92 -9.33 17.72
CA ALA B 293 38.24 -9.71 17.27
C ALA B 293 38.67 -8.90 16.05
N PHE B 294 37.70 -8.40 15.28
CA PHE B 294 37.97 -7.84 13.96
C PHE B 294 37.68 -6.35 13.82
N GLY B 295 38.54 -5.68 13.05
CA GLY B 295 38.30 -4.33 12.63
C GLY B 295 38.41 -3.30 13.74
N LYS B 296 37.61 -2.25 13.62
CA LYS B 296 37.68 -1.13 14.53
C LYS B 296 36.45 -0.26 14.42
N THR B 297 36.31 0.65 15.39
CA THR B 297 35.25 1.64 15.36
C THR B 297 35.79 2.93 14.76
N HIS B 298 34.90 3.88 14.48
CA HIS B 298 35.28 5.13 13.82
C HIS B 298 34.68 6.33 14.50
N GLY B 299 35.53 7.22 15.02
CA GLY B 299 35.08 8.45 15.66
C GLY B 299 36.09 9.57 15.52
N ALA B 300 36.54 9.80 14.29
CA ALA B 300 37.68 10.69 14.03
C ALA B 300 37.37 12.19 14.14
N VAL B 301 36.12 12.56 13.89
CA VAL B 301 35.70 13.95 13.89
C VAL B 301 34.32 14.04 14.51
N LYS B 302 33.95 15.22 15.01
CA LYS B 302 32.68 15.38 15.73
C LYS B 302 31.48 15.37 14.79
N GLY B 303 30.33 15.04 15.36
CA GLY B 303 29.10 14.78 14.59
C GLY B 303 28.59 15.91 13.73
N SER B 304 28.89 17.16 14.12
CA SER B 304 28.43 18.31 13.36
C SER B 304 28.99 18.36 11.92
N ASN B 305 30.05 17.59 11.65
CA ASN B 305 30.62 17.47 10.28
C ASN B 305 29.86 16.47 9.39
N ILE B 306 28.84 15.82 9.93
CA ILE B 306 28.18 14.70 9.25
C ILE B 306 26.83 15.14 8.71
N GLY B 307 26.60 14.85 7.43
CA GLY B 307 25.38 15.17 6.74
C GLY B 307 24.24 14.19 6.99
N PRO B 308 23.11 14.39 6.29
CA PRO B 308 21.90 13.60 6.55
C PRO B 308 22.05 12.12 6.23
N ALA B 309 21.32 11.30 6.96
CA ALA B 309 21.27 9.87 6.69
C ALA B 309 20.68 9.65 5.30
N PRO B 310 20.84 8.43 4.75
CA PRO B 310 20.47 8.23 3.36
C PRO B 310 19.07 8.67 2.98
N GLU B 311 18.06 8.37 3.80
CA GLU B 311 16.69 8.74 3.44
C GLU B 311 16.44 10.26 3.41
N ALA B 312 17.32 11.03 4.03
CA ALA B 312 17.21 12.48 4.09
C ALA B 312 18.22 13.18 3.17
N ALA B 313 19.08 12.43 2.50
CA ALA B 313 20.15 13.03 1.69
C ALA B 313 19.68 13.46 0.30
N ASP B 314 20.43 14.36 -0.31
CA ASP B 314 20.08 14.88 -1.64
C ASP B 314 20.29 13.84 -2.77
N LEU B 315 19.72 14.12 -3.94
CA LEU B 315 19.84 13.20 -5.09
C LEU B 315 21.26 12.84 -5.48
N GLY B 316 22.15 13.83 -5.42
CA GLY B 316 23.55 13.65 -5.80
C GLY B 316 24.28 12.59 -5.03
N MET B 317 23.84 12.36 -3.79
CA MET B 317 24.40 11.31 -2.95
C MET B 317 24.00 9.90 -3.40
N GLN B 318 23.00 9.80 -4.27
CA GLN B 318 22.67 8.54 -4.95
C GLN B 318 22.61 7.35 -4.01
N GLY B 319 21.80 7.51 -2.97
CA GLY B 319 21.51 6.43 -2.03
C GLY B 319 22.42 6.33 -0.81
N LEU B 320 23.51 7.09 -0.82
CA LEU B 320 24.42 7.11 0.32
C LEU B 320 24.01 8.25 1.23
N GLY B 321 24.60 8.25 2.42
CA GLY B 321 24.33 9.29 3.39
C GLY B 321 25.51 9.50 4.32
N TRP B 322 25.27 10.34 5.31
CA TRP B 322 26.24 10.63 6.37
C TRP B 322 27.51 11.21 5.76
N HIS B 323 27.34 12.08 4.78
CA HIS B 323 28.48 12.66 4.13
C HIS B 323 29.31 13.42 5.17
N ASN B 324 30.62 13.16 5.19
CA ASN B 324 31.55 13.77 6.13
C ASN B 324 32.34 14.88 5.42
N SER B 325 32.16 16.10 5.90
CA SER B 325 32.77 17.30 5.27
C SER B 325 34.27 17.48 5.55
N VAL B 326 34.84 16.73 6.47
CA VAL B 326 36.27 16.87 6.84
C VAL B 326 37.16 16.11 5.87
N GLY B 327 38.04 16.82 5.17
CA GLY B 327 38.88 16.21 4.16
C GLY B 327 38.04 15.58 3.06
N ASP B 328 38.29 14.31 2.76
CA ASP B 328 37.44 13.57 1.82
C ASP B 328 36.35 12.79 2.55
N GLY B 329 36.33 12.90 3.87
CA GLY B 329 35.25 12.36 4.69
C GLY B 329 35.42 10.88 4.97
N ASN B 330 36.57 10.33 4.60
CA ASN B 330 36.81 8.90 4.66
C ASN B 330 38.24 8.65 5.14
N GLY B 331 38.68 7.41 5.10
CA GLY B 331 40.03 7.04 5.55
C GLY B 331 40.28 7.52 6.98
N PRO B 332 41.40 8.23 7.21
CA PRO B 332 41.70 8.69 8.58
C PRO B 332 40.56 9.50 9.23
N ASN B 333 39.69 10.10 8.43
CA ASN B 333 38.59 10.93 8.93
C ASN B 333 37.25 10.21 9.13
N GLN B 334 37.22 8.89 8.93
CA GLN B 334 35.97 8.14 9.08
C GLN B 334 35.27 8.40 10.42
N MET B 335 33.98 8.70 10.34
CA MET B 335 33.14 8.94 11.51
C MET B 335 31.85 8.11 11.37
N THR B 336 31.67 7.16 12.30
CA THR B 336 30.52 6.27 12.25
C THR B 336 29.77 6.27 13.57
N SER B 337 30.39 5.81 14.65
CA SER B 337 29.73 5.73 15.96
C SER B 337 30.16 6.85 16.92
N GLY B 338 31.27 7.53 16.61
CA GLY B 338 31.82 8.55 17.51
C GLY B 338 32.88 8.01 18.44
N LEU B 339 33.12 6.70 18.39
CA LEU B 339 34.14 6.04 19.19
C LEU B 339 35.33 5.70 18.31
N GLU B 340 36.52 5.66 18.91
CA GLU B 340 37.74 5.32 18.20
C GLU B 340 38.49 4.23 18.97
N VAL B 341 38.05 2.98 18.75
CA VAL B 341 38.52 1.80 19.46
C VAL B 341 39.06 0.78 18.46
N ILE B 342 40.25 0.26 18.74
CA ILE B 342 40.81 -0.88 18.01
C ILE B 342 41.04 -1.97 19.05
N TRP B 343 40.29 -3.07 18.94
CA TRP B 343 40.28 -4.07 20.01
C TRP B 343 41.53 -4.93 20.09
N THR B 344 42.09 -5.31 18.95
CA THR B 344 43.24 -6.22 18.91
C THR B 344 44.40 -5.66 18.11
N LYS B 345 45.56 -6.30 18.28
CA LYS B 345 46.78 -5.87 17.61
C LYS B 345 46.86 -6.42 16.19
N THR B 346 45.94 -7.33 15.83
CA THR B 346 45.80 -7.80 14.45
C THR B 346 44.32 -7.77 14.02
N PRO B 347 43.81 -6.57 13.68
CA PRO B 347 42.37 -6.42 13.36
C PRO B 347 41.87 -7.12 12.10
N THR B 348 42.77 -7.65 11.28
CA THR B 348 42.37 -8.39 10.07
C THR B 348 42.58 -9.91 10.19
N LYS B 349 42.88 -10.39 11.40
CA LYS B 349 43.24 -11.79 11.60
C LYS B 349 42.66 -12.28 12.92
N TRP B 350 42.13 -13.51 12.89
CA TRP B 350 41.51 -14.10 14.07
C TRP B 350 42.56 -14.27 15.17
N SER B 351 42.16 -13.96 16.40
CA SER B 351 43.07 -14.03 17.54
C SER B 351 42.26 -14.16 18.82
N ASN B 352 42.97 -14.32 19.94
CA ASN B 352 42.37 -14.22 21.27
C ASN B 352 42.71 -12.87 21.92
N GLY B 353 43.07 -11.89 21.11
CA GLY B 353 43.47 -10.56 21.59
C GLY B 353 42.40 -9.78 22.30
N TYR B 354 41.14 -10.00 21.94
CA TYR B 354 40.02 -9.30 22.59
C TYR B 354 39.96 -9.61 24.08
N LEU B 355 39.90 -10.90 24.42
CA LEU B 355 39.78 -11.33 25.81
C LEU B 355 41.09 -11.11 26.56
N GLU B 356 42.22 -11.28 25.88
CA GLU B 356 43.53 -11.03 26.48
C GLU B 356 43.65 -9.57 26.90
N SER B 357 43.30 -8.66 26.00
CA SER B 357 43.29 -7.24 26.32
C SER B 357 42.28 -6.93 27.43
N LEU B 358 41.06 -7.44 27.29
CA LEU B 358 39.98 -7.11 28.22
C LEU B 358 40.36 -7.44 29.66
N ILE B 359 40.99 -8.60 29.83
CA ILE B 359 41.28 -9.13 31.16
C ILE B 359 42.63 -8.65 31.71
N ASN B 360 43.63 -8.51 30.84
CA ASN B 360 44.99 -8.19 31.30
C ASN B 360 45.28 -6.70 31.45
N ASN B 361 44.48 -5.84 30.80
CA ASN B 361 44.71 -4.40 30.90
C ASN B 361 43.97 -3.77 32.07
N ASN B 362 44.53 -2.67 32.57
CA ASN B 362 43.83 -1.78 33.48
C ASN B 362 43.19 -0.69 32.65
N TRP B 363 41.91 -0.43 32.88
CA TRP B 363 41.13 0.47 32.02
C TRP B 363 40.82 1.81 32.67
N THR B 364 40.99 2.88 31.89
CA THR B 364 40.66 4.24 32.30
C THR B 364 39.69 4.89 31.32
N LEU B 365 38.68 5.58 31.85
CA LEU B 365 37.70 6.28 31.04
C LEU B 365 38.32 7.50 30.37
N VAL B 366 38.20 7.56 29.04
CA VAL B 366 38.73 8.68 28.24
C VAL B 366 37.70 9.11 27.20
N GLU B 367 38.02 10.20 26.50
CA GLU B 367 37.18 10.71 25.41
C GLU B 367 37.79 10.41 24.06
N SER B 368 36.95 10.03 23.10
CA SER B 368 37.38 9.87 21.72
C SER B 368 37.49 11.25 21.05
N PRO B 369 38.13 11.32 19.86
CA PRO B 369 38.21 12.60 19.15
C PRO B 369 36.85 13.27 18.90
N ALA B 370 35.80 12.46 18.73
CA ALA B 370 34.44 13.00 18.56
C ALA B 370 33.71 13.29 19.88
N GLY B 371 34.35 13.01 21.01
CA GLY B 371 33.83 13.38 22.32
C GLY B 371 33.01 12.31 23.04
N ALA B 372 33.12 11.06 22.60
CA ALA B 372 32.37 9.96 23.20
C ALA B 372 33.19 9.22 24.28
N HIS B 373 32.48 8.58 25.21
CA HIS B 373 33.06 7.81 26.31
C HIS B 373 33.61 6.46 25.82
N GLN B 374 34.89 6.21 26.07
CA GLN B 374 35.48 4.89 25.82
C GLN B 374 36.57 4.64 26.84
N TRP B 375 37.18 3.45 26.78
CA TRP B 375 38.18 3.04 27.75
C TRP B 375 39.54 2.76 27.10
N GLU B 376 40.60 3.16 27.80
CA GLU B 376 41.96 3.01 27.30
C GLU B 376 42.87 2.39 28.36
N ALA B 377 43.85 1.62 27.89
CA ALA B 377 44.92 1.12 28.75
C ALA B 377 46.08 2.11 28.66
N VAL B 378 46.03 3.14 29.49
CA VAL B 378 46.96 4.27 29.36
C VAL B 378 48.42 3.93 29.73
N ASN B 379 48.61 2.88 30.52
CA ASN B 379 49.95 2.38 30.84
C ASN B 379 50.24 1.04 30.14
N GLY B 380 49.47 0.73 29.09
CA GLY B 380 49.66 -0.52 28.34
C GLY B 380 50.64 -0.36 27.21
N THR B 381 50.83 -1.41 26.42
CA THR B 381 51.72 -1.40 25.27
C THR B 381 51.18 -0.49 24.16
N VAL B 382 52.09 0.14 23.42
CA VAL B 382 51.71 1.03 22.32
C VAL B 382 51.98 0.29 20.99
N ASP B 383 51.21 -0.77 20.76
CA ASP B 383 51.42 -1.66 19.62
C ASP B 383 50.11 -2.07 18.93
N TYR B 384 49.08 -1.22 19.03
CA TYR B 384 47.85 -1.39 18.27
C TYR B 384 47.98 -0.58 16.99
N PRO B 385 47.85 -1.26 15.83
CA PRO B 385 48.18 -0.61 14.57
C PRO B 385 47.18 0.44 14.12
N ASP B 386 47.69 1.45 13.42
CA ASP B 386 46.87 2.49 12.79
C ASP B 386 46.41 1.98 11.41
N PRO B 387 45.13 2.22 11.05
CA PRO B 387 44.59 1.63 9.83
C PRO B 387 45.11 2.20 8.49
N PHE B 388 45.81 3.35 8.52
CA PHE B 388 46.34 3.98 7.30
C PHE B 388 47.83 4.38 7.34
N ASP B 389 48.48 4.18 8.48
CA ASP B 389 49.89 4.53 8.66
C ASP B 389 50.58 3.40 9.44
N LYS B 390 51.35 2.58 8.72
CA LYS B 390 52.01 1.40 9.32
C LYS B 390 53.07 1.73 10.38
N THR B 391 53.56 2.97 10.41
CA THR B 391 54.58 3.37 11.39
C THR B 391 53.99 3.86 12.71
N LYS B 392 52.68 4.15 12.71
CA LYS B 392 52.01 4.76 13.86
C LYS B 392 51.24 3.70 14.65
N PHE B 393 51.28 3.82 15.98
CA PHE B 393 50.62 2.85 16.87
C PHE B 393 49.91 3.53 18.02
N ARG B 394 49.00 2.78 18.65
CA ARG B 394 48.17 3.29 19.74
C ARG B 394 48.14 2.28 20.88
N LYS B 395 47.56 2.72 22.00
CA LYS B 395 47.34 1.86 23.14
C LYS B 395 46.02 1.10 22.98
N ALA B 396 45.85 0.07 23.81
CA ALA B 396 44.63 -0.74 23.82
C ALA B 396 43.42 0.10 24.20
N THR B 397 42.29 -0.15 23.54
CA THR B 397 41.02 0.51 23.86
C THR B 397 39.87 -0.50 23.91
N MET B 398 38.79 -0.12 24.58
CA MET B 398 37.58 -0.95 24.70
C MET B 398 36.36 -0.04 24.82
N LEU B 399 35.19 -0.58 24.49
CA LEU B 399 33.94 0.13 24.75
C LEU B 399 33.44 -0.22 26.15
N THR B 400 32.58 0.64 26.70
CA THR B 400 31.84 0.32 27.92
C THR B 400 31.10 -1.02 27.79
N SER B 401 30.51 -1.25 26.63
CA SER B 401 29.78 -2.50 26.37
C SER B 401 30.70 -3.72 26.25
N ASP B 402 31.99 -3.50 25.98
CA ASP B 402 32.98 -4.56 26.02
C ASP B 402 33.32 -4.87 27.50
N LEU B 403 33.56 -3.82 28.28
CA LEU B 403 33.87 -4.01 29.70
C LEU B 403 32.74 -4.69 30.44
N ALA B 404 31.52 -4.64 29.90
CA ALA B 404 30.40 -5.36 30.49
C ALA B 404 30.72 -6.84 30.75
N LEU B 405 31.49 -7.45 29.85
CA LEU B 405 31.72 -8.89 29.89
C LEU B 405 32.61 -9.33 31.03
N ILE B 406 33.29 -8.38 31.69
CA ILE B 406 34.04 -8.71 32.92
C ILE B 406 33.47 -8.02 34.17
N ASN B 407 32.30 -7.36 34.02
CA ASN B 407 31.61 -6.65 35.12
C ASN B 407 30.21 -7.21 35.39
N ASP B 408 30.09 -8.50 35.11
CA ASP B 408 28.92 -9.30 35.42
C ASP B 408 29.44 -10.68 35.83
N PRO B 409 28.93 -11.24 36.95
CA PRO B 409 29.48 -12.51 37.43
C PRO B 409 29.47 -13.65 36.41
N GLU B 410 28.35 -13.82 35.70
CA GLU B 410 28.24 -14.91 34.74
C GLU B 410 29.09 -14.66 33.49
N TYR B 411 29.06 -13.44 32.95
CA TYR B 411 29.91 -13.13 31.80
C TYR B 411 31.39 -13.26 32.15
N LEU B 412 31.75 -12.85 33.36
CA LEU B 412 33.14 -12.92 33.80
C LEU B 412 33.64 -14.36 33.81
N LYS B 413 32.83 -15.27 34.35
CA LYS B 413 33.22 -16.67 34.38
C LYS B 413 33.46 -17.23 32.97
N ILE B 414 32.62 -16.84 32.02
CA ILE B 414 32.75 -17.34 30.65
C ILE B 414 34.00 -16.76 30.01
N SER B 415 34.20 -15.45 30.18
CA SER B 415 35.36 -14.76 29.64
C SER B 415 36.66 -15.35 30.19
N GLN B 416 36.65 -15.66 31.49
CA GLN B 416 37.82 -16.27 32.14
C GLN B 416 38.14 -17.65 31.59
N ARG B 417 37.10 -18.46 31.44
CA ARG B 417 37.25 -19.80 30.88
C ARG B 417 37.83 -19.72 29.46
N TRP B 418 37.25 -18.84 28.64
CA TRP B 418 37.66 -18.77 27.23
C TRP B 418 39.00 -18.08 27.03
N LEU B 419 39.40 -17.24 27.96
CA LEU B 419 40.76 -16.70 27.95
C LEU B 419 41.76 -17.84 27.92
N GLU B 420 41.50 -18.84 28.75
CA GLU B 420 42.37 -20.02 28.88
C GLU B 420 42.12 -21.05 27.79
N HIS B 421 40.89 -21.14 27.30
CA HIS B 421 40.50 -22.15 26.32
C HIS B 421 39.89 -21.49 25.09
N PRO B 422 40.73 -20.84 24.28
CA PRO B 422 40.18 -20.08 23.15
C PRO B 422 39.43 -20.95 22.14
N GLU B 423 39.73 -22.24 22.10
CA GLU B 423 39.02 -23.15 21.20
C GLU B 423 37.54 -23.32 21.59
N GLU B 424 37.22 -23.07 22.87
CA GLU B 424 35.85 -23.13 23.32
C GLU B 424 35.08 -21.90 22.83
N LEU B 425 35.73 -20.74 22.86
CA LEU B 425 35.18 -19.52 22.26
C LEU B 425 34.93 -19.73 20.78
N ALA B 426 35.92 -20.27 20.08
CA ALA B 426 35.81 -20.49 18.64
C ALA B 426 34.63 -21.38 18.28
N ASP B 427 34.47 -22.49 19.00
CA ASP B 427 33.31 -23.39 18.85
C ASP B 427 31.99 -22.65 19.11
N ALA B 428 31.92 -21.89 20.20
CA ALA B 428 30.67 -21.23 20.55
C ALA B 428 30.34 -20.14 19.54
N PHE B 429 31.36 -19.43 19.08
CA PHE B 429 31.18 -18.33 18.11
C PHE B 429 30.72 -18.88 16.78
N ALA B 430 31.35 -19.94 16.32
CA ALA B 430 30.90 -20.59 15.06
C ALA B 430 29.41 -20.96 15.15
N LYS B 431 29.01 -21.55 16.26
CA LYS B 431 27.62 -21.96 16.42
C LYS B 431 26.69 -20.77 16.55
N ALA B 432 27.08 -19.75 17.31
CA ALA B 432 26.20 -18.61 17.53
C ALA B 432 26.08 -17.72 16.28
N TRP B 433 27.19 -17.55 15.56
CA TRP B 433 27.20 -16.81 14.28
C TRP B 433 26.29 -17.50 13.25
N PHE B 434 26.37 -18.83 13.19
CA PHE B 434 25.51 -19.60 12.26
C PHE B 434 24.04 -19.38 12.63
N LYS B 435 23.71 -19.50 13.91
CA LYS B 435 22.37 -19.21 14.42
C LYS B 435 21.91 -17.79 14.07
N LEU B 436 22.75 -16.80 14.35
CA LEU B 436 22.45 -15.40 14.08
C LEU B 436 22.04 -15.21 12.61
N LEU B 437 22.82 -15.79 11.71
CA LEU B 437 22.62 -15.58 10.27
C LEU B 437 21.45 -16.38 9.70
N HIS B 438 21.06 -17.47 10.35
CA HIS B 438 20.09 -18.42 9.76
C HIS B 438 18.79 -18.62 10.54
N ARG B 439 18.68 -17.95 11.71
CA ARG B 439 17.52 -18.08 12.64
C ARG B 439 16.19 -17.88 11.94
N ASP B 440 16.13 -17.03 10.92
CA ASP B 440 14.86 -16.66 10.30
C ASP B 440 14.74 -17.23 8.89
N LEU B 441 15.65 -18.12 8.54
CA LEU B 441 15.63 -18.71 7.21
C LEU B 441 14.54 -19.76 7.13
N GLY B 442 14.11 -20.28 8.28
CA GLY B 442 13.03 -21.26 8.32
C GLY B 442 13.52 -22.70 8.30
N PRO B 443 12.66 -23.63 7.82
CA PRO B 443 12.99 -25.03 7.82
C PRO B 443 14.23 -25.33 6.99
N THR B 444 14.94 -26.38 7.38
CA THR B 444 16.16 -26.82 6.72
CA THR B 444 16.20 -26.71 6.69
C THR B 444 15.99 -27.06 5.22
N THR B 445 14.79 -27.45 4.82
CA THR B 445 14.49 -27.66 3.41
C THR B 445 14.65 -26.38 2.60
N ARG B 446 14.67 -25.22 3.25
CA ARG B 446 14.90 -23.93 2.54
C ARG B 446 16.36 -23.60 2.29
N TYR B 447 17.27 -24.25 3.02
CA TYR B 447 18.67 -23.86 2.97
C TYR B 447 19.32 -24.35 1.69
N LEU B 448 19.95 -23.44 0.97
CA LEU B 448 20.56 -23.71 -0.32
C LEU B 448 22.06 -23.65 -0.28
N GLY B 449 22.67 -24.38 -1.22
CA GLY B 449 24.11 -24.30 -1.41
C GLY B 449 24.85 -25.53 -0.92
N PRO B 450 26.16 -25.56 -1.19
CA PRO B 450 26.96 -26.76 -0.97
C PRO B 450 27.60 -26.84 0.40
N GLU B 451 27.37 -25.88 1.30
CA GLU B 451 28.01 -25.95 2.63
C GLU B 451 27.02 -25.68 3.76
N VAL B 452 25.81 -26.20 3.62
CA VAL B 452 24.86 -26.17 4.69
C VAL B 452 25.37 -27.08 5.83
N PRO B 453 25.51 -26.54 7.05
CA PRO B 453 25.97 -27.41 8.13
C PRO B 453 25.10 -28.64 8.34
N LYS B 454 25.74 -29.76 8.64
CA LYS B 454 25.05 -31.04 8.79
C LYS B 454 24.33 -31.18 10.13
N GLU B 455 24.78 -30.46 11.15
CA GLU B 455 24.16 -30.57 12.47
C GLU B 455 22.76 -30.00 12.42
N SER B 456 21.82 -30.72 13.03
CA SER B 456 20.46 -30.24 13.20
C SER B 456 20.36 -29.50 14.53
N PHE B 457 20.05 -28.21 14.47
CA PHE B 457 19.97 -27.35 15.64
C PHE B 457 18.55 -27.09 16.06
N ILE B 458 18.35 -27.02 17.37
CA ILE B 458 17.01 -26.90 17.96
C ILE B 458 16.25 -25.67 17.43
N TRP B 459 16.95 -24.57 17.15
CA TRP B 459 16.33 -23.33 16.69
C TRP B 459 15.92 -23.36 15.22
N GLN B 460 16.25 -24.45 14.54
CA GLN B 460 15.79 -24.69 13.18
C GLN B 460 14.44 -25.37 13.17
N ASP B 461 13.90 -25.65 14.36
CA ASP B 461 12.64 -26.37 14.51
C ASP B 461 12.64 -27.63 13.62
N PRO B 462 13.61 -28.50 13.86
CA PRO B 462 13.88 -29.58 12.93
C PRO B 462 12.77 -30.60 12.75
N LEU B 463 12.82 -31.26 11.59
CA LEU B 463 11.84 -32.26 11.19
C LEU B 463 12.61 -33.52 10.72
N PRO B 464 12.09 -34.70 11.04
CA PRO B 464 12.71 -35.93 10.60
C PRO B 464 12.40 -36.22 9.14
N ALA B 465 13.09 -37.23 8.61
CA ALA B 465 12.71 -37.79 7.33
C ALA B 465 11.40 -38.57 7.49
N ARG B 466 10.69 -38.74 6.39
CA ARG B 466 9.42 -39.46 6.39
C ARG B 466 9.54 -40.94 6.77
N GLU B 467 8.42 -41.50 7.23
CA GLU B 467 8.31 -42.94 7.44
C GLU B 467 7.57 -43.55 6.26
N GLY B 468 8.12 -44.64 5.74
CA GLY B 468 7.44 -45.44 4.74
C GLY B 468 7.24 -44.72 3.43
N ASP B 469 6.27 -45.21 2.65
CA ASP B 469 5.97 -44.67 1.34
C ASP B 469 4.80 -43.70 1.41
N LEU B 470 4.83 -42.73 0.51
CA LEU B 470 3.87 -41.64 0.47
C LEU B 470 2.50 -42.14 0.04
N ILE B 471 1.48 -41.73 0.78
CA ILE B 471 0.09 -42.00 0.39
C ILE B 471 -0.27 -41.41 -0.99
N ASP B 472 -1.08 -42.15 -1.75
CA ASP B 472 -1.55 -41.71 -3.03
C ASP B 472 -3.03 -41.32 -2.98
N ASP B 473 -3.60 -40.97 -4.13
CA ASP B 473 -4.98 -40.45 -4.14
C ASP B 473 -6.00 -41.47 -3.67
N ALA B 474 -5.76 -42.75 -3.93
CA ALA B 474 -6.64 -43.80 -3.44
C ALA B 474 -6.61 -43.86 -1.90
N ASP B 475 -5.42 -43.80 -1.33
CA ASP B 475 -5.28 -43.75 0.11
C ASP B 475 -5.96 -42.52 0.70
N VAL B 476 -5.78 -41.37 0.06
CA VAL B 476 -6.44 -40.14 0.50
C VAL B 476 -7.97 -40.29 0.52
N ASP B 477 -8.54 -40.86 -0.54
CA ASP B 477 -9.99 -41.05 -0.60
C ASP B 477 -10.48 -41.91 0.57
N LYS B 478 -9.75 -42.99 0.85
CA LYS B 478 -10.09 -43.92 1.92
C LYS B 478 -10.00 -43.21 3.28
N LEU B 479 -8.92 -42.43 3.45
CA LEU B 479 -8.68 -41.73 4.69
C LEU B 479 -9.72 -40.66 4.97
N LYS B 480 -10.14 -39.93 3.94
CA LYS B 480 -11.17 -38.90 4.11
C LYS B 480 -12.46 -39.53 4.63
N ALA B 481 -12.83 -40.64 4.01
CA ALA B 481 -14.07 -41.31 4.38
C ALA B 481 -14.00 -41.81 5.82
N ALA B 482 -12.86 -42.34 6.23
CA ALA B 482 -12.68 -42.83 7.58
C ALA B 482 -12.74 -41.68 8.56
N ILE B 483 -11.98 -40.63 8.28
CA ILE B 483 -11.92 -39.49 9.20
C ILE B 483 -13.30 -38.88 9.49
N LEU B 484 -14.14 -38.76 8.46
CA LEU B 484 -15.47 -38.16 8.57
C LEU B 484 -16.51 -39.10 9.17
N SER B 485 -16.07 -40.28 9.57
CA SER B 485 -16.95 -41.23 10.26
C SER B 485 -16.26 -41.89 11.44
N THR B 486 -15.38 -41.15 12.14
CA THR B 486 -14.62 -41.65 13.28
C THR B 486 -15.17 -41.03 14.58
N ASP B 487 -15.27 -41.84 15.64
CA ASP B 487 -15.74 -41.36 16.94
C ASP B 487 -14.91 -40.13 17.34
N GLY B 488 -15.58 -39.06 17.78
CA GLY B 488 -14.90 -37.90 18.33
C GLY B 488 -14.56 -36.81 17.34
N LEU B 489 -14.80 -37.08 16.05
CA LEU B 489 -14.52 -36.14 14.99
C LEU B 489 -15.80 -35.69 14.34
N ASP B 490 -15.83 -34.43 13.93
CA ASP B 490 -16.87 -33.90 13.07
C ASP B 490 -16.33 -32.69 12.31
N VAL B 491 -17.16 -32.15 11.44
CA VAL B 491 -16.72 -31.05 10.57
C VAL B 491 -16.18 -29.86 11.37
N SER B 492 -16.91 -29.42 12.38
CA SER B 492 -16.51 -28.27 13.16
C SER B 492 -15.16 -28.48 13.84
N LYS B 493 -15.01 -29.60 14.51
CA LYS B 493 -13.77 -29.92 15.25
C LYS B 493 -12.58 -30.10 14.31
N LEU B 494 -12.81 -30.75 13.17
CA LEU B 494 -11.74 -30.96 12.23
C LEU B 494 -11.24 -29.66 11.62
N ALA B 495 -12.17 -28.79 11.24
CA ALA B 495 -11.79 -27.50 10.63
C ALA B 495 -11.06 -26.65 11.65
N SER B 496 -11.55 -26.66 12.89
CA SER B 496 -10.95 -25.84 13.93
C SER B 496 -9.55 -26.31 14.25
N THR B 497 -9.36 -27.62 14.34
CA THR B 497 -8.07 -28.19 14.72
C THR B 497 -7.02 -27.91 13.63
N ALA B 498 -7.40 -28.11 12.37
CA ALA B 498 -6.49 -27.81 11.24
C ALA B 498 -6.06 -26.36 11.21
N MET B 499 -7.00 -25.44 11.39
CA MET B 499 -6.65 -24.02 11.38
C MET B 499 -5.79 -23.64 12.59
N ALA B 500 -6.08 -24.20 13.75
CA ALA B 500 -5.27 -23.96 14.93
C ALA B 500 -3.81 -24.36 14.74
N CYS B 501 -3.59 -25.48 14.06
CA CYS B 501 -2.28 -25.94 13.75
CA CYS B 501 -2.26 -25.94 13.71
C CYS B 501 -1.61 -25.04 12.70
N ALA B 502 -2.36 -24.61 11.70
CA ALA B 502 -1.84 -23.80 10.60
C ALA B 502 -1.42 -22.38 10.97
N THR B 503 -2.15 -21.74 11.87
CA THR B 503 -1.95 -20.30 12.09
C THR B 503 -0.78 -19.99 13.01
N THR B 504 -0.09 -21.01 13.48
CA THR B 504 1.18 -20.78 14.14
C THR B 504 2.24 -20.30 13.13
N TYR B 505 2.01 -20.52 11.83
CA TYR B 505 2.94 -20.05 10.79
C TYR B 505 3.10 -18.55 10.86
N ARG B 506 4.34 -18.08 10.69
CA ARG B 506 4.59 -16.66 10.50
C ARG B 506 5.68 -16.47 9.45
N ASN B 507 5.40 -15.63 8.46
CA ASN B 507 6.30 -15.49 7.34
C ASN B 507 7.58 -14.73 7.67
N SER B 508 7.56 -13.95 8.74
CA SER B 508 8.73 -13.14 9.12
C SER B 508 9.96 -14.01 9.38
N ASP B 509 9.79 -15.12 10.09
CA ASP B 509 10.92 -16.04 10.32
C ASP B 509 10.62 -17.48 9.88
N LYS B 510 9.50 -17.64 9.20
CA LYS B 510 9.15 -18.93 8.58
C LYS B 510 9.06 -20.07 9.56
N ARG B 511 8.67 -19.74 10.79
CA ARG B 511 8.40 -20.75 11.80
C ARG B 511 6.92 -21.11 11.77
N GLY B 512 6.58 -22.26 12.32
CA GLY B 512 5.18 -22.62 12.48
C GLY B 512 4.57 -23.29 11.26
N GLY B 513 3.28 -23.58 11.37
CA GLY B 513 2.54 -24.25 10.34
C GLY B 513 2.20 -25.68 10.72
N CYS B 514 1.59 -26.37 9.78
CA CYS B 514 1.09 -27.72 10.02
C CYS B 514 2.10 -28.83 9.92
N ASN B 515 3.19 -28.62 9.18
CA ASN B 515 4.18 -29.68 9.08
C ASN B 515 4.80 -29.92 10.46
N GLY B 516 4.97 -31.18 10.83
CA GLY B 516 5.46 -31.54 12.15
C GLY B 516 4.38 -31.96 13.13
N ALA B 517 3.11 -31.60 12.88
CA ALA B 517 2.01 -31.86 13.79
C ALA B 517 2.35 -31.41 15.20
N ARG B 518 2.89 -30.20 15.33
CA ARG B 518 3.34 -29.74 16.64
C ARG B 518 2.19 -29.35 17.55
N ILE B 519 0.96 -29.26 17.02
CA ILE B 519 -0.19 -29.06 17.88
C ILE B 519 -0.36 -30.26 18.82
N ALA B 520 0.17 -31.41 18.41
CA ALA B 520 0.09 -32.62 19.24
C ALA B 520 1.17 -32.71 20.31
N LEU B 521 2.07 -31.73 20.34
CA LEU B 521 3.20 -31.75 21.24
C LEU B 521 3.09 -30.60 22.22
N GLU B 522 3.87 -30.65 23.29
CA GLU B 522 4.02 -29.47 24.13
C GLU B 522 4.80 -28.39 23.38
N PRO B 523 4.46 -27.10 23.61
CA PRO B 523 3.42 -26.60 24.51
C PRO B 523 2.04 -26.44 23.87
N GLN B 524 1.95 -26.57 22.55
CA GLN B 524 0.71 -26.31 21.85
C GLN B 524 -0.46 -27.17 22.33
N ARG B 525 -0.19 -28.42 22.68
CA ARG B 525 -1.30 -29.30 23.09
C ARG B 525 -2.01 -28.82 24.38
N ASN B 526 -1.35 -27.96 25.15
CA ASN B 526 -1.94 -27.44 26.37
C ASN B 526 -2.20 -25.94 26.35
N TRP B 527 -2.02 -25.31 25.20
CA TRP B 527 -2.46 -23.93 25.05
C TRP B 527 -3.96 -23.78 25.31
N VAL B 528 -4.34 -22.79 26.15
CA VAL B 528 -5.78 -22.57 26.42
C VAL B 528 -6.53 -22.27 25.11
N SER B 529 -5.87 -21.56 24.18
CA SER B 529 -6.47 -21.27 22.88
C SER B 529 -6.74 -22.50 22.02
N ASN B 530 -6.16 -23.64 22.38
CA ASN B 530 -6.46 -24.92 21.70
C ASN B 530 -7.47 -25.81 22.40
N ASN B 531 -8.05 -25.37 23.51
CA ASN B 531 -9.12 -26.16 24.15
C ASN B 531 -8.62 -27.58 24.42
N PRO B 532 -7.60 -27.70 25.29
CA PRO B 532 -6.86 -28.97 25.38
C PRO B 532 -7.67 -30.27 25.56
N THR B 533 -8.78 -30.24 26.29
CA THR B 533 -9.56 -31.48 26.47
C THR B 533 -10.23 -31.91 25.18
N GLN B 534 -10.75 -30.95 24.42
CA GLN B 534 -11.34 -31.27 23.12
C GLN B 534 -10.22 -31.72 22.19
N LEU B 535 -9.10 -31.01 22.20
CA LEU B 535 -7.97 -31.35 21.34
C LEU B 535 -7.47 -32.76 21.55
N SER B 536 -7.30 -33.17 22.81
CA SER B 536 -6.80 -34.52 23.08
CA SER B 536 -6.80 -34.53 23.07
C SER B 536 -7.75 -35.57 22.49
N ALA B 537 -9.06 -35.34 22.59
CA ALA B 537 -10.04 -36.25 21.99
C ALA B 537 -9.94 -36.32 20.45
N VAL B 538 -9.75 -35.16 19.83
CA VAL B 538 -9.58 -35.09 18.38
C VAL B 538 -8.30 -35.81 17.97
N LEU B 539 -7.22 -35.53 18.69
CA LEU B 539 -5.94 -36.16 18.35
C LEU B 539 -5.93 -37.68 18.62
N ASP B 540 -6.60 -38.11 19.68
CA ASP B 540 -6.71 -39.54 19.90
C ASP B 540 -7.41 -40.20 18.74
N ALA B 541 -8.46 -39.56 18.22
CA ALA B 541 -9.24 -40.12 17.13
C ALA B 541 -8.40 -40.21 15.87
N LEU B 542 -7.67 -39.15 15.58
CA LEU B 542 -6.83 -39.16 14.39
C LEU B 542 -5.70 -40.18 14.51
N LYS B 543 -5.15 -40.33 15.72
CA LYS B 543 -4.14 -41.35 15.96
C LYS B 543 -4.70 -42.77 15.73
N LYS B 544 -5.98 -42.96 16.00
CA LYS B 544 -6.64 -44.23 15.75
C LYS B 544 -6.72 -44.48 14.24
N VAL B 545 -7.09 -43.45 13.49
CA VAL B 545 -7.12 -43.55 12.04
C VAL B 545 -5.71 -43.88 11.52
N GLN B 546 -4.72 -43.22 12.09
CA GLN B 546 -3.33 -43.46 11.70
C GLN B 546 -2.91 -44.88 11.98
N SER B 547 -3.22 -45.37 13.18
CA SER B 547 -2.86 -46.74 13.57
CA SER B 547 -2.83 -46.74 13.55
CA SER B 547 -2.86 -46.74 13.57
C SER B 547 -3.55 -47.79 12.68
N ASP B 548 -4.80 -47.54 12.35
CA ASP B 548 -5.55 -48.43 11.46
C ASP B 548 -4.89 -48.48 10.08
N PHE B 549 -4.48 -47.32 9.57
CA PHE B 549 -3.87 -47.26 8.24
C PHE B 549 -2.45 -47.85 8.26
N ASN B 550 -1.64 -47.44 9.23
CA ASN B 550 -0.21 -47.78 9.26
C ASN B 550 0.04 -49.25 9.55
N GLY B 551 -0.90 -49.89 10.25
CA GLY B 551 -0.85 -51.33 10.40
C GLY B 551 -1.38 -52.20 9.27
N SER B 552 -1.71 -51.64 8.09
CA SER B 552 -2.45 -52.45 7.10
CA SER B 552 -2.47 -52.43 7.10
C SER B 552 -2.33 -52.04 5.62
N ASN B 553 -1.35 -51.19 5.28
CA ASN B 553 -1.20 -50.75 3.89
C ASN B 553 0.21 -50.96 3.35
N GLY B 554 0.77 -52.12 3.68
CA GLY B 554 2.12 -52.46 3.23
C GLY B 554 3.11 -51.49 3.82
N ASN B 555 3.97 -50.95 2.99
CA ASN B 555 4.95 -49.96 3.43
C ASN B 555 4.43 -48.51 3.40
N LYS B 556 3.17 -48.31 2.99
CA LYS B 556 2.58 -46.97 3.01
C LYS B 556 2.34 -46.57 4.46
N LYS B 557 2.73 -45.35 4.83
CA LYS B 557 2.48 -44.86 6.19
C LYS B 557 2.01 -43.42 6.10
N VAL B 558 1.07 -43.06 6.94
CA VAL B 558 0.57 -41.69 6.96
C VAL B 558 0.93 -41.03 8.28
N SER B 559 1.31 -39.75 8.20
CA SER B 559 1.65 -38.95 9.40
C SER B 559 0.41 -38.34 10.04
N LEU B 560 0.51 -38.11 11.34
CA LEU B 560 -0.53 -37.37 12.04
C LEU B 560 -0.67 -35.96 11.44
N ALA B 561 0.45 -35.37 11.04
CA ALA B 561 0.42 -34.05 10.44
C ALA B 561 -0.46 -34.02 9.21
N ASP B 562 -0.25 -35.00 8.33
CA ASP B 562 -1.09 -35.10 7.14
C ASP B 562 -2.56 -35.39 7.53
N LEU B 563 -2.81 -36.23 8.53
CA LEU B 563 -4.19 -36.47 8.94
C LEU B 563 -4.91 -35.27 9.53
N ILE B 564 -4.22 -34.43 10.28
CA ILE B 564 -4.78 -33.20 10.80
C ILE B 564 -5.24 -32.33 9.64
N VAL B 565 -4.36 -32.10 8.68
CA VAL B 565 -4.68 -31.26 7.52
C VAL B 565 -5.73 -31.92 6.63
N LEU B 566 -5.58 -33.21 6.35
CA LEU B 566 -6.55 -33.93 5.53
C LEU B 566 -7.94 -33.94 6.16
N GLY B 567 -8.01 -34.13 7.47
CA GLY B 567 -9.29 -34.08 8.17
C GLY B 567 -10.01 -32.77 8.02
N GLY B 568 -9.32 -31.66 8.28
CA GLY B 568 -9.94 -30.35 8.09
C GLY B 568 -10.29 -30.12 6.62
N THR B 569 -9.44 -30.56 5.71
CA THR B 569 -9.67 -30.40 4.27
C THR B 569 -10.90 -31.21 3.77
N ALA B 570 -11.03 -32.45 4.25
CA ALA B 570 -12.21 -33.26 3.98
C ALA B 570 -13.47 -32.66 4.55
N ALA B 571 -13.38 -32.08 5.75
CA ALA B 571 -14.49 -31.38 6.38
C ALA B 571 -14.97 -30.22 5.53
N VAL B 572 -14.03 -29.41 5.05
CA VAL B 572 -14.35 -28.27 4.21
C VAL B 572 -15.03 -28.73 2.91
N GLU B 573 -14.51 -29.79 2.31
CA GLU B 573 -15.08 -30.33 1.07
C GLU B 573 -16.51 -30.82 1.27
N LYS B 574 -16.75 -31.55 2.33
CA LYS B 574 -18.09 -32.00 2.66
C LYS B 574 -19.02 -30.86 2.99
N ALA B 575 -18.53 -29.86 3.72
CA ALA B 575 -19.33 -28.71 4.07
C ALA B 575 -19.74 -27.95 2.82
N ALA B 576 -18.83 -27.88 1.85
CA ALA B 576 -19.13 -27.23 0.58
C ALA B 576 -20.24 -28.03 -0.13
N LYS B 577 -20.08 -29.34 -0.17
CA LYS B 577 -21.07 -30.21 -0.82
C LYS B 577 -22.44 -29.99 -0.19
N ASP B 578 -22.48 -29.92 1.14
CA ASP B 578 -23.74 -29.70 1.88
C ASP B 578 -24.39 -28.33 1.58
N ALA B 579 -23.56 -27.36 1.22
CA ALA B 579 -24.00 -26.02 0.86
C ALA B 579 -24.38 -25.94 -0.62
N GLY B 580 -24.27 -27.04 -1.33
CA GLY B 580 -24.71 -27.15 -2.72
C GLY B 580 -23.64 -26.84 -3.74
N VAL B 581 -22.37 -26.86 -3.32
CA VAL B 581 -21.25 -26.66 -4.23
C VAL B 581 -20.33 -27.88 -4.24
N ASP B 582 -20.25 -28.51 -5.40
CA ASP B 582 -19.35 -29.65 -5.59
CA ASP B 582 -19.34 -29.63 -5.61
C ASP B 582 -18.00 -29.11 -6.05
N ILE B 583 -16.99 -29.23 -5.18
CA ILE B 583 -15.66 -28.73 -5.48
C ILE B 583 -14.65 -29.75 -4.96
N LYS B 584 -13.61 -30.04 -5.76
CA LYS B 584 -12.50 -30.89 -5.32
C LYS B 584 -11.58 -30.02 -4.51
N VAL B 585 -11.43 -30.29 -3.21
CA VAL B 585 -10.57 -29.48 -2.38
C VAL B 585 -9.19 -30.10 -2.42
N PRO B 586 -8.16 -29.34 -2.88
CA PRO B 586 -6.87 -29.99 -3.06
C PRO B 586 -6.28 -30.43 -1.74
N PHE B 587 -5.43 -31.43 -1.76
CA PHE B 587 -4.65 -31.84 -0.59
C PHE B 587 -3.25 -32.23 -1.05
N SER B 588 -2.24 -31.68 -0.37
CA SER B 588 -0.86 -32.01 -0.65
C SER B 588 -0.29 -32.83 0.49
N ALA B 589 -0.06 -34.11 0.23
CA ALA B 589 0.48 -35.04 1.24
C ALA B 589 1.98 -34.82 1.43
N GLY B 590 2.53 -35.46 2.46
CA GLY B 590 3.96 -35.50 2.68
C GLY B 590 4.49 -34.83 3.94
N ARG B 591 3.62 -34.27 4.77
CA ARG B 591 4.08 -33.74 6.05
C ARG B 591 4.60 -34.87 6.91
N VAL B 592 5.52 -34.53 7.80
CA VAL B 592 6.07 -35.49 8.75
C VAL B 592 5.74 -35.04 10.17
N ASP B 593 5.97 -35.96 11.11
CA ASP B 593 5.66 -35.70 12.52
C ASP B 593 6.96 -35.36 13.25
N ALA B 594 7.00 -34.19 13.88
CA ALA B 594 8.15 -33.80 14.69
C ALA B 594 8.13 -34.61 15.96
N THR B 595 9.31 -34.80 16.56
CA THR B 595 9.36 -35.37 17.90
C THR B 595 9.30 -34.24 18.93
N GLN B 596 8.96 -34.59 20.16
CA GLN B 596 9.03 -33.61 21.23
C GLN B 596 10.46 -33.09 21.45
N GLU B 597 11.46 -33.95 21.26
CA GLU B 597 12.86 -33.56 21.40
CA GLU B 597 12.88 -33.59 21.38
C GLU B 597 13.22 -32.44 20.43
N GLN B 598 12.62 -32.47 19.24
CA GLN B 598 12.80 -31.45 18.22
C GLN B 598 11.93 -30.20 18.41
N THR B 599 11.18 -30.14 19.53
CA THR B 599 10.17 -29.11 19.74
C THR B 599 10.39 -28.48 21.12
N ASP B 600 11.29 -27.51 21.17
CA ASP B 600 11.66 -26.85 22.42
C ASP B 600 10.49 -26.06 22.92
N VAL B 601 10.10 -26.29 24.16
CA VAL B 601 8.87 -25.69 24.66
C VAL B 601 9.00 -24.17 24.76
N THR B 602 10.17 -23.66 25.17
CA THR B 602 10.35 -22.21 25.27
C THR B 602 10.29 -21.56 23.89
N GLN B 603 10.99 -22.13 22.92
CA GLN B 603 10.95 -21.63 21.53
C GLN B 603 9.50 -21.57 21.03
N PHE B 604 8.73 -22.63 21.25
CA PHE B 604 7.38 -22.64 20.73
C PHE B 604 6.39 -21.81 21.53
N SER B 605 6.75 -21.46 22.77
CA SER B 605 5.91 -20.55 23.55
C SER B 605 5.75 -19.21 22.82
N TYR B 606 6.72 -18.85 21.99
CA TYR B 606 6.69 -17.57 21.28
C TYR B 606 5.60 -17.54 20.20
N LEU B 607 5.11 -18.70 19.81
CA LEU B 607 4.05 -18.78 18.79
C LEU B 607 2.63 -18.76 19.37
N GLU B 608 2.51 -18.72 20.68
CA GLU B 608 1.19 -18.75 21.31
C GLU B 608 0.42 -17.46 21.07
N PRO B 609 -0.79 -17.55 20.51
CA PRO B 609 -1.53 -16.35 20.20
C PRO B 609 -2.24 -15.74 21.39
N GLN B 610 -2.25 -14.41 21.44
CA GLN B 610 -3.03 -13.64 22.41
C GLN B 610 -4.52 -13.66 22.04
N ALA B 611 -4.80 -13.63 20.74
CA ALA B 611 -6.15 -13.73 20.22
C ALA B 611 -6.05 -14.39 18.84
N ASP B 612 -7.12 -15.05 18.44
CA ASP B 612 -7.20 -15.63 17.09
CA ASP B 612 -7.20 -15.68 17.11
C ASP B 612 -8.58 -15.43 16.52
N GLY B 613 -8.65 -14.59 15.48
CA GLY B 613 -9.90 -14.27 14.85
C GLY B 613 -10.54 -15.42 14.10
N PHE B 614 -9.76 -16.31 13.53
CA PHE B 614 -10.35 -17.44 12.80
C PHE B 614 -11.18 -18.38 13.65
N ARG B 615 -10.81 -18.52 14.92
CA ARG B 615 -11.52 -19.41 15.84
C ARG B 615 -12.17 -18.63 16.98
N ASN B 616 -12.28 -17.31 16.82
CA ASN B 616 -12.92 -16.43 17.80
C ASN B 616 -12.39 -16.61 19.24
N TYR B 617 -11.07 -16.62 19.34
CA TYR B 617 -10.39 -16.77 20.61
C TYR B 617 -9.81 -15.46 21.06
N GLY B 618 -9.93 -15.17 22.35
CA GLY B 618 -9.07 -14.21 23.01
C GLY B 618 -9.55 -12.78 22.98
N ARG B 619 -8.70 -11.89 23.47
CA ARG B 619 -9.02 -10.48 23.68
CA ARG B 619 -9.03 -10.47 23.63
C ARG B 619 -7.77 -9.66 23.40
N GLY B 620 -7.96 -8.39 23.10
CA GLY B 620 -6.84 -7.51 22.87
C GLY B 620 -6.25 -7.01 24.16
N THR B 621 -5.27 -6.14 24.04
CA THR B 621 -4.48 -5.62 25.15
C THR B 621 -4.66 -4.12 25.18
N ALA B 622 -4.01 -3.48 26.14
CA ALA B 622 -4.04 -2.03 26.24
C ALA B 622 -3.45 -1.33 25.01
N ARG B 623 -2.56 -2.01 24.28
CA ARG B 623 -1.87 -1.45 23.12
C ARG B 623 -2.35 -2.03 21.77
N ALA B 624 -3.23 -3.03 21.77
CA ALA B 624 -3.64 -3.64 20.52
C ALA B 624 -5.03 -4.23 20.61
N ARG B 625 -5.94 -3.76 19.77
CA ARG B 625 -7.30 -4.26 19.76
C ARG B 625 -7.33 -5.65 19.11
N THR B 626 -8.33 -6.44 19.51
CA THR B 626 -8.55 -7.75 18.96
C THR B 626 -8.46 -7.77 17.42
N GLU B 627 -9.14 -6.84 16.76
CA GLU B 627 -9.13 -6.79 15.31
C GLU B 627 -7.75 -6.41 14.75
N GLU B 628 -6.97 -5.64 15.50
CA GLU B 628 -5.59 -5.32 15.09
C GLU B 628 -4.70 -6.56 15.17
N ILE B 629 -4.82 -7.32 16.23
CA ILE B 629 -4.12 -8.58 16.33
C ILE B 629 -4.46 -9.49 15.14
N MET B 630 -5.73 -9.52 14.75
CA MET B 630 -6.14 -10.37 13.64
C MET B 630 -5.48 -9.93 12.32
N VAL B 631 -5.47 -8.63 12.08
CA VAL B 631 -4.83 -8.12 10.86
C VAL B 631 -3.33 -8.40 10.89
N ASP B 632 -2.71 -8.24 12.05
CA ASP B 632 -1.27 -8.56 12.21
C ASP B 632 -1.01 -10.06 11.88
N LYS B 633 -1.81 -10.95 12.43
CA LYS B 633 -1.69 -12.38 12.14
C LYS B 633 -1.91 -12.65 10.66
N ALA B 634 -2.92 -12.01 10.07
CA ALA B 634 -3.19 -12.19 8.66
C ALA B 634 -1.97 -11.82 7.81
N SER B 635 -1.31 -10.72 8.17
CA SER B 635 -0.10 -10.30 7.45
C SER B 635 1.02 -11.35 7.57
N GLN B 636 1.14 -11.95 8.75
CA GLN B 636 2.11 -13.01 8.96
C GLN B 636 1.78 -14.27 8.17
N LEU B 637 0.51 -14.46 7.84
CA LEU B 637 0.08 -15.57 6.99
C LEU B 637 0.07 -15.21 5.49
N THR B 638 0.52 -14.00 5.18
CA THR B 638 0.56 -13.46 3.83
C THR B 638 -0.80 -13.24 3.19
N LEU B 639 -1.85 -13.13 4.00
CA LEU B 639 -3.20 -13.02 3.45
C LEU B 639 -3.50 -11.62 2.92
N THR B 640 -4.30 -11.58 1.86
CA THR B 640 -4.87 -10.31 1.38
C THR B 640 -6.15 -10.02 2.20
N PRO B 641 -6.70 -8.81 2.10
CA PRO B 641 -7.98 -8.54 2.79
C PRO B 641 -9.12 -9.50 2.37
N PRO B 642 -9.29 -9.79 1.05
CA PRO B 642 -10.34 -10.78 0.72
C PRO B 642 -10.11 -12.17 1.30
N GLU B 643 -8.85 -12.60 1.38
CA GLU B 643 -8.54 -13.92 1.93
C GLU B 643 -8.83 -13.97 3.42
N LEU B 644 -8.42 -12.94 4.15
CA LEU B 644 -8.75 -12.86 5.58
C LEU B 644 -10.25 -12.94 5.77
N THR B 645 -10.97 -12.15 4.98
CA THR B 645 -12.42 -12.04 5.16
C THR B 645 -13.15 -13.35 4.89
N VAL B 646 -12.80 -14.00 3.78
CA VAL B 646 -13.49 -15.22 3.39
C VAL B 646 -13.23 -16.30 4.43
N LEU B 647 -12.00 -16.35 4.94
CA LEU B 647 -11.66 -17.38 5.92
C LEU B 647 -12.45 -17.22 7.22
N VAL B 648 -12.57 -15.98 7.72
CA VAL B 648 -13.35 -15.78 8.93
C VAL B 648 -14.80 -16.21 8.70
N GLY B 649 -15.41 -15.72 7.62
CA GLY B 649 -16.81 -16.05 7.36
C GLY B 649 -17.03 -17.55 7.26
N GLY B 650 -16.13 -18.25 6.59
CA GLY B 650 -16.25 -19.71 6.43
C GLY B 650 -16.06 -20.43 7.75
N MET B 651 -15.09 -20.01 8.55
CA MET B 651 -14.86 -20.66 9.86
C MET B 651 -16.09 -20.52 10.75
N ARG B 652 -16.77 -19.39 10.69
CA ARG B 652 -18.01 -19.19 11.45
C ARG B 652 -19.12 -20.10 10.93
N ALA B 653 -19.28 -20.19 9.60
CA ALA B 653 -20.29 -21.10 9.02
C ALA B 653 -20.04 -22.56 9.43
N LEU B 654 -18.76 -22.91 9.57
CA LEU B 654 -18.37 -24.27 9.95
C LEU B 654 -18.52 -24.55 11.44
N GLY B 655 -18.80 -23.52 12.24
CA GLY B 655 -18.87 -23.68 13.70
C GLY B 655 -17.53 -24.02 14.31
N ALA B 656 -16.47 -23.41 13.77
CA ALA B 656 -15.09 -23.76 14.12
C ALA B 656 -14.45 -22.89 15.22
N ASN B 657 -15.24 -22.33 16.13
CA ASN B 657 -14.66 -21.62 17.25
C ASN B 657 -13.84 -22.54 18.13
N TYR B 658 -12.87 -21.96 18.82
CA TYR B 658 -11.95 -22.77 19.61
C TYR B 658 -12.68 -23.51 20.75
N ASP B 659 -13.78 -22.97 21.22
CA ASP B 659 -14.53 -23.53 22.37
C ASP B 659 -15.86 -24.14 21.96
N GLY B 660 -16.10 -24.19 20.65
CA GLY B 660 -17.36 -24.66 20.11
C GLY B 660 -18.57 -23.79 20.41
N SER B 661 -18.34 -22.53 20.81
CA SER B 661 -19.43 -21.60 21.14
C SER B 661 -20.17 -21.11 19.90
N ASP B 662 -21.27 -20.40 20.11
CA ASP B 662 -22.00 -19.81 18.99
C ASP B 662 -21.65 -18.32 18.73
N VAL B 663 -20.58 -17.82 19.33
CA VAL B 663 -20.20 -16.45 19.13
C VAL B 663 -19.74 -16.29 17.68
N GLY B 664 -20.40 -15.40 16.96
CA GLY B 664 -20.11 -15.16 15.56
C GLY B 664 -20.72 -16.21 14.63
N VAL B 665 -21.38 -17.24 15.18
CA VAL B 665 -21.90 -18.33 14.36
C VAL B 665 -23.29 -17.94 13.89
N PHE B 666 -23.34 -17.02 12.92
CA PHE B 666 -24.59 -16.40 12.50
C PHE B 666 -25.18 -17.25 11.38
N THR B 667 -25.62 -18.45 11.73
CA THR B 667 -26.19 -19.36 10.74
C THR B 667 -27.09 -20.35 11.46
N ALA B 668 -28.13 -20.81 10.76
CA ALA B 668 -28.95 -21.92 11.24
C ALA B 668 -28.46 -23.24 10.66
N ASN B 669 -27.36 -23.21 9.93
CA ASN B 669 -26.81 -24.40 9.31
C ASN B 669 -25.32 -24.54 9.59
N LYS B 670 -25.00 -24.60 10.87
CA LYS B 670 -23.63 -24.82 11.31
C LYS B 670 -23.06 -26.08 10.66
N GLY B 671 -21.86 -25.96 10.09
CA GLY B 671 -21.21 -27.06 9.38
C GLY B 671 -21.44 -27.13 7.87
N LYS B 672 -22.28 -26.23 7.36
CA LYS B 672 -22.48 -26.08 5.93
C LYS B 672 -21.76 -24.83 5.49
N LEU B 673 -21.03 -24.90 4.38
CA LEU B 673 -20.18 -23.77 3.94
C LEU B 673 -20.96 -22.78 3.10
N THR B 674 -21.76 -21.97 3.80
CA THR B 674 -22.55 -20.94 3.21
C THR B 674 -21.96 -19.62 3.65
N PRO B 675 -22.32 -18.54 2.95
CA PRO B 675 -21.97 -17.21 3.42
C PRO B 675 -22.92 -16.60 4.43
N ASP B 676 -23.63 -17.43 5.20
CA ASP B 676 -24.58 -16.91 6.19
C ASP B 676 -23.98 -15.89 7.16
N PHE B 677 -22.73 -16.08 7.55
CA PHE B 677 -22.10 -15.16 8.47
C PHE B 677 -22.24 -13.76 7.92
N PHE B 678 -21.90 -13.60 6.66
CA PHE B 678 -22.00 -12.28 6.03
C PHE B 678 -23.43 -11.79 5.82
N VAL B 679 -24.28 -12.68 5.32
CA VAL B 679 -25.69 -12.34 5.11
C VAL B 679 -26.30 -11.80 6.41
N ASN B 680 -26.10 -12.50 7.51
CA ASN B 680 -26.71 -12.13 8.76
C ASN B 680 -26.03 -10.93 9.43
N LEU B 681 -24.72 -10.78 9.23
CA LEU B 681 -24.01 -9.66 9.79
C LEU B 681 -24.56 -8.34 9.25
N VAL B 682 -24.89 -8.32 7.96
CA VAL B 682 -25.36 -7.07 7.31
C VAL B 682 -26.89 -6.91 7.23
N ASP B 683 -27.61 -7.85 7.83
CA ASP B 683 -29.07 -7.78 7.91
C ASP B 683 -29.46 -6.60 8.81
N MET B 684 -30.03 -5.54 8.23
CA MET B 684 -30.32 -4.30 8.99
C MET B 684 -31.43 -4.47 10.02
N ASN B 685 -32.15 -5.58 9.96
CA ASN B 685 -33.10 -5.91 11.02
C ASN B 685 -32.42 -6.33 12.33
N ILE B 686 -31.09 -6.47 12.33
CA ILE B 686 -30.37 -6.78 13.56
C ILE B 686 -29.64 -5.52 14.05
N ALA B 687 -29.84 -5.19 15.32
CA ALA B 687 -29.18 -4.05 15.94
C ALA B 687 -28.10 -4.58 16.88
N TRP B 688 -26.89 -4.04 16.77
CA TRP B 688 -25.77 -4.54 17.56
C TRP B 688 -25.43 -3.58 18.69
N THR B 689 -25.33 -4.11 19.91
CA THR B 689 -24.98 -3.28 21.08
C THR B 689 -23.94 -3.95 21.97
N ALA B 690 -23.18 -3.13 22.69
CA ALA B 690 -22.16 -3.64 23.60
C ALA B 690 -22.82 -4.41 24.72
N SER B 691 -22.22 -5.53 25.11
CA SER B 691 -22.63 -6.25 26.31
C SER B 691 -21.54 -6.14 27.39
N GLY B 692 -20.33 -6.60 27.10
CA GLY B 692 -19.23 -6.44 28.07
C GLY B 692 -18.73 -5.01 28.25
N ALA B 693 -18.37 -4.64 29.49
CA ALA B 693 -17.67 -3.38 29.77
C ALA B 693 -16.34 -3.25 29.00
N ASP B 694 -15.75 -4.38 28.61
CA ASP B 694 -14.40 -4.39 28.01
C ASP B 694 -14.35 -4.17 26.50
N GLY B 695 -15.51 -3.96 25.87
CA GLY B 695 -15.57 -3.70 24.45
C GLY B 695 -15.49 -4.95 23.57
N GLU B 696 -15.44 -6.13 24.19
CA GLU B 696 -15.13 -7.36 23.45
C GLU B 696 -16.36 -8.17 23.07
N SER B 697 -17.51 -7.91 23.71
CA SER B 697 -18.71 -8.70 23.49
C SER B 697 -19.85 -7.82 23.04
N TRP B 698 -20.62 -8.35 22.09
CA TRP B 698 -21.68 -7.62 21.42
C TRP B 698 -22.88 -8.53 21.28
N VAL B 699 -24.08 -7.94 21.30
CA VAL B 699 -25.32 -8.69 21.13
C VAL B 699 -26.07 -8.12 19.93
N GLY B 700 -26.62 -9.02 19.11
CA GLY B 700 -27.40 -8.68 17.92
C GLY B 700 -28.85 -8.97 18.24
N THR B 701 -29.67 -7.93 18.20
CA THR B 701 -31.07 -7.99 18.59
C THR B 701 -31.94 -7.73 17.37
N ASP B 702 -32.90 -8.62 17.14
CA ASP B 702 -33.90 -8.46 16.08
C ASP B 702 -34.73 -7.23 16.41
N ARG B 703 -34.73 -6.23 15.53
CA ARG B 703 -35.39 -4.96 15.84
C ARG B 703 -36.92 -5.11 15.83
N LYS B 704 -37.44 -6.08 15.09
CA LYS B 704 -38.87 -6.36 15.07
C LYS B 704 -39.30 -7.07 16.34
N SER B 705 -38.84 -8.30 16.53
CA SER B 705 -39.24 -9.11 17.67
C SER B 705 -38.61 -8.69 19.01
N ARG B 706 -37.62 -7.78 18.96
CA ARG B 706 -36.93 -7.30 20.17
C ARG B 706 -36.18 -8.40 20.94
N SER B 707 -35.98 -9.56 20.32
CA SER B 707 -35.31 -10.70 20.95
CA SER B 707 -35.31 -10.70 20.95
C SER B 707 -33.85 -10.78 20.53
N GLU B 708 -33.01 -11.20 21.46
CA GLU B 708 -31.59 -11.40 21.19
C GLU B 708 -31.48 -12.58 20.22
N LYS B 709 -30.79 -12.37 19.10
CA LYS B 709 -30.61 -13.42 18.12
C LYS B 709 -29.17 -13.95 18.10
N TYR B 710 -28.21 -13.05 18.31
CA TYR B 710 -26.79 -13.39 18.14
C TYR B 710 -25.89 -12.79 19.22
N LYS B 711 -24.73 -13.41 19.39
CA LYS B 711 -23.63 -12.90 20.17
C LYS B 711 -22.44 -12.77 19.22
N GLY B 712 -21.71 -11.69 19.34
CA GLY B 712 -20.57 -11.41 18.47
C GLY B 712 -19.37 -10.86 19.22
N SER B 713 -18.20 -11.05 18.62
CA SER B 713 -16.94 -10.53 19.15
C SER B 713 -16.50 -9.36 18.29
N ARG B 714 -15.39 -8.73 18.67
CA ARG B 714 -14.79 -7.69 17.83
C ARG B 714 -14.26 -8.27 16.53
N ALA B 715 -13.79 -9.52 16.54
CA ALA B 715 -13.34 -10.13 15.30
C ALA B 715 -14.49 -10.35 14.33
N ASP B 716 -15.68 -10.63 14.87
CA ASP B 716 -16.85 -10.73 14.04
C ASP B 716 -17.28 -9.37 13.49
N LEU B 717 -17.46 -8.41 14.38
CA LEU B 717 -18.13 -7.17 14.00
C LEU B 717 -17.27 -6.21 13.20
N VAL B 718 -15.95 -6.37 13.25
CA VAL B 718 -15.11 -5.48 12.45
C VAL B 718 -15.45 -5.60 10.96
N PHE B 719 -15.87 -6.78 10.51
CA PHE B 719 -16.19 -7.01 9.10
C PHE B 719 -17.45 -6.27 8.66
N GLY B 720 -18.26 -5.84 9.62
CA GLY B 720 -19.41 -5.01 9.30
C GLY B 720 -19.21 -3.54 9.63
N SER B 721 -18.03 -3.18 10.13
CA SER B 721 -17.74 -1.82 10.56
C SER B 721 -16.70 -1.14 9.66
N HIS B 722 -15.53 -1.74 9.54
CA HIS B 722 -14.47 -1.18 8.70
C HIS B 722 -14.94 -1.10 7.24
N ALA B 723 -14.80 0.05 6.60
CA ALA B 723 -15.44 0.24 5.28
C ALA B 723 -14.87 -0.65 4.18
N GLU B 724 -13.57 -0.94 4.23
CA GLU B 724 -12.97 -1.80 3.23
C GLU B 724 -13.26 -3.28 3.48
N LEU B 725 -13.26 -3.69 4.74
CA LEU B 725 -13.65 -5.06 5.08
C LEU B 725 -15.14 -5.30 4.80
N ARG B 726 -15.97 -4.32 5.16
CA ARG B 726 -17.40 -4.43 4.90
C ARG B 726 -17.70 -4.52 3.42
N ALA B 727 -16.92 -3.83 2.59
CA ALA B 727 -17.08 -3.93 1.13
C ALA B 727 -16.89 -5.36 0.67
N ILE B 728 -15.97 -6.07 1.30
CA ILE B 728 -15.73 -7.46 0.97
C ILE B 728 -16.86 -8.35 1.51
N ALA B 729 -17.26 -8.11 2.76
CA ALA B 729 -18.37 -8.84 3.39
C ALA B 729 -19.62 -8.76 2.51
N GLU B 730 -19.87 -7.58 1.94
CA GLU B 730 -21.00 -7.37 1.03
C GLU B 730 -20.93 -8.30 -0.18
N VAL B 731 -19.75 -8.45 -0.77
CA VAL B 731 -19.58 -9.33 -1.92
C VAL B 731 -20.09 -10.72 -1.58
N TYR B 732 -19.67 -11.24 -0.44
CA TYR B 732 -20.05 -12.60 -0.08
C TYR B 732 -21.52 -12.71 0.37
N ALA B 733 -22.10 -11.59 0.79
CA ALA B 733 -23.51 -11.53 1.20
C ALA B 733 -24.46 -11.35 0.01
N GLU B 734 -23.91 -11.08 -1.17
CA GLU B 734 -24.75 -10.81 -2.34
C GLU B 734 -25.38 -12.06 -2.94
N ASN B 735 -26.64 -11.92 -3.37
CA ASN B 735 -27.30 -13.01 -4.08
C ASN B 735 -26.44 -13.43 -5.27
N GLY B 736 -26.34 -14.74 -5.48
CA GLY B 736 -25.59 -15.27 -6.60
C GLY B 736 -24.12 -15.56 -6.34
N ASN B 737 -23.60 -15.16 -5.18
CA ASN B 737 -22.18 -15.37 -4.89
C ASN B 737 -21.90 -16.48 -3.91
N GLN B 738 -22.86 -17.39 -3.76
CA GLN B 738 -22.66 -18.53 -2.87
C GLN B 738 -21.55 -19.46 -3.36
N GLU B 739 -21.49 -19.71 -4.66
CA GLU B 739 -20.43 -20.57 -5.19
C GLU B 739 -19.08 -19.85 -5.15
N LYS B 740 -19.08 -18.57 -5.49
CA LYS B 740 -17.86 -17.77 -5.38
C LYS B 740 -17.31 -17.80 -3.97
N PHE B 741 -18.19 -17.71 -2.98
CA PHE B 741 -17.76 -17.78 -1.60
C PHE B 741 -17.01 -19.08 -1.34
N VAL B 742 -17.57 -20.20 -1.80
CA VAL B 742 -16.94 -21.48 -1.58
C VAL B 742 -15.58 -21.58 -2.30
N LYS B 743 -15.53 -21.14 -3.55
CA LYS B 743 -14.29 -21.23 -4.32
C LYS B 743 -13.19 -20.40 -3.65
N ASP B 744 -13.55 -19.19 -3.22
CA ASP B 744 -12.59 -18.30 -2.57
C ASP B 744 -12.14 -18.89 -1.22
N PHE B 745 -13.07 -19.44 -0.47
CA PHE B 745 -12.72 -20.05 0.82
C PHE B 745 -11.74 -21.20 0.61
N VAL B 746 -12.04 -22.07 -0.35
CA VAL B 746 -11.20 -23.22 -0.62
C VAL B 746 -9.79 -22.79 -1.06
N ALA B 747 -9.70 -21.74 -1.88
CA ALA B 747 -8.39 -21.22 -2.28
C ALA B 747 -7.60 -20.73 -1.08
N ALA B 748 -8.25 -19.95 -0.23
CA ALA B 748 -7.58 -19.39 0.95
C ALA B 748 -7.18 -20.50 1.92
N TRP B 749 -8.05 -21.49 2.10
CA TRP B 749 -7.79 -22.64 2.99
C TRP B 749 -6.52 -23.36 2.51
N THR B 750 -6.49 -23.68 1.22
CA THR B 750 -5.35 -24.36 0.63
C THR B 750 -4.07 -23.57 0.85
N LYS B 751 -4.12 -22.29 0.58
CA LYS B 751 -2.95 -21.44 0.76
C LYS B 751 -2.45 -21.52 2.20
N VAL B 752 -3.34 -21.38 3.15
CA VAL B 752 -2.95 -21.35 4.58
C VAL B 752 -2.41 -22.72 4.99
N MET B 753 -3.09 -23.79 4.60
CA MET B 753 -2.61 -25.12 4.94
C MET B 753 -1.21 -25.41 4.42
N ASN B 754 -0.83 -24.81 3.28
CA ASN B 754 0.43 -25.14 2.63
C ASN B 754 1.53 -24.13 2.84
N LEU B 755 1.35 -23.18 3.74
CA LEU B 755 2.36 -22.11 3.91
C LEU B 755 3.74 -22.62 4.23
N ASP B 756 3.85 -23.68 5.04
CA ASP B 756 5.16 -24.17 5.43
C ASP B 756 5.71 -25.29 4.53
N ARG B 757 5.08 -25.51 3.38
CA ARG B 757 5.43 -26.68 2.58
C ARG B 757 6.61 -26.42 1.66
N PHE B 758 7.70 -25.95 2.24
CA PHE B 758 8.91 -25.64 1.47
C PHE B 758 9.57 -26.91 0.92
N ASP B 759 9.20 -28.06 1.48
CA ASP B 759 9.65 -29.37 0.99
C ASP B 759 9.13 -29.70 -0.40
N LEU B 760 8.00 -29.11 -0.78
CA LEU B 760 7.41 -29.30 -2.11
C LEU B 760 7.96 -28.34 -3.19
N LYS B 761 8.46 -28.92 -4.28
CA LYS B 761 9.05 -28.15 -5.39
C LYS B 761 8.15 -27.01 -5.90
#